data_6N1Z
#
_entry.id   6N1Z
#
_cell.length_a   127.424
_cell.length_b   223.289
_cell.length_c   131.833
_cell.angle_alpha   90.00
_cell.angle_beta   90.00
_cell.angle_gamma   90.00
#
_symmetry.space_group_name_H-M   'P 21 21 2'
#
loop_
_entity.id
_entity.type
_entity.pdbx_description
1 polymer Importin-9
2 polymer 'Histone H2A'
3 polymer 'Histone H2B 1.1'
4 water water
#
loop_
_entity_poly.entity_id
_entity_poly.type
_entity_poly.pdbx_seq_one_letter_code
_entity_poly.pdbx_strand_id
1 'polypeptide(L)'
;MAAAAAAGAASGLPGPVAQGLKEALVDTLTGILSPVQEVRAAAEEQIKVLEVTEEFGVHLAELTVDPQGALAIRQLASVI
LKQYVETHWCAQSEKFRPPETTERAKIVIRELLPNGLRESISKVRSSVAYAVSAIAHWDWPEAWPQLFNLLMEMLVSGDL
NAVHGAMRVLTEFTREVTDTQMPLVAPVILPEMYKIFTMAEVYGIRTRSRAVEIFTTCAHMICNMEELEKGAAKVLIFPV
VQQFTEAFVQALQIPDGPTSDSGFKMEVLKAVTALVKNFPKHMVSSMQQILPIVWNTLTESAAFYVRTEVNYTEEVEDPV
DSDGEVLGFENLVFSIFEFVHALLENSKFKSTVKKALPELIYYIILYMQITEEQIKVWTANPQQFVEDEDDDTFSYTVRI
AAQDLLLAVATDFQNESAAALAAAATRHLQEAEQTKNSGTEHWWKIHEACMLALGSVKAIITDSVKNGRIHFDMHGFLTN
VILADLNLSVSPFLLGRALWAASRFTVAMSPELIQQFLQATVSGLHETQPPSVRISAVRAIWGYCDQLKVSESTHVLQPF
LPSILDGLIHLAAQFSSEVLNLVMETLCIVCTVDPEFTASMESKICPFTIAIFLKYSNDPVVASLAQDIFKELSQIEACQ
GPMQMRLIPTLVSIMQAPADKIPAGLCATAIDILTTVVRNTKPPLSQLLICQAFPAVAQCTLHTDDNATMQNGGECLRAY
VSVTLEQVAQWHDEQGHNGLWYVMQVVSQLLDPRTSEFTAAFVGRLVSTLISKAGRELGENLDQILRAILSKMQQAETLS
VMQSLIMVFAHLVHTQLEPLLEFLCSLPGPTGKPALEFVMAEWTSRQHLFYGQYEGKVSSVALCKLLQHGINADDKRLQD
IRVKGEEIYSMDEGIRTRSKSAKNPERWTNIPLLVKILKLIINELSNVMEANAARQATPAEWSQDDSNDMWEDQEEEEEE
EEDGLAGQLLSDILATSKYEEDYYEDDEEDDPDALKDPLYQIDLQAYLTDFLCQFAQQPCYIMFSGHLNDNERRVLQTIG
I
;
A,D
2 'polypeptide(L)'
;MSGRGKQGGKTRAKAKTRSSRAGLQFPVGRVHRLLRKGNYAERVGAGAPVYLAAVLEYLTAEILELAGNAARDNKKTRII
PRHLQLAVRNDEELNKLLGRVTIAQGGVLPNIQSVLLPKKTESSKSAKSK
;
B,E
3 'polypeptide(L)'
;MAKSAPAPKKGSKKAVTKTQKKDGKKRRKTRKESYAIYVYKVLKQVHPDTGISSKAMSIMNSFVNDVFERIAGEASRLAH
YNKRSTITSREIQTAVRLLLPGELAKHAVSEGTKAVTKYTSAK
;
C,F
#
# COMPACT_ATOMS: atom_id res chain seq x y z
N GLY A 15 34.71 -56.40 62.90
CA GLY A 15 34.84 -57.83 62.73
C GLY A 15 35.68 -58.22 61.54
N PRO A 16 36.10 -59.48 61.47
CA PRO A 16 36.97 -59.90 60.35
C PRO A 16 36.26 -59.93 59.02
N VAL A 17 34.96 -60.22 58.98
CA VAL A 17 34.25 -60.26 57.71
C VAL A 17 33.97 -58.86 57.20
N ALA A 18 33.81 -57.87 58.09
CA ALA A 18 33.61 -56.49 57.65
C ALA A 18 34.90 -55.91 57.09
N GLN A 19 36.03 -56.18 57.75
CA GLN A 19 37.32 -55.71 57.25
C GLN A 19 37.65 -56.31 55.90
N GLY A 20 37.22 -57.55 55.65
CA GLY A 20 37.44 -58.15 54.34
C GLY A 20 36.44 -57.67 53.30
N LEU A 21 35.21 -57.36 53.72
CA LEU A 21 34.26 -56.77 52.78
C LEU A 21 34.65 -55.36 52.41
N LYS A 22 35.40 -54.67 53.29
CA LYS A 22 35.89 -53.34 52.94
C LYS A 22 37.07 -53.42 51.97
N GLU A 23 37.99 -54.36 52.20
CA GLU A 23 39.06 -54.57 51.23
C GLU A 23 38.49 -54.94 49.87
N ALA A 24 37.36 -55.66 49.85
CA ALA A 24 36.67 -55.94 48.59
C ALA A 24 36.20 -54.65 47.93
N LEU A 25 35.59 -53.77 48.71
CA LEU A 25 35.15 -52.48 48.18
C LEU A 25 36.31 -51.72 47.56
N VAL A 26 37.39 -51.52 48.33
CA VAL A 26 38.56 -50.81 47.82
C VAL A 26 39.02 -51.44 46.52
N ASP A 27 39.07 -52.77 46.45
CA ASP A 27 39.51 -53.44 45.23
C ASP A 27 38.55 -53.16 44.08
N THR A 28 37.25 -53.10 44.38
CA THR A 28 36.28 -52.83 43.32
C THR A 28 36.36 -51.38 42.86
N LEU A 29 36.58 -50.45 43.80
CA LEU A 29 36.69 -49.04 43.43
C LEU A 29 37.91 -48.81 42.55
N THR A 30 39.06 -49.37 42.93
CA THR A 30 40.24 -49.26 42.09
C THR A 30 40.03 -49.94 40.75
N GLY A 31 39.14 -50.94 40.69
CA GLY A 31 38.86 -51.60 39.43
C GLY A 31 37.94 -50.79 38.54
N ILE A 32 37.03 -50.01 39.12
CA ILE A 32 36.19 -49.12 38.35
C ILE A 32 37.00 -47.99 37.73
N LEU A 33 38.16 -47.67 38.31
CA LEU A 33 39.03 -46.62 37.83
C LEU A 33 40.17 -47.13 36.96
N SER A 34 39.93 -48.18 36.19
CA SER A 34 40.97 -48.79 35.38
C SER A 34 40.66 -48.65 33.89
N PRO A 35 41.69 -48.53 33.04
CA PRO A 35 41.42 -48.44 31.60
C PRO A 35 40.97 -49.75 30.98
N VAL A 36 41.47 -50.89 31.48
CA VAL A 36 41.08 -52.17 30.93
C VAL A 36 39.59 -52.38 31.18
N GLN A 37 38.82 -52.49 30.10
CA GLN A 37 37.37 -52.64 30.24
C GLN A 37 37.00 -53.89 31.00
N GLU A 38 37.84 -54.93 30.95
CA GLU A 38 37.54 -56.16 31.68
C GLU A 38 37.45 -55.92 33.17
N VAL A 39 38.39 -55.15 33.73
CA VAL A 39 38.38 -54.90 35.15
C VAL A 39 37.19 -54.02 35.53
N ARG A 40 36.78 -53.12 34.63
CA ARG A 40 35.63 -52.26 34.91
C ARG A 40 34.31 -53.02 34.77
N ALA A 41 34.20 -53.90 33.78
CA ALA A 41 32.99 -54.69 33.63
C ALA A 41 32.81 -55.67 34.79
N ALA A 42 33.92 -56.26 35.25
CA ALA A 42 33.86 -57.10 36.43
C ALA A 42 33.56 -56.28 37.68
N ALA A 43 34.34 -55.22 37.91
CA ALA A 43 34.10 -54.35 39.05
C ALA A 43 32.66 -53.82 39.05
N GLU A 44 32.06 -53.70 37.86
CA GLU A 44 30.66 -53.29 37.80
C GLU A 44 29.75 -54.37 38.38
N GLU A 45 29.94 -55.62 37.95
CA GLU A 45 29.14 -56.71 38.50
C GLU A 45 29.44 -56.94 39.98
N GLN A 46 30.67 -56.68 40.41
CA GLN A 46 31.02 -56.85 41.82
C GLN A 46 30.20 -55.90 42.69
N ILE A 47 30.30 -54.59 42.41
CA ILE A 47 29.65 -53.60 43.25
C ILE A 47 28.14 -53.75 43.23
N LYS A 48 27.58 -54.38 42.18
CA LYS A 48 26.17 -54.69 42.18
C LYS A 48 25.80 -55.58 43.36
N VAL A 49 26.75 -56.33 43.90
CA VAL A 49 26.51 -57.17 45.07
C VAL A 49 26.92 -56.47 46.36
N LEU A 50 28.06 -55.77 46.35
CA LEU A 50 28.45 -55.01 47.53
C LEU A 50 27.38 -54.00 47.93
N GLU A 51 26.59 -53.52 46.96
CA GLU A 51 25.56 -52.54 47.27
C GLU A 51 24.57 -53.06 48.30
N VAL A 52 24.37 -54.38 48.36
CA VAL A 52 23.41 -54.97 49.29
C VAL A 52 24.05 -55.32 50.63
N THR A 53 25.35 -55.07 50.78
CA THR A 53 25.99 -55.28 52.07
C THR A 53 25.45 -54.28 53.09
N GLU A 54 25.43 -54.69 54.36
CA GLU A 54 24.92 -53.81 55.40
C GLU A 54 25.81 -52.58 55.56
N GLU A 55 27.12 -52.78 55.61
CA GLU A 55 28.07 -51.70 55.84
C GLU A 55 28.66 -51.15 54.54
N PHE A 56 27.97 -51.35 53.42
CA PHE A 56 28.42 -50.75 52.16
C PHE A 56 28.58 -49.25 52.29
N GLY A 57 27.52 -48.57 52.75
CA GLY A 57 27.59 -47.13 52.92
C GLY A 57 28.56 -46.71 53.99
N VAL A 58 28.71 -47.52 55.04
CA VAL A 58 29.66 -47.20 56.11
C VAL A 58 31.07 -47.15 55.53
N HIS A 59 31.44 -48.17 54.75
CA HIS A 59 32.78 -48.20 54.16
C HIS A 59 32.97 -47.05 53.18
N LEU A 60 31.96 -46.76 52.36
CA LEU A 60 32.01 -45.61 51.47
C LEU A 60 32.23 -44.33 52.27
N ALA A 61 31.48 -44.18 53.37
CA ALA A 61 31.62 -43.00 54.21
C ALA A 61 33.05 -42.88 54.73
N GLU A 62 33.64 -43.99 55.17
CA GLU A 62 35.01 -43.96 55.66
C GLU A 62 35.99 -43.58 54.55
N LEU A 63 35.82 -44.19 53.38
CA LEU A 63 36.74 -43.92 52.28
C LEU A 63 36.69 -42.46 51.84
N THR A 64 35.51 -41.83 51.96
CA THR A 64 35.37 -40.46 51.51
C THR A 64 35.87 -39.46 52.53
N VAL A 65 35.65 -39.72 53.81
CA VAL A 65 35.93 -38.71 54.84
C VAL A 65 37.41 -38.67 55.19
N ASP A 66 38.06 -39.83 55.32
CA ASP A 66 39.43 -39.88 55.80
C ASP A 66 40.33 -39.05 54.89
N PRO A 67 41.10 -38.10 55.45
CA PRO A 67 41.79 -37.12 54.61
C PRO A 67 43.08 -37.60 53.95
N GLN A 68 43.52 -38.83 54.22
CA GLN A 68 44.79 -39.32 53.69
C GLN A 68 44.65 -40.23 52.48
N GLY A 69 43.44 -40.61 52.11
CA GLY A 69 43.25 -41.53 51.00
C GLY A 69 43.55 -40.88 49.66
N ALA A 70 43.55 -41.73 48.63
CA ALA A 70 43.81 -41.26 47.27
C ALA A 70 42.59 -40.51 46.74
N LEU A 71 42.84 -39.35 46.12
CA LEU A 71 41.74 -38.52 45.65
C LEU A 71 40.86 -39.27 44.66
N ALA A 72 41.45 -40.13 43.83
CA ALA A 72 40.66 -40.86 42.85
C ALA A 72 39.69 -41.83 43.53
N ILE A 73 40.04 -42.32 44.71
CA ILE A 73 39.16 -43.20 45.46
C ILE A 73 38.10 -42.39 46.18
N ARG A 74 38.54 -41.35 46.88
CA ARG A 74 37.64 -40.48 47.64
C ARG A 74 36.57 -39.89 46.73
N GLN A 75 36.99 -39.36 45.59
CA GLN A 75 36.02 -38.85 44.63
C GLN A 75 35.01 -39.92 44.28
N LEU A 76 35.47 -41.15 44.03
CA LEU A 76 34.53 -42.19 43.62
C LEU A 76 33.63 -42.63 44.77
N ALA A 77 34.20 -42.85 45.94
CA ALA A 77 33.38 -43.27 47.07
C ALA A 77 32.32 -42.23 47.38
N SER A 78 32.69 -40.95 47.28
CA SER A 78 31.74 -39.89 47.57
C SER A 78 30.61 -39.87 46.55
N VAL A 79 30.93 -40.10 45.28
CA VAL A 79 29.88 -40.09 44.25
C VAL A 79 28.90 -41.23 44.49
N ILE A 80 29.42 -42.40 44.85
CA ILE A 80 28.56 -43.55 45.11
C ILE A 80 27.92 -43.44 46.48
N LEU A 81 28.60 -42.80 47.43
CA LEU A 81 28.01 -42.56 48.74
C LEU A 81 26.75 -41.70 48.61
N LYS A 82 26.84 -40.62 47.83
CA LYS A 82 25.67 -39.77 47.64
C LYS A 82 24.51 -40.58 47.07
N GLN A 83 24.78 -41.37 46.03
CA GLN A 83 23.72 -42.13 45.39
C GLN A 83 23.20 -43.24 46.30
N TYR A 84 24.06 -43.79 47.17
CA TYR A 84 23.60 -44.83 48.09
C TYR A 84 22.62 -44.24 49.10
N VAL A 85 22.98 -43.13 49.72
CA VAL A 85 22.10 -42.50 50.71
C VAL A 85 20.80 -42.06 50.04
N GLU A 86 20.86 -41.57 48.81
CA GLU A 86 19.66 -41.15 48.12
C GLU A 86 18.68 -42.29 47.91
N THR A 87 19.19 -43.51 47.77
CA THR A 87 18.35 -44.63 47.36
C THR A 87 18.11 -45.70 48.42
N HIS A 88 18.88 -45.70 49.51
CA HIS A 88 18.79 -46.75 50.50
C HIS A 88 18.43 -46.27 51.91
N TRP A 89 18.45 -44.96 52.17
CA TRP A 89 18.35 -44.50 53.55
C TRP A 89 16.93 -44.63 54.10
N CYS A 90 15.91 -44.46 53.27
CA CYS A 90 14.51 -44.57 53.72
C CYS A 90 13.77 -45.56 52.85
N ALA A 91 13.07 -46.50 53.49
CA ALA A 91 12.31 -47.50 52.75
C ALA A 91 11.08 -46.89 52.07
N GLN A 92 10.57 -45.78 52.59
CA GLN A 92 9.41 -45.12 52.02
C GLN A 92 9.78 -44.12 50.92
N SER A 93 11.07 -43.98 50.63
CA SER A 93 11.51 -43.10 49.55
C SER A 93 10.93 -43.56 48.21
N GLU A 94 10.85 -42.62 47.27
CA GLU A 94 10.32 -42.94 45.95
C GLU A 94 11.25 -43.86 45.18
N LYS A 95 12.49 -43.42 44.97
CA LYS A 95 13.49 -44.22 44.26
C LYS A 95 14.22 -45.16 45.20
N PHE A 96 13.48 -45.80 46.09
CA PHE A 96 14.09 -46.66 47.10
C PHE A 96 14.61 -47.94 46.46
N ARG A 97 15.80 -48.35 46.90
CA ARG A 97 16.44 -49.58 46.43
C ARG A 97 16.85 -50.36 47.67
N PRO A 98 16.37 -51.57 47.87
CA PRO A 98 16.72 -52.32 49.08
C PRO A 98 18.18 -52.76 49.04
N PRO A 99 18.78 -53.06 50.20
CA PRO A 99 18.19 -53.01 51.54
C PRO A 99 18.23 -51.63 52.16
N GLU A 100 17.32 -51.36 53.09
CA GLU A 100 17.34 -50.09 53.80
C GLU A 100 18.53 -50.05 54.75
N THR A 101 19.23 -48.92 54.77
CA THR A 101 20.34 -48.75 55.70
C THR A 101 19.87 -49.07 57.12
N THR A 102 20.61 -49.95 57.79
CA THR A 102 20.23 -50.39 59.12
C THR A 102 20.52 -49.31 60.16
N GLU A 103 19.81 -49.39 61.28
CA GLU A 103 20.05 -48.44 62.37
C GLU A 103 21.51 -48.46 62.79
N ARG A 104 22.12 -49.64 62.83
CA ARG A 104 23.55 -49.75 63.14
C ARG A 104 24.38 -48.92 62.18
N ALA A 105 24.11 -49.06 60.87
CA ALA A 105 24.90 -48.36 59.87
C ALA A 105 24.65 -46.86 59.92
N LYS A 106 23.39 -46.44 60.08
CA LYS A 106 23.08 -45.02 60.11
C LYS A 106 23.82 -44.32 61.25
N ILE A 107 23.82 -44.91 62.44
CA ILE A 107 24.53 -44.32 63.56
C ILE A 107 25.99 -44.06 63.19
N VAL A 108 26.64 -45.06 62.58
CA VAL A 108 28.04 -44.92 62.21
C VAL A 108 28.21 -43.81 61.18
N ILE A 109 27.43 -43.86 60.10
CA ILE A 109 27.55 -42.87 59.04
C ILE A 109 27.25 -41.48 59.57
N ARG A 110 26.28 -41.37 60.48
CA ARG A 110 25.97 -40.06 61.05
C ARG A 110 27.11 -39.55 61.92
N GLU A 111 27.78 -40.45 62.66
CA GLU A 111 28.94 -40.08 63.46
C GLU A 111 30.16 -39.79 62.60
N LEU A 112 30.13 -40.17 61.32
CA LEU A 112 31.29 -40.16 60.44
C LEU A 112 31.34 -38.95 59.52
N LEU A 113 30.27 -38.68 58.79
CA LEU A 113 30.30 -37.67 57.74
C LEU A 113 30.62 -36.27 58.25
N PRO A 114 30.06 -35.79 59.36
CA PRO A 114 30.27 -34.38 59.74
C PRO A 114 31.71 -33.91 59.67
N ASN A 115 32.68 -34.71 60.12
CA ASN A 115 34.08 -34.31 60.04
C ASN A 115 34.56 -34.14 58.61
N GLY A 116 33.90 -34.77 57.64
CA GLY A 116 34.25 -34.60 56.24
C GLY A 116 33.87 -33.26 55.65
N LEU A 117 33.01 -32.49 56.35
CA LEU A 117 32.69 -31.15 55.91
C LEU A 117 33.85 -30.18 56.09
N ARG A 118 34.88 -30.58 56.84
CA ARG A 118 36.08 -29.77 57.01
C ARG A 118 37.13 -30.06 55.96
N GLU A 119 36.82 -30.90 54.98
CA GLU A 119 37.81 -31.34 54.00
C GLU A 119 38.34 -30.16 53.19
N SER A 120 39.64 -30.21 52.89
CA SER A 120 40.27 -29.15 52.10
C SER A 120 39.81 -29.19 50.66
N ILE A 121 39.72 -30.39 50.08
CA ILE A 121 39.29 -30.51 48.69
C ILE A 121 37.81 -30.16 48.58
N SER A 122 37.47 -29.34 47.59
CA SER A 122 36.11 -28.86 47.46
C SER A 122 35.16 -29.95 46.99
N LYS A 123 35.55 -30.69 45.96
CA LYS A 123 34.65 -31.69 45.38
C LYS A 123 34.25 -32.72 46.43
N VAL A 124 35.16 -33.07 47.34
CA VAL A 124 34.83 -34.03 48.38
C VAL A 124 33.96 -33.39 49.45
N ARG A 125 34.30 -32.17 49.87
CA ARG A 125 33.50 -31.48 50.88
C ARG A 125 32.07 -31.30 50.41
N SER A 126 31.88 -30.97 49.11
CA SER A 126 30.54 -30.77 48.60
C SER A 126 29.74 -32.07 48.59
N SER A 127 30.37 -33.18 48.19
CA SER A 127 29.67 -34.46 48.19
C SER A 127 29.28 -34.86 49.61
N VAL A 128 30.19 -34.71 50.56
CA VAL A 128 29.86 -34.98 51.95
C VAL A 128 28.66 -34.15 52.38
N ALA A 129 28.62 -32.89 51.93
CA ALA A 129 27.53 -32.00 52.31
C ALA A 129 26.22 -32.43 51.65
N TYR A 130 26.26 -32.82 50.38
CA TYR A 130 25.05 -33.31 49.71
C TYR A 130 24.50 -34.52 50.43
N ALA A 131 25.38 -35.43 50.86
CA ALA A 131 24.94 -36.63 51.56
C ALA A 131 24.36 -36.29 52.92
N VAL A 132 24.95 -35.31 53.62
CA VAL A 132 24.42 -34.91 54.91
C VAL A 132 23.02 -34.31 54.75
N SER A 133 22.80 -33.55 53.68
CA SER A 133 21.48 -32.97 53.46
C SER A 133 20.45 -34.04 53.12
N ALA A 134 20.84 -35.04 52.33
CA ALA A 134 19.92 -36.15 52.05
C ALA A 134 19.48 -36.84 53.33
N ILE A 135 20.41 -37.03 54.27
CA ILE A 135 20.09 -37.69 55.53
C ILE A 135 19.15 -36.83 56.36
N ALA A 136 19.46 -35.53 56.48
CA ALA A 136 18.63 -34.65 57.30
C ALA A 136 17.20 -34.60 56.80
N HIS A 137 16.99 -34.74 55.49
CA HIS A 137 15.65 -34.76 54.94
C HIS A 137 14.80 -35.84 55.59
N TRP A 138 15.41 -36.99 55.91
CA TRP A 138 14.68 -38.11 56.49
C TRP A 138 14.82 -38.23 57.99
N ASP A 139 15.95 -37.80 58.56
CA ASP A 139 16.27 -38.10 59.95
C ASP A 139 16.09 -36.92 60.90
N TRP A 140 15.95 -35.70 60.39
CA TRP A 140 15.85 -34.60 61.35
C TRP A 140 14.37 -34.28 61.64
N PRO A 141 13.99 -34.05 62.91
CA PRO A 141 14.79 -34.01 64.13
C PRO A 141 14.79 -35.30 64.95
N GLU A 142 14.04 -36.31 64.51
CA GLU A 142 13.81 -37.47 65.37
C GLU A 142 15.05 -38.35 65.47
N ALA A 143 15.68 -38.66 64.34
CA ALA A 143 16.79 -39.61 64.32
C ALA A 143 18.16 -38.95 64.40
N TRP A 144 18.24 -37.63 64.26
CA TRP A 144 19.51 -36.90 64.31
C TRP A 144 19.29 -35.61 65.06
N PRO A 145 19.01 -35.68 66.37
CA PRO A 145 18.63 -34.47 67.10
C PRO A 145 19.77 -33.47 67.25
N GLN A 146 21.02 -33.89 67.13
CA GLN A 146 22.17 -33.02 67.37
C GLN A 146 22.71 -32.39 66.09
N LEU A 147 22.03 -32.52 64.96
CA LEU A 147 22.58 -32.02 63.71
C LEU A 147 22.75 -30.51 63.72
N PHE A 148 21.74 -29.78 64.25
CA PHE A 148 21.81 -28.32 64.24
C PHE A 148 22.96 -27.82 65.10
N ASN A 149 22.96 -28.19 66.38
CA ASN A 149 24.06 -27.79 67.26
C ASN A 149 25.40 -28.22 66.69
N LEU A 150 25.41 -29.30 65.90
CA LEU A 150 26.65 -29.78 65.31
C LEU A 150 27.13 -28.87 64.18
N LEU A 151 26.21 -28.37 63.36
CA LEU A 151 26.59 -27.50 62.26
C LEU A 151 26.98 -26.11 62.75
N MET A 152 26.26 -25.58 63.75
CA MET A 152 26.61 -24.28 64.29
C MET A 152 28.06 -24.27 64.78
N GLU A 153 28.49 -25.35 65.44
CA GLU A 153 29.88 -25.44 65.89
C GLU A 153 30.84 -25.22 64.73
N MET A 154 30.54 -25.80 63.57
CA MET A 154 31.45 -25.72 62.44
C MET A 154 31.56 -24.29 61.93
N LEU A 155 30.48 -23.52 62.00
CA LEU A 155 30.52 -22.13 61.54
C LEU A 155 31.52 -21.33 62.37
N VAL A 156 31.42 -21.42 63.69
CA VAL A 156 32.23 -20.59 64.58
C VAL A 156 33.59 -21.21 64.88
N SER A 157 33.93 -22.34 64.26
CA SER A 157 35.19 -22.99 64.55
C SER A 157 36.37 -22.11 64.17
N GLY A 158 36.28 -21.43 63.03
CA GLY A 158 37.37 -20.66 62.48
C GLY A 158 38.04 -21.32 61.30
N ASP A 159 37.72 -22.58 61.04
CA ASP A 159 38.21 -23.28 59.84
C ASP A 159 37.30 -22.87 58.68
N LEU A 160 37.84 -22.14 57.72
CA LEU A 160 37.02 -21.66 56.61
C LEU A 160 36.49 -22.81 55.76
N ASN A 161 37.11 -23.99 55.83
CA ASN A 161 36.52 -25.15 55.16
C ASN A 161 35.31 -25.68 55.92
N ALA A 162 35.27 -25.49 57.25
CA ALA A 162 34.13 -25.93 58.02
C ALA A 162 32.89 -25.09 57.70
N VAL A 163 33.07 -23.77 57.57
CA VAL A 163 31.93 -22.91 57.29
C VAL A 163 31.41 -23.14 55.88
N HIS A 164 32.31 -23.34 54.91
CA HIS A 164 31.87 -23.64 53.56
C HIS A 164 31.04 -24.92 53.52
N GLY A 165 31.47 -25.94 54.25
CA GLY A 165 30.71 -27.17 54.28
C GLY A 165 29.43 -27.05 55.08
N ALA A 166 29.49 -26.40 56.24
CA ALA A 166 28.31 -26.26 57.08
C ALA A 166 27.28 -25.34 56.41
N MET A 167 27.75 -24.26 55.77
CA MET A 167 26.82 -23.37 55.08
C MET A 167 26.16 -24.05 53.90
N ARG A 168 26.89 -24.94 53.21
CA ARG A 168 26.31 -25.66 52.09
C ARG A 168 25.26 -26.66 52.57
N VAL A 169 25.38 -27.12 53.82
CA VAL A 169 24.34 -27.99 54.39
C VAL A 169 23.20 -27.16 54.97
N LEU A 170 23.54 -26.03 55.62
CA LEU A 170 22.53 -25.23 56.29
C LEU A 170 21.53 -24.62 55.31
N THR A 171 21.91 -24.46 54.05
CA THR A 171 20.95 -24.00 53.04
C THR A 171 19.77 -24.94 52.94
N GLU A 172 20.05 -26.25 52.88
CA GLU A 172 18.99 -27.25 52.79
C GLU A 172 18.37 -27.53 54.16
N PHE A 173 19.20 -27.56 55.21
CA PHE A 173 18.70 -27.91 56.54
C PHE A 173 17.62 -26.94 56.98
N THR A 174 17.86 -25.64 56.81
CA THR A 174 16.89 -24.65 57.28
C THR A 174 15.57 -24.74 56.52
N ARG A 175 15.60 -25.23 55.28
CA ARG A 175 14.37 -25.52 54.57
C ARG A 175 13.65 -26.74 55.11
N GLU A 176 14.27 -27.51 55.99
CA GLU A 176 13.64 -28.65 56.63
C GLU A 176 13.06 -28.29 58.00
N VAL A 177 13.32 -27.08 58.50
CA VAL A 177 12.88 -26.69 59.83
C VAL A 177 11.45 -26.19 59.75
N THR A 178 10.62 -26.64 60.70
CA THR A 178 9.21 -26.28 60.75
C THR A 178 8.95 -25.35 61.92
N ASP A 179 7.67 -24.94 62.04
CA ASP A 179 7.28 -24.04 63.11
C ASP A 179 7.59 -24.60 64.49
N THR A 180 7.60 -25.93 64.62
CA THR A 180 7.85 -26.53 65.93
C THR A 180 9.28 -26.27 66.39
N GLN A 181 10.23 -26.30 65.46
CA GLN A 181 11.65 -26.19 65.79
C GLN A 181 12.23 -24.81 65.51
N MET A 182 11.52 -23.96 64.78
CA MET A 182 12.07 -22.65 64.43
C MET A 182 12.37 -21.78 65.63
N PRO A 183 11.58 -21.79 66.71
CA PRO A 183 11.96 -20.99 67.89
C PRO A 183 13.33 -21.34 68.45
N LEU A 184 13.85 -22.53 68.14
CA LEU A 184 15.15 -22.95 68.64
C LEU A 184 16.27 -22.79 67.62
N VAL A 185 15.92 -22.54 66.35
CA VAL A 185 16.92 -22.40 65.28
C VAL A 185 17.10 -20.94 64.88
N ALA A 186 15.99 -20.22 64.71
CA ALA A 186 16.09 -18.84 64.24
C ALA A 186 16.91 -17.96 65.16
N PRO A 187 16.64 -17.88 66.47
CA PRO A 187 17.46 -16.99 67.32
C PRO A 187 18.94 -17.32 67.25
N VAL A 188 19.30 -18.57 67.01
CA VAL A 188 20.69 -18.98 67.03
C VAL A 188 21.38 -18.72 65.70
N ILE A 189 20.73 -19.08 64.60
CA ILE A 189 21.43 -19.10 63.32
C ILE A 189 21.47 -17.72 62.68
N LEU A 190 20.37 -16.96 62.74
CA LEU A 190 20.34 -15.65 62.11
C LEU A 190 21.48 -14.75 62.57
N PRO A 191 21.77 -14.63 63.87
CA PRO A 191 22.93 -13.81 64.27
C PRO A 191 24.23 -14.22 63.59
N GLU A 192 24.44 -15.52 63.38
CA GLU A 192 25.67 -15.96 62.71
C GLU A 192 25.61 -15.71 61.22
N MET A 193 24.43 -15.76 60.61
CA MET A 193 24.29 -15.39 59.21
C MET A 193 24.62 -13.91 59.00
N TYR A 194 24.31 -13.07 59.99
CA TYR A 194 24.65 -11.65 59.90
C TYR A 194 26.15 -11.43 59.94
N LYS A 195 26.86 -12.13 60.85
CA LYS A 195 28.31 -12.04 60.87
C LYS A 195 28.90 -12.40 59.51
N ILE A 196 28.54 -13.57 58.99
CA ILE A 196 29.09 -14.04 57.73
C ILE A 196 28.74 -13.09 56.60
N PHE A 197 27.52 -12.55 56.61
CA PHE A 197 27.07 -11.70 55.52
C PHE A 197 27.85 -10.38 55.47
N THR A 198 28.17 -9.82 56.63
CA THR A 198 28.81 -8.51 56.69
C THR A 198 30.34 -8.57 56.65
N MET A 199 30.94 -9.75 56.76
CA MET A 199 32.40 -9.86 56.78
C MET A 199 32.89 -10.21 55.38
N ALA A 200 32.72 -9.23 54.49
CA ALA A 200 33.02 -9.41 53.08
C ALA A 200 34.50 -9.64 52.81
N GLU A 201 35.36 -9.25 53.76
CA GLU A 201 36.80 -9.40 53.59
C GLU A 201 37.28 -10.80 53.97
N VAL A 202 36.43 -11.61 54.58
CA VAL A 202 36.81 -12.94 55.05
C VAL A 202 36.18 -14.03 54.19
N TYR A 203 34.86 -13.96 53.99
CA TYR A 203 34.09 -15.00 53.32
C TYR A 203 33.80 -14.60 51.88
N GLY A 204 33.72 -15.61 51.01
CA GLY A 204 33.50 -15.38 49.60
C GLY A 204 32.06 -15.03 49.27
N ILE A 205 31.86 -14.60 48.03
CA ILE A 205 30.53 -14.14 47.59
C ILE A 205 29.51 -15.25 47.76
N ARG A 206 29.81 -16.45 47.24
CA ARG A 206 28.85 -17.53 47.27
C ARG A 206 28.45 -17.88 48.70
N THR A 207 29.40 -17.81 49.63
CA THR A 207 29.09 -18.13 51.02
C THR A 207 28.19 -17.08 51.66
N ARG A 208 28.49 -15.80 51.43
CA ARG A 208 27.61 -14.74 51.94
C ARG A 208 26.24 -14.84 51.30
N SER A 209 26.18 -15.23 50.02
CA SER A 209 24.89 -15.42 49.36
C SER A 209 24.07 -16.49 50.06
N ARG A 210 24.71 -17.61 50.42
CA ARG A 210 23.99 -18.66 51.14
C ARG A 210 23.46 -18.14 52.47
N ALA A 211 24.14 -17.19 53.09
CA ALA A 211 23.65 -16.60 54.33
C ALA A 211 22.33 -15.86 54.09
N VAL A 212 22.21 -15.18 52.95
CA VAL A 212 20.97 -14.49 52.63
C VAL A 212 19.85 -15.50 52.38
N GLU A 213 20.16 -16.60 51.68
CA GLU A 213 19.19 -17.67 51.49
C GLU A 213 18.60 -18.11 52.83
N ILE A 214 19.48 -18.38 53.80
CA ILE A 214 19.03 -18.88 55.09
C ILE A 214 18.19 -17.84 55.81
N PHE A 215 18.57 -16.57 55.72
CA PHE A 215 17.72 -15.51 56.26
C PHE A 215 16.33 -15.55 55.64
N THR A 216 16.28 -15.56 54.30
CA THR A 216 14.99 -15.52 53.62
C THR A 216 14.16 -16.77 53.95
N THR A 217 14.81 -17.92 54.10
CA THR A 217 14.06 -19.13 54.44
C THR A 217 13.45 -19.01 55.83
N CYS A 218 14.24 -18.57 56.81
CA CYS A 218 13.71 -18.40 58.17
C CYS A 218 12.58 -17.39 58.19
N ALA A 219 12.70 -16.31 57.41
CA ALA A 219 11.67 -15.28 57.42
C ALA A 219 10.34 -15.81 56.90
N HIS A 220 10.38 -16.61 55.83
CA HIS A 220 9.13 -17.19 55.32
C HIS A 220 8.43 -18.02 56.38
N MET A 221 9.18 -18.86 57.09
CA MET A 221 8.59 -19.69 58.13
C MET A 221 8.06 -18.84 59.28
N ILE A 222 8.83 -17.85 59.71
CA ILE A 222 8.37 -16.97 60.78
C ILE A 222 7.10 -16.24 60.36
N CYS A 223 6.97 -15.93 59.07
CA CYS A 223 5.79 -15.23 58.59
C CYS A 223 4.54 -16.10 58.79
N ASN A 224 4.63 -17.38 58.41
CA ASN A 224 3.51 -18.29 58.64
C ASN A 224 3.10 -18.31 60.11
N MET A 225 4.09 -18.39 61.00
CA MET A 225 3.78 -18.48 62.42
C MET A 225 3.20 -17.17 62.95
N GLU A 226 3.75 -16.04 62.50
CA GLU A 226 3.33 -14.74 63.02
C GLU A 226 1.86 -14.46 62.68
N GLU A 227 1.49 -14.66 61.41
CA GLU A 227 0.13 -14.35 60.98
C GLU A 227 -0.88 -15.40 61.41
N LEU A 228 -0.45 -16.48 62.04
CA LEU A 228 -1.38 -17.37 62.74
C LEU A 228 -1.57 -16.90 64.19
N GLU A 229 -0.48 -16.66 64.91
CA GLU A 229 -0.53 -16.27 66.31
C GLU A 229 0.48 -15.15 66.50
N LYS A 230 -0.01 -13.92 66.68
CA LYS A 230 0.90 -12.79 66.83
C LYS A 230 1.74 -12.98 68.09
N GLY A 231 2.98 -12.50 68.02
CA GLY A 231 3.95 -12.71 69.07
C GLY A 231 5.07 -13.67 68.71
N ALA A 232 5.20 -14.03 67.42
CA ALA A 232 6.27 -14.88 66.95
C ALA A 232 7.33 -14.13 66.16
N ALA A 233 6.97 -12.98 65.56
CA ALA A 233 7.92 -12.18 64.79
C ALA A 233 8.58 -11.08 65.61
N LYS A 234 7.97 -10.67 66.72
CA LYS A 234 8.65 -9.74 67.63
C LYS A 234 9.83 -10.42 68.33
N VAL A 235 9.72 -11.73 68.58
CA VAL A 235 10.64 -12.43 69.46
C VAL A 235 11.70 -13.22 68.72
N LEU A 236 11.60 -13.31 67.39
CA LEU A 236 12.50 -14.17 66.63
C LEU A 236 13.29 -13.45 65.54
N ILE A 237 12.76 -12.37 64.95
CA ILE A 237 13.45 -11.79 63.80
C ILE A 237 13.32 -10.26 63.71
N PHE A 238 12.28 -9.68 64.31
CA PHE A 238 12.03 -8.27 64.08
C PHE A 238 13.20 -7.38 64.49
N PRO A 239 13.80 -7.53 65.67
CA PRO A 239 15.01 -6.73 65.97
C PRO A 239 16.15 -6.94 65.00
N VAL A 240 16.31 -8.14 64.43
CA VAL A 240 17.39 -8.36 63.48
C VAL A 240 17.00 -8.02 62.04
N VAL A 241 15.70 -7.84 61.76
CA VAL A 241 15.30 -7.33 60.45
C VAL A 241 15.94 -5.97 60.22
N GLN A 242 15.95 -5.11 61.24
CA GLN A 242 16.56 -3.79 61.10
C GLN A 242 18.02 -3.92 60.70
N GLN A 243 18.77 -4.76 61.40
CA GLN A 243 20.19 -4.89 61.11
C GLN A 243 20.41 -5.51 59.73
N PHE A 244 19.57 -6.46 59.34
CA PHE A 244 19.73 -7.11 58.05
C PHE A 244 19.36 -6.18 56.90
N THR A 245 18.19 -5.54 56.99
CA THR A 245 17.78 -4.61 55.95
C THR A 245 18.85 -3.55 55.72
N GLU A 246 19.39 -2.99 56.81
CA GLU A 246 20.47 -2.03 56.69
C GLU A 246 21.66 -2.64 55.97
N ALA A 247 22.00 -3.89 56.30
CA ALA A 247 23.11 -4.56 55.63
C ALA A 247 22.77 -4.87 54.18
N PHE A 248 21.51 -5.20 53.90
CA PHE A 248 21.11 -5.49 52.53
C PHE A 248 21.22 -4.26 51.64
N VAL A 249 20.79 -3.10 52.13
CA VAL A 249 20.81 -1.90 51.30
C VAL A 249 22.25 -1.43 51.09
N GLN A 250 23.10 -1.58 52.11
CA GLN A 250 24.51 -1.28 51.92
C GLN A 250 25.11 -2.15 50.82
N ALA A 251 24.76 -3.43 50.80
CA ALA A 251 25.36 -4.35 49.85
C ALA A 251 24.81 -4.15 48.43
N LEU A 252 23.58 -3.64 48.30
CA LEU A 252 23.00 -3.43 46.99
C LEU A 252 23.72 -2.34 46.21
N GLN A 253 24.50 -1.50 46.89
CA GLN A 253 25.24 -0.42 46.25
C GLN A 253 26.66 -0.80 45.88
N ILE A 254 27.03 -2.07 46.03
CA ILE A 254 28.40 -2.51 45.78
C ILE A 254 28.55 -2.81 44.30
N PRO A 255 29.39 -2.07 43.57
CA PRO A 255 29.61 -2.41 42.16
C PRO A 255 30.28 -3.77 42.05
N ASP A 256 29.94 -4.48 40.96
CA ASP A 256 30.50 -5.80 40.70
C ASP A 256 32.00 -5.82 40.90
N GLY A 257 32.48 -6.79 41.68
CA GLY A 257 33.89 -6.91 41.97
C GLY A 257 34.20 -8.08 42.88
N PRO A 258 35.29 -7.97 43.64
CA PRO A 258 35.68 -9.07 44.54
C PRO A 258 34.68 -9.37 45.64
N THR A 259 33.78 -8.43 45.97
CA THR A 259 32.85 -8.60 47.08
C THR A 259 31.40 -8.69 46.65
N SER A 260 31.12 -8.68 45.35
CA SER A 260 29.74 -8.69 44.90
C SER A 260 29.68 -9.06 43.42
N ASP A 261 28.61 -9.78 43.06
CA ASP A 261 28.31 -10.04 41.66
C ASP A 261 26.79 -10.12 41.53
N SER A 262 26.32 -10.27 40.28
CA SER A 262 24.89 -10.18 40.00
C SER A 262 24.10 -11.19 40.81
N GLY A 263 24.54 -12.46 40.82
CA GLY A 263 23.80 -13.47 41.55
C GLY A 263 23.67 -13.12 43.02
N PHE A 264 24.73 -12.58 43.61
CA PHE A 264 24.67 -12.17 45.02
C PHE A 264 23.72 -11.01 45.21
N LYS A 265 23.82 -9.99 44.35
CA LYS A 265 22.90 -8.85 44.44
C LYS A 265 21.46 -9.30 44.29
N MET A 266 21.21 -10.28 43.40
CA MET A 266 19.85 -10.80 43.23
C MET A 266 19.32 -11.38 44.54
N GLU A 267 20.14 -12.18 45.23
CA GLU A 267 19.69 -12.78 46.48
C GLU A 267 19.35 -11.72 47.52
N VAL A 268 20.19 -10.69 47.64
CA VAL A 268 19.87 -9.59 48.55
C VAL A 268 18.52 -9.00 48.20
N LEU A 269 18.30 -8.69 46.91
CA LEU A 269 17.07 -8.04 46.49
C LEU A 269 15.86 -8.93 46.76
N LYS A 270 16.00 -10.24 46.53
CA LYS A 270 14.89 -11.14 46.82
C LYS A 270 14.58 -11.19 48.31
N ALA A 271 15.62 -11.09 49.15
CA ALA A 271 15.41 -11.05 50.59
C ALA A 271 14.65 -9.79 50.98
N VAL A 272 15.07 -8.65 50.44
CA VAL A 272 14.35 -7.40 50.69
C VAL A 272 12.91 -7.51 50.21
N THR A 273 12.72 -8.08 49.01
CA THR A 273 11.36 -8.23 48.48
C THR A 273 10.53 -9.14 49.37
N ALA A 274 11.13 -10.21 49.90
CA ALA A 274 10.39 -11.11 50.78
C ALA A 274 9.95 -10.38 52.05
N LEU A 275 10.81 -9.54 52.60
CA LEU A 275 10.44 -8.78 53.80
C LEU A 275 9.34 -7.77 53.49
N VAL A 276 9.34 -7.19 52.29
CA VAL A 276 8.31 -6.23 51.93
C VAL A 276 6.95 -6.92 51.82
N LYS A 277 6.92 -8.14 51.27
CA LYS A 277 5.66 -8.85 51.13
C LYS A 277 5.19 -9.47 52.44
N ASN A 278 6.11 -9.85 53.32
CA ASN A 278 5.75 -10.58 54.53
C ASN A 278 5.71 -9.72 55.77
N PHE A 279 6.55 -8.69 55.86
CA PHE A 279 6.59 -7.82 57.04
C PHE A 279 6.53 -6.34 56.64
N PRO A 280 5.52 -5.97 55.84
CA PRO A 280 5.45 -4.57 55.37
C PRO A 280 5.35 -3.56 56.50
N LYS A 281 4.43 -3.77 57.45
CA LYS A 281 4.27 -2.82 58.54
C LYS A 281 5.57 -2.57 59.27
N HIS A 282 6.43 -3.58 59.36
CA HIS A 282 7.67 -3.45 60.10
C HIS A 282 8.79 -2.77 59.33
N MET A 283 8.64 -2.58 58.02
CA MET A 283 9.70 -1.98 57.21
C MET A 283 9.32 -0.63 56.63
N VAL A 284 8.19 -0.06 57.03
CA VAL A 284 7.87 1.32 56.64
C VAL A 284 9.01 2.26 57.03
N SER A 285 9.69 1.97 58.14
CA SER A 285 10.75 2.84 58.62
C SER A 285 11.98 2.83 57.73
N SER A 286 12.12 1.84 56.85
CA SER A 286 13.33 1.70 56.05
C SER A 286 13.11 2.00 54.56
N MET A 287 11.85 2.13 54.13
CA MET A 287 11.57 2.29 52.71
C MET A 287 12.27 3.51 52.13
N GLN A 288 12.37 4.60 52.90
CA GLN A 288 13.03 5.79 52.38
C GLN A 288 14.47 5.49 51.96
N GLN A 289 15.11 4.51 52.61
CA GLN A 289 16.47 4.14 52.24
C GLN A 289 16.50 3.16 51.07
N ILE A 290 15.51 2.26 50.98
CA ILE A 290 15.56 1.20 50.00
C ILE A 290 15.24 1.71 48.60
N LEU A 291 14.16 2.47 48.48
CA LEU A 291 13.66 2.86 47.16
C LEU A 291 14.72 3.55 46.31
N PRO A 292 15.44 4.56 46.79
CA PRO A 292 16.47 5.18 45.94
C PRO A 292 17.52 4.19 45.51
N ILE A 293 17.85 3.21 46.37
CA ILE A 293 18.92 2.27 46.06
C ILE A 293 18.46 1.28 45.00
N VAL A 294 17.26 0.71 45.16
CA VAL A 294 16.75 -0.19 44.13
C VAL A 294 16.54 0.56 42.83
N TRP A 295 16.20 1.86 42.92
CA TRP A 295 16.07 2.66 41.71
C TRP A 295 17.41 2.77 40.98
N ASN A 296 18.49 3.03 41.72
CA ASN A 296 19.81 3.05 41.09
C ASN A 296 20.11 1.70 40.44
N THR A 297 19.73 0.61 41.10
CA THR A 297 19.93 -0.71 40.53
C THR A 297 19.11 -0.88 39.27
N LEU A 298 17.89 -0.34 39.26
CA LEU A 298 17.00 -0.50 38.12
C LEU A 298 17.52 0.25 36.89
N THR A 299 18.00 1.48 37.09
CA THR A 299 18.45 2.27 35.96
C THR A 299 19.83 1.82 35.47
N GLU A 300 20.76 1.55 36.39
CA GLU A 300 22.06 1.05 35.98
C GLU A 300 21.95 -0.27 35.24
N SER A 301 21.11 -1.19 35.75
CA SER A 301 20.93 -2.47 35.08
C SER A 301 20.33 -2.30 33.70
N ALA A 302 19.46 -1.30 33.51
CA ALA A 302 18.92 -1.02 32.20
C ALA A 302 20.02 -0.68 31.21
N ALA A 303 20.92 0.24 31.61
CA ALA A 303 22.02 0.63 30.74
C ALA A 303 22.92 -0.55 30.43
N PHE A 304 23.21 -1.39 31.43
CA PHE A 304 24.05 -2.56 31.21
C PHE A 304 23.35 -3.60 30.35
N TYR A 305 22.06 -3.81 30.58
CA TYR A 305 21.30 -4.75 29.76
C TYR A 305 21.31 -4.34 28.29
N VAL A 306 21.09 -3.05 28.01
CA VAL A 306 21.01 -2.59 26.64
C VAL A 306 22.35 -2.78 25.93
N ARG A 307 23.45 -2.54 26.66
CA ARG A 307 24.77 -2.65 26.06
C ARG A 307 25.20 -4.10 25.87
N THR A 308 24.80 -5.00 26.77
CA THR A 308 25.31 -6.37 26.76
C THR A 308 24.33 -7.40 26.22
N GLU A 309 23.08 -7.02 25.96
CA GLU A 309 22.11 -7.97 25.44
C GLU A 309 21.40 -7.39 24.21
N VAL A 310 20.80 -6.21 24.38
CA VAL A 310 19.95 -5.65 23.33
C VAL A 310 20.76 -5.39 22.07
N ASN A 311 21.88 -4.68 22.19
CA ASN A 311 22.65 -4.22 21.04
C ASN A 311 24.06 -4.82 21.04
N TYR A 312 24.19 -6.06 21.50
CA TYR A 312 25.48 -6.72 21.59
C TYR A 312 25.67 -7.63 20.40
N THR A 313 26.73 -7.40 19.64
CA THR A 313 27.12 -8.25 18.51
C THR A 313 28.28 -9.13 18.94
N GLU A 314 28.11 -10.45 18.83
CA GLU A 314 29.12 -11.38 19.33
C GLU A 314 30.41 -11.31 18.51
N GLU A 315 30.32 -10.92 17.24
CA GLU A 315 31.45 -10.97 16.33
C GLU A 315 32.47 -9.88 16.59
N VAL A 316 32.15 -8.87 17.40
CA VAL A 316 33.05 -7.74 17.62
C VAL A 316 34.10 -8.12 18.64
N GLU A 317 35.37 -7.97 18.27
CA GLU A 317 36.49 -8.32 19.14
C GLU A 317 36.87 -7.12 20.01
N ASP A 318 37.04 -7.37 21.30
CA ASP A 318 37.46 -6.31 22.21
C ASP A 318 38.91 -5.92 21.96
N PRO A 319 39.23 -4.62 22.01
CA PRO A 319 40.64 -4.22 21.92
C PRO A 319 41.41 -4.40 23.22
N VAL A 320 40.72 -4.60 24.34
CA VAL A 320 41.36 -4.73 25.66
C VAL A 320 40.66 -5.83 26.42
N ASP A 321 41.41 -6.87 26.80
CA ASP A 321 40.85 -8.00 27.51
C ASP A 321 40.60 -7.66 28.98
N SER A 322 39.61 -8.34 29.56
CA SER A 322 39.35 -8.26 30.99
C SER A 322 39.06 -9.67 31.52
N ASP A 323 39.17 -9.82 32.83
CA ASP A 323 38.82 -11.07 33.50
C ASP A 323 37.33 -11.03 33.86
N GLY A 324 36.51 -11.11 32.81
CA GLY A 324 35.11 -10.82 32.91
C GLY A 324 34.24 -12.04 33.11
N GLU A 325 33.45 -12.02 34.18
CA GLU A 325 32.37 -12.98 34.37
C GLU A 325 31.16 -12.20 34.87
N VAL A 326 30.14 -12.10 34.04
CA VAL A 326 28.87 -11.49 34.42
C VAL A 326 27.81 -12.56 34.23
N LEU A 327 27.60 -13.37 35.26
CA LEU A 327 26.69 -14.51 35.20
C LEU A 327 25.37 -14.18 35.87
N GLY A 328 24.30 -14.74 35.34
CA GLY A 328 22.99 -14.58 35.93
C GLY A 328 22.50 -13.16 36.01
N PHE A 329 22.94 -12.30 35.09
CA PHE A 329 22.47 -10.91 35.13
C PHE A 329 21.00 -10.83 34.74
N GLU A 330 20.57 -11.65 33.80
CA GLU A 330 19.16 -11.66 33.42
C GLU A 330 18.27 -11.94 34.63
N ASN A 331 18.72 -12.82 35.53
CA ASN A 331 17.92 -13.17 36.70
C ASN A 331 17.88 -12.03 37.71
N LEU A 332 18.91 -11.20 37.77
CA LEU A 332 18.84 -9.99 38.59
C LEU A 332 17.73 -9.08 38.08
N VAL A 333 17.70 -8.84 36.76
CA VAL A 333 16.67 -7.98 36.18
C VAL A 333 15.28 -8.45 36.58
N PHE A 334 15.02 -9.76 36.48
CA PHE A 334 13.72 -10.29 36.86
C PHE A 334 13.41 -9.93 38.30
N SER A 335 14.38 -10.08 39.21
CA SER A 335 14.12 -9.78 40.61
C SER A 335 13.84 -8.30 40.83
N ILE A 336 14.35 -7.43 39.94
CA ILE A 336 14.04 -6.01 40.05
C ILE A 336 12.56 -5.79 39.76
N PHE A 337 12.06 -6.39 38.68
CA PHE A 337 10.64 -6.28 38.38
C PHE A 337 9.80 -6.84 39.52
N GLU A 338 10.22 -7.98 40.07
CA GLU A 338 9.50 -8.58 41.18
C GLU A 338 9.42 -7.63 42.37
N PHE A 339 10.50 -6.88 42.64
CA PHE A 339 10.47 -5.92 43.73
C PHE A 339 9.41 -4.85 43.47
N VAL A 340 9.33 -4.36 42.23
CA VAL A 340 8.33 -3.35 41.90
C VAL A 340 6.93 -3.92 42.02
N HIS A 341 6.72 -5.16 41.56
CA HIS A 341 5.42 -5.80 41.73
C HIS A 341 5.04 -5.87 43.20
N ALA A 342 6.02 -6.12 44.08
CA ALA A 342 5.73 -6.20 45.51
C ALA A 342 5.19 -4.87 46.02
N LEU A 343 5.86 -3.77 45.69
CA LEU A 343 5.36 -2.45 46.08
C LEU A 343 3.96 -2.23 45.53
N LEU A 344 3.73 -2.62 44.28
CA LEU A 344 2.43 -2.41 43.64
C LEU A 344 1.31 -3.15 44.37
N GLU A 345 1.62 -4.28 45.00
CA GLU A 345 0.63 -5.11 45.66
C GLU A 345 0.43 -4.76 47.13
N ASN A 346 0.98 -3.65 47.59
CA ASN A 346 0.79 -3.18 48.96
C ASN A 346 0.02 -1.86 48.93
N SER A 347 -1.01 -1.76 49.77
CA SER A 347 -1.86 -0.58 49.76
C SER A 347 -1.11 0.69 50.12
N LYS A 348 -0.05 0.57 50.92
CA LYS A 348 0.69 1.74 51.37
C LYS A 348 1.88 2.08 50.49
N PHE A 349 2.54 1.07 49.92
CA PHE A 349 3.75 1.28 49.14
C PHE A 349 3.47 1.61 47.68
N LYS A 350 2.28 1.27 47.17
CA LYS A 350 2.02 1.48 45.75
C LYS A 350 2.01 2.95 45.36
N SER A 351 1.83 3.86 46.31
CA SER A 351 1.86 5.28 45.99
C SER A 351 3.21 5.71 45.43
N THR A 352 4.29 5.04 45.84
CA THR A 352 5.62 5.43 45.40
C THR A 352 5.88 5.01 43.96
N VAL A 353 5.21 3.95 43.50
CA VAL A 353 5.28 3.59 42.09
C VAL A 353 4.45 4.57 41.26
N LYS A 354 3.21 4.80 41.70
CA LYS A 354 2.36 5.79 41.05
C LYS A 354 3.10 7.10 40.83
N LYS A 355 3.83 7.56 41.85
CA LYS A 355 4.56 8.82 41.73
C LYS A 355 5.72 8.73 40.75
N ALA A 356 6.24 7.53 40.50
CA ALA A 356 7.42 7.34 39.67
C ALA A 356 7.09 6.85 38.27
N LEU A 357 5.80 6.76 37.92
CA LEU A 357 5.41 6.16 36.65
C LEU A 357 6.11 6.76 35.45
N PRO A 358 6.25 8.09 35.31
CA PRO A 358 6.93 8.62 34.11
C PRO A 358 8.33 8.08 33.94
N GLU A 359 9.13 8.07 35.01
CA GLU A 359 10.50 7.55 34.92
C GLU A 359 10.51 6.02 34.85
N LEU A 360 9.66 5.36 35.64
CA LEU A 360 9.60 3.90 35.59
C LEU A 360 9.28 3.42 34.19
N ILE A 361 8.25 3.97 33.58
CA ILE A 361 7.83 3.50 32.25
C ILE A 361 8.88 3.84 31.20
N TYR A 362 9.62 4.94 31.39
CA TYR A 362 10.73 5.23 30.49
C TYR A 362 11.74 4.08 30.48
N TYR A 363 12.13 3.61 31.66
CA TYR A 363 13.13 2.55 31.73
C TYR A 363 12.54 1.18 31.40
N ILE A 364 11.26 0.96 31.69
CA ILE A 364 10.60 -0.25 31.23
C ILE A 364 10.75 -0.40 29.72
N ILE A 365 10.58 0.70 28.99
CA ILE A 365 10.65 0.66 27.53
C ILE A 365 12.04 0.26 27.08
N LEU A 366 13.08 0.70 27.79
CA LEU A 366 14.43 0.26 27.47
C LEU A 366 14.54 -1.26 27.59
N TYR A 367 13.95 -1.84 28.64
CA TYR A 367 13.98 -3.28 28.82
C TYR A 367 13.19 -4.04 27.77
N MET A 368 12.21 -3.39 27.14
CA MET A 368 11.34 -4.05 26.19
C MET A 368 11.93 -4.17 24.79
N GLN A 369 13.14 -3.66 24.56
CA GLN A 369 13.70 -3.61 23.22
C GLN A 369 14.07 -5.00 22.72
N ILE A 370 13.90 -5.20 21.41
CA ILE A 370 14.26 -6.46 20.77
C ILE A 370 15.77 -6.62 20.81
N THR A 371 16.23 -7.78 21.29
CA THR A 371 17.66 -8.08 21.38
C THR A 371 18.16 -8.66 20.05
N GLU A 372 19.48 -8.66 19.89
CA GLU A 372 20.08 -9.26 18.71
C GLU A 372 19.84 -10.77 18.68
N GLU A 373 19.88 -11.41 19.86
CA GLU A 373 19.60 -12.85 19.91
C GLU A 373 18.15 -13.12 19.52
N GLN A 374 17.21 -12.31 20.02
CA GLN A 374 15.82 -12.47 19.63
C GLN A 374 15.63 -12.31 18.13
N ILE A 375 16.31 -11.32 17.54
CA ILE A 375 16.25 -11.16 16.09
C ILE A 375 16.76 -12.41 15.40
N LYS A 376 17.84 -13.00 15.94
CA LYS A 376 18.41 -14.21 15.34
C LYS A 376 17.41 -15.37 15.39
N VAL A 377 16.80 -15.60 16.56
CA VAL A 377 15.89 -16.72 16.71
C VAL A 377 14.65 -16.53 15.84
N TRP A 378 13.98 -15.39 15.97
CA TRP A 378 12.72 -15.17 15.27
C TRP A 378 12.90 -15.23 13.76
N THR A 379 14.02 -14.70 13.24
CA THR A 379 14.27 -14.80 11.81
C THR A 379 14.43 -16.25 11.37
N ALA A 380 15.00 -17.09 12.25
CA ALA A 380 15.27 -18.47 11.90
C ALA A 380 14.05 -19.37 12.09
N ASN A 381 13.15 -19.02 13.00
CA ASN A 381 11.96 -19.82 13.28
C ASN A 381 10.73 -18.94 13.38
N PRO A 382 10.06 -18.67 12.25
CA PRO A 382 8.82 -17.88 12.31
C PRO A 382 7.78 -18.44 13.28
N GLN A 383 7.77 -19.75 13.51
CA GLN A 383 6.81 -20.31 14.47
C GLN A 383 7.09 -19.79 15.87
N GLN A 384 8.36 -19.64 16.24
CA GLN A 384 8.70 -19.04 17.52
C GLN A 384 8.20 -17.60 17.59
N PHE A 385 8.31 -16.86 16.49
CA PHE A 385 7.83 -15.48 16.47
C PHE A 385 6.34 -15.43 16.79
N VAL A 386 5.53 -16.28 16.13
CA VAL A 386 4.11 -16.34 16.45
C VAL A 386 3.90 -16.69 17.92
N GLU A 387 4.68 -17.64 18.42
CA GLU A 387 4.49 -18.12 19.78
C GLU A 387 4.96 -17.10 20.81
N ASP A 388 6.11 -16.48 20.57
CA ASP A 388 6.68 -15.55 21.55
C ASP A 388 5.90 -14.23 21.59
N GLU A 389 5.29 -13.84 20.47
CA GLU A 389 4.61 -12.55 20.37
C GLU A 389 3.10 -12.70 20.44
N ASP A 390 2.61 -13.81 20.98
CA ASP A 390 1.21 -13.98 21.31
C ASP A 390 0.93 -13.37 22.68
N ASP A 391 -0.27 -12.80 22.84
CA ASP A 391 -0.62 -12.20 24.12
C ASP A 391 -0.68 -13.23 25.23
N ASP A 392 -1.06 -14.47 24.91
CA ASP A 392 -1.14 -15.56 25.88
C ASP A 392 0.07 -16.49 25.80
N THR A 393 1.24 -15.94 25.49
CA THR A 393 2.43 -16.76 25.37
C THR A 393 2.91 -17.26 26.73
N PHE A 394 3.52 -18.43 26.73
CA PHE A 394 4.14 -18.98 27.92
C PHE A 394 5.61 -18.59 28.05
N SER A 395 6.16 -17.89 27.05
CA SER A 395 7.55 -17.47 27.11
C SER A 395 7.76 -16.46 28.23
N TYR A 396 8.96 -16.48 28.81
CA TYR A 396 9.32 -15.53 29.86
C TYR A 396 10.69 -14.96 29.52
N THR A 397 10.71 -13.68 29.15
CA THR A 397 11.92 -12.96 28.80
C THR A 397 11.88 -11.60 29.50
N VAL A 398 13.03 -10.93 29.55
CA VAL A 398 13.07 -9.57 30.07
C VAL A 398 12.02 -8.72 29.38
N ARG A 399 11.93 -8.84 28.05
CA ARG A 399 10.97 -8.07 27.27
C ARG A 399 9.54 -8.33 27.73
N ILE A 400 9.18 -9.61 27.88
CA ILE A 400 7.81 -9.94 28.26
C ILE A 400 7.56 -9.55 29.71
N ALA A 401 8.53 -9.80 30.59
CA ALA A 401 8.38 -9.40 31.99
C ALA A 401 8.20 -7.89 32.09
N ALA A 402 9.03 -7.12 31.39
CA ALA A 402 8.89 -5.67 31.38
C ALA A 402 7.49 -5.28 30.93
N GLN A 403 7.01 -5.88 29.83
CA GLN A 403 5.67 -5.59 29.34
C GLN A 403 4.62 -5.90 30.40
N ASP A 404 4.80 -7.01 31.14
CA ASP A 404 3.84 -7.36 32.18
C ASP A 404 3.82 -6.31 33.28
N LEU A 405 4.99 -5.81 33.68
CA LEU A 405 5.03 -4.75 34.69
C LEU A 405 4.30 -3.51 34.20
N LEU A 406 4.41 -3.22 32.90
CA LEU A 406 3.68 -2.10 32.33
C LEU A 406 2.17 -2.32 32.43
N LEU A 407 1.72 -3.52 32.05
CA LEU A 407 0.30 -3.82 32.13
C LEU A 407 -0.21 -3.71 33.56
N ALA A 408 0.62 -4.04 34.54
CA ALA A 408 0.21 -3.96 35.95
C ALA A 408 -0.03 -2.52 36.36
N VAL A 409 0.99 -1.66 36.20
CA VAL A 409 0.83 -0.26 36.59
C VAL A 409 -0.29 0.39 35.79
N ALA A 410 -0.50 -0.05 34.55
CA ALA A 410 -1.55 0.54 33.73
C ALA A 410 -2.93 0.09 34.20
N THR A 411 -3.02 -1.07 34.84
CA THR A 411 -4.29 -1.53 35.37
C THR A 411 -4.61 -0.90 36.71
N ASP A 412 -3.58 -0.56 37.47
CA ASP A 412 -3.75 0.01 38.79
C ASP A 412 -3.89 1.51 38.76
N PHE A 413 -3.16 2.18 37.87
CA PHE A 413 -3.18 3.64 37.76
C PHE A 413 -3.44 3.99 36.30
N GLN A 414 -4.65 3.69 35.83
CA GLN A 414 -5.03 3.90 34.45
C GLN A 414 -4.65 5.28 33.94
N ASN A 415 -5.16 6.33 34.58
CA ASN A 415 -4.94 7.69 34.09
C ASN A 415 -3.50 8.13 34.26
N GLU A 416 -2.86 7.75 35.36
CA GLU A 416 -1.50 8.18 35.59
C GLU A 416 -0.52 7.44 34.67
N SER A 417 -0.87 6.22 34.26
CA SER A 417 -0.02 5.49 33.33
C SER A 417 -0.12 6.06 31.93
N ALA A 418 -1.32 6.48 31.52
CA ALA A 418 -1.49 7.07 30.20
C ALA A 418 -0.67 8.34 30.06
N ALA A 419 -0.71 9.20 31.08
CA ALA A 419 0.08 10.42 31.05
C ALA A 419 1.57 10.11 31.17
N ALA A 420 1.93 9.13 32.00
CA ALA A 420 3.33 8.77 32.15
C ALA A 420 3.88 8.13 30.89
N LEU A 421 3.11 7.22 30.29
CA LEU A 421 3.55 6.57 29.06
C LEU A 421 3.67 7.56 27.91
N ALA A 422 2.77 8.54 27.86
CA ALA A 422 2.87 9.58 26.83
C ALA A 422 4.16 10.37 27.00
N ALA A 423 4.45 10.81 28.22
CA ALA A 423 5.69 11.55 28.46
C ALA A 423 6.90 10.69 28.17
N ALA A 424 6.86 9.41 28.55
CA ALA A 424 7.99 8.52 28.33
C ALA A 424 8.23 8.33 26.83
N ALA A 425 7.18 8.01 26.08
CA ALA A 425 7.33 7.81 24.64
C ALA A 425 7.81 9.08 23.96
N THR A 426 7.24 10.22 24.34
CA THR A 426 7.65 11.49 23.73
C THR A 426 9.15 11.71 23.91
N ARG A 427 9.64 11.49 25.12
CA ARG A 427 11.08 11.59 25.36
C ARG A 427 11.85 10.59 24.52
N HIS A 428 11.47 9.30 24.60
CA HIS A 428 12.17 8.27 23.85
C HIS A 428 12.26 8.61 22.36
N LEU A 429 11.15 9.07 21.78
CA LEU A 429 11.16 9.39 20.36
C LEU A 429 12.08 10.56 20.06
N GLN A 430 12.14 11.55 20.97
CA GLN A 430 13.06 12.66 20.81
C GLN A 430 14.51 12.17 20.85
N GLU A 431 14.84 11.37 21.86
CA GLU A 431 16.18 10.79 21.94
C GLU A 431 16.47 9.89 20.75
N ALA A 432 15.44 9.24 20.19
CA ALA A 432 15.65 8.33 19.07
C ALA A 432 15.98 9.07 17.79
N GLU A 433 15.42 10.27 17.59
CA GLU A 433 15.78 11.08 16.44
C GLU A 433 17.25 11.47 16.47
N GLN A 434 17.76 11.85 17.64
CA GLN A 434 19.17 12.16 17.79
C GLN A 434 20.04 10.93 17.52
N THR A 435 19.74 9.82 18.18
CA THR A 435 20.48 8.59 17.95
C THR A 435 20.51 8.23 16.48
N LYS A 436 19.37 8.34 15.79
CA LYS A 436 19.31 8.02 14.37
C LYS A 436 20.22 8.93 13.56
N ASN A 437 20.24 10.22 13.87
CA ASN A 437 21.07 11.16 13.13
C ASN A 437 22.55 10.99 13.43
N SER A 438 22.90 10.36 14.56
CA SER A 438 24.28 10.04 14.85
C SER A 438 24.80 8.84 14.07
N GLY A 439 23.96 8.21 13.25
CA GLY A 439 24.36 7.06 12.48
C GLY A 439 24.21 5.74 13.17
N THR A 440 23.62 5.72 14.37
CA THR A 440 23.44 4.47 15.10
C THR A 440 22.40 3.59 14.41
N GLU A 441 22.79 2.35 14.10
CA GLU A 441 21.92 1.48 13.32
C GLU A 441 20.63 1.12 14.07
N HIS A 442 20.74 0.88 15.39
CA HIS A 442 19.63 0.31 16.15
C HIS A 442 18.72 1.36 16.77
N TRP A 443 18.66 2.56 16.20
CA TRP A 443 17.73 3.58 16.69
C TRP A 443 16.30 3.08 16.64
N TRP A 444 15.95 2.28 15.62
CA TRP A 444 14.57 1.86 15.43
C TRP A 444 14.04 1.05 16.59
N LYS A 445 14.91 0.39 17.35
CA LYS A 445 14.44 -0.43 18.46
C LYS A 445 13.65 0.40 19.47
N ILE A 446 13.96 1.69 19.59
CA ILE A 446 13.20 2.54 20.49
C ILE A 446 11.81 2.80 19.92
N HIS A 447 11.70 2.96 18.60
CA HIS A 447 10.38 3.06 17.97
C HIS A 447 9.59 1.77 18.18
N GLU A 448 10.23 0.62 17.94
CA GLU A 448 9.56 -0.66 18.09
C GLU A 448 9.05 -0.85 19.52
N ALA A 449 9.88 -0.51 20.50
CA ALA A 449 9.48 -0.69 21.90
C ALA A 449 8.38 0.30 22.29
N CYS A 450 8.46 1.55 21.80
CA CYS A 450 7.42 2.52 22.09
C CYS A 450 6.10 2.10 21.46
N MET A 451 6.13 1.63 20.21
CA MET A 451 4.90 1.18 19.55
C MET A 451 4.33 -0.04 20.27
N LEU A 452 5.19 -0.95 20.71
CA LEU A 452 4.73 -2.09 21.50
C LEU A 452 4.06 -1.61 22.78
N ALA A 453 4.74 -0.73 23.52
CA ALA A 453 4.21 -0.25 24.79
C ALA A 453 2.84 0.41 24.60
N LEU A 454 2.79 1.43 23.73
CA LEU A 454 1.55 2.18 23.53
C LEU A 454 0.43 1.26 23.07
N GLY A 455 0.73 0.29 22.21
CA GLY A 455 -0.30 -0.64 21.77
C GLY A 455 -0.76 -1.57 22.87
N SER A 456 0.12 -1.90 23.81
CA SER A 456 -0.24 -2.82 24.87
C SER A 456 -1.33 -2.26 25.78
N VAL A 457 -1.40 -0.94 25.87
CA VAL A 457 -2.35 -0.27 26.76
C VAL A 457 -3.11 0.75 25.94
N LYS A 458 -3.51 0.37 24.73
CA LYS A 458 -4.09 1.33 23.79
C LYS A 458 -5.36 1.94 24.36
N ALA A 459 -6.12 1.20 25.15
CA ALA A 459 -7.41 1.70 25.61
C ALA A 459 -7.25 2.92 26.51
N ILE A 460 -6.18 2.98 27.30
CA ILE A 460 -6.03 4.10 28.21
C ILE A 460 -5.41 5.31 27.53
N ILE A 461 -4.70 5.12 26.42
CA ILE A 461 -4.13 6.23 25.68
C ILE A 461 -5.22 6.95 24.89
N THR A 462 -6.03 6.18 24.15
CA THR A 462 -7.07 6.78 23.33
C THR A 462 -8.14 7.44 24.21
N ASP A 463 -8.52 6.80 25.32
CA ASP A 463 -9.53 7.38 26.18
C ASP A 463 -9.03 8.68 26.81
N SER A 464 -7.77 8.72 27.23
CA SER A 464 -7.22 9.93 27.82
C SER A 464 -7.00 11.02 26.78
N VAL A 465 -6.69 10.65 25.54
CA VAL A 465 -6.53 11.64 24.48
C VAL A 465 -7.87 12.20 24.06
N LYS A 466 -8.88 11.34 23.93
CA LYS A 466 -10.22 11.82 23.54
C LYS A 466 -10.73 12.85 24.53
N ASN A 467 -10.61 12.56 25.83
CA ASN A 467 -11.10 13.45 26.87
C ASN A 467 -10.09 14.54 27.25
N GLY A 468 -9.07 14.76 26.41
CA GLY A 468 -8.13 15.85 26.64
C GLY A 468 -7.46 15.84 27.99
N ARG A 469 -7.31 14.66 28.60
CA ARG A 469 -6.67 14.58 29.91
C ARG A 469 -5.15 14.64 29.84
N ILE A 470 -4.57 14.24 28.70
CA ILE A 470 -3.12 14.17 28.57
C ILE A 470 -2.70 14.94 27.32
N HIS A 471 -1.43 15.33 27.31
CA HIS A 471 -0.82 16.02 26.16
C HIS A 471 -0.13 14.97 25.31
N PHE A 472 -0.75 14.59 24.20
CA PHE A 472 -0.15 13.59 23.31
C PHE A 472 -0.70 13.80 21.91
N ASP A 473 0.19 14.00 20.95
CA ASP A 473 -0.18 14.24 19.55
C ASP A 473 -0.48 12.91 18.88
N MET A 474 -1.72 12.45 19.08
CA MET A 474 -2.14 11.17 18.52
C MET A 474 -1.96 11.14 17.00
N HIS A 475 -2.50 12.15 16.32
CA HIS A 475 -2.39 12.19 14.87
C HIS A 475 -0.93 12.25 14.43
N GLY A 476 -0.09 12.95 15.20
CA GLY A 476 1.34 12.96 14.89
C GLY A 476 1.98 11.62 15.14
N PHE A 477 1.55 10.91 16.19
CA PHE A 477 2.08 9.58 16.45
C PHE A 477 1.75 8.63 15.32
N LEU A 478 0.48 8.57 14.93
CA LEU A 478 0.06 7.69 13.84
C LEU A 478 0.76 8.06 12.54
N THR A 479 0.93 9.35 12.27
CA THR A 479 1.46 9.78 10.99
C THR A 479 2.99 9.76 10.99
N ASN A 480 3.60 10.43 11.98
CA ASN A 480 5.04 10.65 11.96
C ASN A 480 5.84 9.49 12.55
N VAL A 481 5.19 8.58 13.27
CA VAL A 481 5.90 7.42 13.81
C VAL A 481 5.41 6.15 13.11
N ILE A 482 4.14 5.79 13.30
CA ILE A 482 3.65 4.52 12.79
C ILE A 482 3.68 4.51 11.27
N LEU A 483 2.95 5.43 10.63
CA LEU A 483 2.90 5.46 9.18
C LEU A 483 4.28 5.66 8.58
N ALA A 484 5.05 6.62 9.11
CA ALA A 484 6.39 6.87 8.60
C ALA A 484 7.24 5.61 8.65
N ASP A 485 7.16 4.86 9.77
CA ASP A 485 7.97 3.65 9.90
C ASP A 485 7.50 2.53 8.97
N LEU A 486 6.23 2.55 8.55
CA LEU A 486 5.79 1.56 7.57
C LEU A 486 6.48 1.73 6.23
N ASN A 487 6.86 2.96 5.89
CA ASN A 487 7.50 3.25 4.61
C ASN A 487 9.01 3.32 4.73
N LEU A 488 9.56 2.92 5.88
CA LEU A 488 11.00 2.80 6.10
C LEU A 488 11.42 1.34 5.98
N SER A 489 12.69 1.14 5.64
CA SER A 489 13.25 -0.19 5.42
C SER A 489 14.45 -0.43 6.32
N VAL A 490 14.23 -0.42 7.62
CA VAL A 490 15.30 -0.56 8.59
C VAL A 490 15.34 -1.95 9.19
N SER A 491 14.18 -2.53 9.49
CA SER A 491 14.11 -3.88 10.05
C SER A 491 12.70 -4.40 9.82
N PRO A 492 12.53 -5.64 9.39
CA PRO A 492 11.17 -6.18 9.27
C PRO A 492 10.41 -6.14 10.57
N PHE A 493 11.11 -6.16 11.71
CA PHE A 493 10.44 -6.13 13.01
C PHE A 493 9.91 -4.75 13.35
N LEU A 494 10.48 -3.69 12.75
CA LEU A 494 9.88 -2.37 12.84
C LEU A 494 8.63 -2.29 11.98
N LEU A 495 8.76 -2.66 10.71
CA LEU A 495 7.62 -2.66 9.79
C LEU A 495 6.47 -3.48 10.36
N GLY A 496 6.78 -4.69 10.83
CA GLY A 496 5.74 -5.55 11.38
C GLY A 496 5.09 -4.97 12.63
N ARG A 497 5.91 -4.43 13.54
CA ARG A 497 5.37 -3.81 14.74
C ARG A 497 4.45 -2.64 14.40
N ALA A 498 4.75 -1.92 13.32
CA ALA A 498 3.93 -0.77 12.94
C ALA A 498 2.56 -1.21 12.45
N LEU A 499 2.50 -2.23 11.61
CA LEU A 499 1.21 -2.76 11.16
C LEU A 499 0.37 -3.18 12.37
N TRP A 500 0.98 -3.87 13.32
CA TRP A 500 0.28 -4.27 14.53
C TRP A 500 -0.19 -3.05 15.31
N ALA A 501 0.72 -2.10 15.57
CA ALA A 501 0.38 -0.94 16.38
C ALA A 501 -0.76 -0.14 15.76
N ALA A 502 -0.72 0.06 14.44
CA ALA A 502 -1.78 0.79 13.77
C ALA A 502 -3.14 0.13 14.03
N SER A 503 -3.21 -1.19 13.91
CA SER A 503 -4.48 -1.88 14.08
C SER A 503 -4.99 -1.73 15.51
N ARG A 504 -4.10 -1.55 16.48
CA ARG A 504 -4.54 -1.34 17.85
C ARG A 504 -5.20 0.02 18.02
N PHE A 505 -4.76 1.02 17.27
CA PHE A 505 -5.27 2.38 17.38
C PHE A 505 -6.33 2.69 16.33
N THR A 506 -6.99 1.66 15.80
CA THR A 506 -8.01 1.86 14.77
C THR A 506 -9.03 2.93 15.19
N VAL A 507 -9.37 2.97 16.47
CA VAL A 507 -10.44 3.85 16.94
C VAL A 507 -10.06 5.32 16.84
N ALA A 508 -8.77 5.63 16.78
CA ALA A 508 -8.30 7.01 16.78
C ALA A 508 -7.83 7.48 15.42
N MET A 509 -8.17 6.77 14.34
CA MET A 509 -7.61 7.05 13.03
C MET A 509 -8.59 7.84 12.18
N SER A 510 -8.03 8.77 11.40
CA SER A 510 -8.81 9.50 10.41
C SER A 510 -9.12 8.58 9.22
N PRO A 511 -10.15 8.91 8.44
CA PRO A 511 -10.41 8.08 7.25
C PRO A 511 -9.23 8.01 6.30
N GLU A 512 -8.48 9.11 6.15
CA GLU A 512 -7.29 9.07 5.30
C GLU A 512 -6.28 8.06 5.83
N LEU A 513 -6.16 7.95 7.15
CA LEU A 513 -5.18 7.04 7.74
C LEU A 513 -5.61 5.59 7.60
N ILE A 514 -6.86 5.29 7.95
CA ILE A 514 -7.32 3.90 7.88
C ILE A 514 -7.18 3.35 6.47
N GLN A 515 -7.35 4.20 5.45
CA GLN A 515 -7.15 3.74 4.08
C GLN A 515 -5.70 3.35 3.84
N GLN A 516 -4.75 4.20 4.27
CA GLN A 516 -3.35 3.93 4.02
C GLN A 516 -2.87 2.73 4.82
N PHE A 517 -3.37 2.56 6.05
CA PHE A 517 -2.93 1.45 6.89
C PHE A 517 -3.48 0.12 6.39
N LEU A 518 -4.73 0.09 5.92
CA LEU A 518 -5.26 -1.14 5.36
C LEU A 518 -4.50 -1.54 4.11
N GLN A 519 -4.17 -0.56 3.25
CA GLN A 519 -3.34 -0.84 2.09
C GLN A 519 -1.99 -1.39 2.49
N ALA A 520 -1.38 -0.81 3.53
CA ALA A 520 -0.07 -1.28 3.98
C ALA A 520 -0.16 -2.67 4.59
N THR A 521 -1.30 -3.01 5.19
CA THR A 521 -1.45 -4.34 5.78
C THR A 521 -1.57 -5.41 4.70
N VAL A 522 -2.33 -5.13 3.63
CA VAL A 522 -2.42 -6.07 2.52
C VAL A 522 -1.04 -6.28 1.89
N SER A 523 -0.26 -5.19 1.74
CA SER A 523 1.10 -5.33 1.23
C SER A 523 1.96 -6.15 2.19
N GLY A 524 1.67 -6.09 3.49
CA GLY A 524 2.44 -6.86 4.45
C GLY A 524 2.23 -8.35 4.33
N LEU A 525 1.18 -8.79 3.63
CA LEU A 525 0.89 -10.20 3.49
C LEU A 525 1.69 -10.87 2.36
N HIS A 526 2.15 -10.11 1.37
CA HIS A 526 2.67 -10.71 0.15
C HIS A 526 3.98 -11.45 0.40
N GLU A 527 4.25 -12.43 -0.46
CA GLU A 527 5.36 -13.36 -0.26
C GLU A 527 6.73 -12.69 -0.38
N THR A 528 6.80 -11.50 -0.99
CA THR A 528 8.07 -10.78 -1.03
C THR A 528 8.47 -10.24 0.33
N GLN A 529 7.60 -10.35 1.33
CA GLN A 529 7.88 -9.87 2.68
C GLN A 529 8.45 -11.00 3.54
N PRO A 530 9.27 -10.68 4.53
CA PRO A 530 9.78 -11.74 5.41
C PRO A 530 8.69 -12.26 6.31
N PRO A 531 8.80 -13.51 6.77
CA PRO A 531 7.67 -14.14 7.48
C PRO A 531 7.13 -13.33 8.65
N SER A 532 8.00 -12.67 9.43
CA SER A 532 7.52 -11.93 10.59
C SER A 532 6.59 -10.81 10.17
N VAL A 533 6.87 -10.17 9.04
CA VAL A 533 6.01 -9.10 8.54
C VAL A 533 4.65 -9.65 8.16
N ARG A 534 4.64 -10.75 7.40
CA ARG A 534 3.36 -11.34 6.98
C ARG A 534 2.56 -11.80 8.19
N ILE A 535 3.23 -12.36 9.20
CA ILE A 535 2.53 -12.76 10.42
C ILE A 535 1.94 -11.53 11.11
N SER A 536 2.73 -10.46 11.21
CA SER A 536 2.24 -9.23 11.83
C SER A 536 1.03 -8.70 11.08
N ALA A 537 1.04 -8.77 9.74
CA ALA A 537 -0.08 -8.27 8.97
C ALA A 537 -1.34 -9.09 9.22
N VAL A 538 -1.20 -10.41 9.41
CA VAL A 538 -2.36 -11.25 9.72
C VAL A 538 -2.98 -10.82 11.03
N ARG A 539 -2.17 -10.69 12.08
CA ARG A 539 -2.66 -10.17 13.35
C ARG A 539 -3.39 -8.84 13.13
N ALA A 540 -2.79 -7.95 12.33
CA ALA A 540 -3.39 -6.65 12.08
C ALA A 540 -4.78 -6.79 11.46
N ILE A 541 -4.91 -7.66 10.46
CA ILE A 541 -6.21 -7.86 9.82
C ILE A 541 -7.23 -8.37 10.82
N TRP A 542 -6.81 -9.30 11.68
CA TRP A 542 -7.73 -9.76 12.73
C TRP A 542 -8.20 -8.59 13.58
N GLY A 543 -7.29 -7.70 13.95
CA GLY A 543 -7.66 -6.57 14.78
C GLY A 543 -8.62 -5.63 14.08
N TYR A 544 -8.40 -5.38 12.78
CA TYR A 544 -9.31 -4.52 12.03
C TYR A 544 -10.70 -5.12 11.96
N CYS A 545 -10.81 -6.39 11.57
CA CYS A 545 -12.12 -7.03 11.48
C CYS A 545 -12.84 -6.98 12.83
N ASP A 546 -12.11 -7.27 13.92
CA ASP A 546 -12.74 -7.32 15.23
C ASP A 546 -13.22 -5.95 15.67
N GLN A 547 -12.40 -4.92 15.49
CA GLN A 547 -12.74 -3.59 15.99
C GLN A 547 -13.78 -2.91 15.12
N LEU A 548 -13.67 -3.03 13.80
CA LEU A 548 -14.61 -2.37 12.91
C LEU A 548 -15.99 -3.02 12.94
N LYS A 549 -16.08 -4.29 13.34
CA LYS A 549 -17.38 -4.91 13.55
C LYS A 549 -18.05 -4.32 14.79
N VAL A 550 -17.33 -4.26 15.91
CA VAL A 550 -17.90 -3.71 17.14
C VAL A 550 -18.36 -2.28 16.90
N SER A 551 -17.57 -1.48 16.19
CA SER A 551 -17.91 -0.10 15.92
C SER A 551 -18.96 0.07 14.83
N GLU A 552 -19.43 -1.03 14.24
CA GLU A 552 -20.40 -0.96 13.14
C GLU A 552 -19.86 -0.13 11.98
N SER A 553 -18.54 -0.20 11.76
CA SER A 553 -17.86 0.60 10.74
C SER A 553 -17.14 -0.28 9.72
N THR A 554 -17.67 -1.47 9.46
CA THR A 554 -17.01 -2.40 8.54
C THR A 554 -17.05 -1.94 7.09
N HIS A 555 -17.77 -0.86 6.78
CA HIS A 555 -17.90 -0.43 5.40
C HIS A 555 -16.54 -0.05 4.81
N VAL A 556 -15.68 0.61 5.60
CA VAL A 556 -14.39 1.04 5.11
C VAL A 556 -13.52 -0.16 4.75
N LEU A 557 -13.84 -1.33 5.30
CA LEU A 557 -13.05 -2.53 5.09
C LEU A 557 -13.48 -3.32 3.87
N GLN A 558 -14.69 -3.09 3.37
CA GLN A 558 -15.25 -3.94 2.33
C GLN A 558 -14.40 -3.99 1.06
N PRO A 559 -13.85 -2.88 0.55
CA PRO A 559 -13.08 -2.97 -0.70
C PRO A 559 -11.79 -3.76 -0.58
N PHE A 560 -11.29 -4.00 0.63
CA PHE A 560 -10.04 -4.73 0.80
C PHE A 560 -10.23 -6.23 1.00
N LEU A 561 -11.46 -6.68 1.19
CA LEU A 561 -11.69 -8.10 1.47
C LEU A 561 -11.17 -9.01 0.37
N PRO A 562 -11.37 -8.73 -0.92
CA PRO A 562 -10.83 -9.64 -1.95
C PRO A 562 -9.33 -9.87 -1.83
N SER A 563 -8.55 -8.80 -1.65
CA SER A 563 -7.10 -8.96 -1.56
C SER A 563 -6.68 -9.56 -0.23
N ILE A 564 -7.42 -9.28 0.84
CA ILE A 564 -7.14 -9.90 2.13
C ILE A 564 -7.33 -11.40 2.04
N LEU A 565 -8.48 -11.84 1.51
CA LEU A 565 -8.76 -13.26 1.41
C LEU A 565 -7.67 -13.98 0.60
N ASP A 566 -7.29 -13.41 -0.54
CA ASP A 566 -6.24 -14.03 -1.35
C ASP A 566 -4.92 -14.06 -0.60
N GLY A 567 -4.63 -13.01 0.19
CA GLY A 567 -3.40 -13.00 0.95
C GLY A 567 -3.35 -14.06 2.03
N LEU A 568 -4.48 -14.29 2.71
CA LEU A 568 -4.51 -15.28 3.77
C LEU A 568 -4.41 -16.70 3.20
N ILE A 569 -5.19 -17.00 2.16
CA ILE A 569 -5.14 -18.32 1.56
C ILE A 569 -3.73 -18.62 1.03
N HIS A 570 -3.07 -17.61 0.46
CA HIS A 570 -1.74 -17.85 -0.09
C HIS A 570 -0.74 -18.12 1.02
N LEU A 571 -0.89 -17.46 2.16
CA LEU A 571 0.00 -17.67 3.28
C LEU A 571 -0.17 -19.06 3.87
N ALA A 572 -1.42 -19.54 3.95
CA ALA A 572 -1.67 -20.84 4.52
C ALA A 572 -0.98 -21.94 3.73
N ALA A 573 -0.73 -21.71 2.45
CA ALA A 573 -0.08 -22.72 1.61
C ALA A 573 1.41 -22.86 1.90
N GLN A 574 2.00 -21.92 2.64
CA GLN A 574 3.44 -21.91 2.88
C GLN A 574 3.83 -22.16 4.33
N PHE A 575 2.86 -22.21 5.26
CA PHE A 575 3.17 -22.37 6.67
C PHE A 575 2.19 -23.34 7.30
N SER A 576 2.68 -24.12 8.26
CA SER A 576 1.83 -25.00 9.06
C SER A 576 1.89 -24.57 10.52
N SER A 577 1.46 -25.46 11.41
CA SER A 577 1.61 -25.27 12.86
C SER A 577 0.98 -23.93 13.26
N GLU A 578 1.66 -23.10 14.06
CA GLU A 578 1.01 -21.96 14.71
C GLU A 578 0.70 -20.84 13.72
N VAL A 579 1.54 -20.63 12.71
CA VAL A 579 1.23 -19.63 11.70
C VAL A 579 -0.10 -19.95 11.04
N LEU A 580 -0.30 -21.22 10.67
CA LEU A 580 -1.53 -21.63 10.00
C LEU A 580 -2.73 -21.40 10.90
N ASN A 581 -2.63 -21.81 12.17
CA ASN A 581 -3.72 -21.57 13.11
C ASN A 581 -4.08 -20.10 13.16
N LEU A 582 -3.08 -19.22 13.08
CA LEU A 582 -3.33 -17.79 13.06
C LEU A 582 -4.04 -17.37 11.79
N VAL A 583 -3.65 -17.95 10.65
CA VAL A 583 -4.30 -17.63 9.38
C VAL A 583 -5.73 -18.17 9.38
N MET A 584 -5.96 -19.34 9.97
CA MET A 584 -7.30 -19.91 10.00
C MET A 584 -8.22 -19.10 10.90
N GLU A 585 -7.73 -18.66 12.07
CA GLU A 585 -8.52 -17.80 12.92
C GLU A 585 -8.89 -16.51 12.20
N THR A 586 -7.94 -15.92 11.48
CA THR A 586 -8.19 -14.66 10.79
C THR A 586 -9.09 -14.87 9.57
N LEU A 587 -8.87 -15.96 8.83
CA LEU A 587 -9.76 -16.29 7.73
C LEU A 587 -11.20 -16.38 8.22
N CYS A 588 -11.39 -16.94 9.41
CA CYS A 588 -12.74 -17.13 9.93
C CYS A 588 -13.40 -15.78 10.23
N ILE A 589 -12.69 -14.89 10.92
CA ILE A 589 -13.32 -13.63 11.29
C ILE A 589 -13.58 -12.78 10.05
N VAL A 590 -12.69 -12.87 9.05
CA VAL A 590 -12.93 -12.18 7.79
C VAL A 590 -14.27 -12.60 7.21
N CYS A 591 -14.62 -13.88 7.34
CA CYS A 591 -15.88 -14.37 6.77
C CYS A 591 -17.10 -13.72 7.39
N THR A 592 -16.97 -13.07 8.54
CA THR A 592 -18.10 -12.46 9.23
C THR A 592 -18.23 -10.97 8.98
N VAL A 593 -17.39 -10.39 8.13
CA VAL A 593 -17.43 -8.95 7.89
C VAL A 593 -18.59 -8.59 6.97
N ASP A 594 -18.63 -9.18 5.79
CA ASP A 594 -19.64 -8.88 4.77
C ASP A 594 -20.19 -10.20 4.25
N PRO A 595 -21.38 -10.61 4.68
CA PRO A 595 -21.93 -11.89 4.19
C PRO A 595 -22.06 -11.94 2.69
N GLU A 596 -22.38 -10.83 2.04
CA GLU A 596 -22.42 -10.81 0.58
C GLU A 596 -21.08 -11.23 0.01
N PHE A 597 -19.98 -10.70 0.56
CA PHE A 597 -18.66 -11.07 0.07
C PHE A 597 -18.36 -12.54 0.31
N THR A 598 -18.58 -13.01 1.54
CA THR A 598 -18.28 -14.41 1.85
C THR A 598 -19.00 -15.35 0.90
N ALA A 599 -20.27 -15.03 0.59
CA ALA A 599 -21.03 -15.87 -0.34
C ALA A 599 -20.42 -15.86 -1.74
N SER A 600 -19.97 -14.70 -2.22
CA SER A 600 -19.38 -14.66 -3.55
C SER A 600 -18.04 -15.38 -3.61
N MET A 601 -17.35 -15.53 -2.48
CA MET A 601 -16.09 -16.23 -2.44
C MET A 601 -16.20 -17.62 -1.85
N GLU A 602 -17.42 -18.15 -1.72
CA GLU A 602 -17.59 -19.53 -1.27
C GLU A 602 -16.81 -20.50 -2.14
N SER A 603 -16.73 -20.21 -3.45
CA SER A 603 -16.12 -21.14 -4.39
C SER A 603 -14.64 -21.36 -4.11
N LYS A 604 -14.00 -20.51 -3.32
CA LYS A 604 -12.61 -20.73 -2.93
C LYS A 604 -12.42 -20.92 -1.44
N ILE A 605 -13.24 -20.28 -0.60
CA ILE A 605 -13.12 -20.46 0.84
C ILE A 605 -13.39 -21.92 1.22
N CYS A 606 -14.48 -22.48 0.69
CA CYS A 606 -14.90 -23.81 1.13
C CYS A 606 -13.97 -24.90 0.63
N PRO A 607 -13.55 -24.92 -0.64
CA PRO A 607 -12.58 -25.95 -1.05
C PRO A 607 -11.25 -25.82 -0.32
N PHE A 608 -10.80 -24.59 -0.06
CA PHE A 608 -9.60 -24.39 0.74
C PHE A 608 -9.76 -25.02 2.12
N THR A 609 -10.85 -24.69 2.81
CA THR A 609 -11.03 -25.17 4.17
C THR A 609 -11.17 -26.68 4.22
N ILE A 610 -11.88 -27.27 3.25
CA ILE A 610 -11.98 -28.72 3.21
C ILE A 610 -10.58 -29.33 3.08
N ALA A 611 -9.77 -28.80 2.16
CA ALA A 611 -8.42 -29.33 1.95
C ALA A 611 -7.61 -29.24 3.24
N ILE A 612 -7.66 -28.09 3.92
CA ILE A 612 -7.01 -27.97 5.22
C ILE A 612 -7.57 -29.01 6.19
N PHE A 613 -8.90 -29.09 6.26
CA PHE A 613 -9.56 -30.00 7.19
C PHE A 613 -9.02 -31.42 7.03
N LEU A 614 -8.87 -31.88 5.79
CA LEU A 614 -8.42 -33.25 5.55
C LEU A 614 -6.91 -33.37 5.71
N LYS A 615 -6.15 -32.40 5.21
CA LYS A 615 -4.69 -32.51 5.23
C LYS A 615 -4.16 -32.61 6.65
N TYR A 616 -4.69 -31.80 7.57
CA TYR A 616 -4.31 -31.86 8.98
C TYR A 616 -5.38 -32.55 9.80
N SER A 617 -5.98 -33.61 9.23
CA SER A 617 -7.02 -34.35 9.92
C SER A 617 -6.55 -34.92 11.26
N ASN A 618 -5.24 -35.06 11.45
CA ASN A 618 -4.71 -35.61 12.69
C ASN A 618 -4.60 -34.55 13.80
N ASP A 619 -4.94 -33.30 13.50
CA ASP A 619 -4.76 -32.20 14.45
C ASP A 619 -6.11 -31.64 14.87
N PRO A 620 -6.57 -31.89 16.10
CA PRO A 620 -7.88 -31.35 16.50
C PRO A 620 -7.98 -29.84 16.47
N VAL A 621 -6.88 -29.12 16.70
CA VAL A 621 -6.95 -27.67 16.73
C VAL A 621 -7.31 -27.13 15.35
N VAL A 622 -6.72 -27.70 14.30
CA VAL A 622 -7.05 -27.27 12.94
C VAL A 622 -8.47 -27.70 12.58
N ALA A 623 -8.85 -28.93 12.93
CA ALA A 623 -10.20 -29.40 12.66
C ALA A 623 -11.23 -28.46 13.26
N SER A 624 -11.02 -28.02 14.50
CA SER A 624 -11.96 -27.09 15.13
C SER A 624 -11.98 -25.74 14.43
N LEU A 625 -10.83 -25.30 13.92
CA LEU A 625 -10.79 -24.04 13.17
C LEU A 625 -11.46 -24.19 11.81
N ALA A 626 -11.21 -25.30 11.12
CA ALA A 626 -11.98 -25.60 9.92
C ALA A 626 -13.47 -25.60 10.24
N GLN A 627 -13.84 -26.20 11.36
CA GLN A 627 -15.24 -26.26 11.76
C GLN A 627 -15.81 -24.86 11.97
N ASP A 628 -15.02 -23.95 12.56
CA ASP A 628 -15.52 -22.60 12.78
C ASP A 628 -15.82 -21.90 11.47
N ILE A 629 -14.99 -22.12 10.44
CA ILE A 629 -15.24 -21.52 9.14
C ILE A 629 -16.50 -22.12 8.52
N PHE A 630 -16.60 -23.46 8.53
CA PHE A 630 -17.80 -24.11 8.00
C PHE A 630 -19.05 -23.59 8.69
N LYS A 631 -18.98 -23.33 9.99
CA LYS A 631 -20.14 -22.80 10.71
C LYS A 631 -20.53 -21.43 10.18
N GLU A 632 -19.55 -20.55 9.96
CA GLU A 632 -19.86 -19.21 9.46
C GLU A 632 -20.44 -19.26 8.05
N LEU A 633 -20.01 -20.21 7.23
CA LEU A 633 -20.60 -20.35 5.90
C LEU A 633 -22.00 -20.92 5.98
N SER A 634 -22.21 -21.93 6.84
CA SER A 634 -23.52 -22.53 6.99
C SER A 634 -24.57 -21.52 7.43
N GLN A 635 -24.18 -20.44 8.09
CA GLN A 635 -25.11 -19.43 8.56
C GLN A 635 -25.42 -18.37 7.51
N ILE A 636 -24.89 -18.52 6.30
CA ILE A 636 -25.17 -17.60 5.20
C ILE A 636 -25.97 -18.36 4.15
N GLU A 637 -27.20 -17.88 3.88
CA GLU A 637 -28.12 -18.63 3.04
C GLU A 637 -27.56 -18.87 1.65
N ALA A 638 -26.96 -17.85 1.04
CA ALA A 638 -26.43 -17.99 -0.31
C ALA A 638 -25.26 -18.96 -0.40
N CYS A 639 -24.67 -19.37 0.73
CA CYS A 639 -23.59 -20.35 0.71
C CYS A 639 -24.09 -21.79 0.80
N GLN A 640 -25.25 -22.02 1.40
CA GLN A 640 -25.65 -23.37 1.80
C GLN A 640 -25.66 -24.34 0.61
N GLY A 641 -26.29 -23.95 -0.49
CA GLY A 641 -26.38 -24.80 -1.65
C GLY A 641 -25.02 -25.19 -2.19
N PRO A 642 -24.25 -24.21 -2.62
CA PRO A 642 -22.92 -24.52 -3.18
C PRO A 642 -21.99 -25.25 -2.22
N MET A 643 -21.95 -24.85 -0.95
CA MET A 643 -21.02 -25.50 -0.02
C MET A 643 -21.45 -26.93 0.29
N GLN A 644 -22.76 -27.18 0.37
CA GLN A 644 -23.23 -28.51 0.75
C GLN A 644 -22.90 -29.55 -0.32
N MET A 645 -23.15 -29.22 -1.59
CA MET A 645 -22.73 -30.11 -2.67
C MET A 645 -21.25 -30.41 -2.59
N ARG A 646 -20.49 -29.49 -1.98
CA ARG A 646 -19.06 -29.59 -1.80
C ARG A 646 -18.69 -30.36 -0.54
N LEU A 647 -19.28 -29.96 0.58
CA LEU A 647 -18.87 -30.44 1.90
C LEU A 647 -19.53 -31.76 2.29
N ILE A 648 -20.81 -31.93 1.94
CA ILE A 648 -21.53 -33.13 2.37
C ILE A 648 -20.87 -34.39 1.85
N PRO A 649 -20.50 -34.51 0.56
CA PRO A 649 -19.83 -35.73 0.12
C PRO A 649 -18.56 -36.03 0.90
N THR A 650 -17.83 -35.01 1.32
CA THR A 650 -16.61 -35.23 2.08
C THR A 650 -16.92 -35.71 3.50
N LEU A 651 -17.90 -35.08 4.15
CA LEU A 651 -18.33 -35.55 5.47
C LEU A 651 -18.82 -36.99 5.39
N VAL A 652 -19.66 -37.29 4.39
CA VAL A 652 -20.17 -38.66 4.21
C VAL A 652 -19.00 -39.62 4.05
N SER A 653 -17.99 -39.23 3.26
CA SER A 653 -16.82 -40.08 3.11
C SER A 653 -16.16 -40.37 4.44
N ILE A 654 -16.11 -39.37 5.33
CA ILE A 654 -15.48 -39.55 6.63
C ILE A 654 -16.29 -40.52 7.48
N MET A 655 -17.62 -40.42 7.44
CA MET A 655 -18.46 -41.24 8.31
C MET A 655 -18.48 -42.69 7.87
N GLN A 656 -18.25 -42.96 6.58
CA GLN A 656 -18.21 -44.33 6.09
C GLN A 656 -16.81 -44.93 6.13
N ALA A 657 -15.78 -44.10 6.36
CA ALA A 657 -14.43 -44.61 6.45
C ALA A 657 -14.30 -45.52 7.68
N PRO A 658 -13.39 -46.50 7.63
CA PRO A 658 -13.21 -47.38 8.78
C PRO A 658 -12.67 -46.60 9.97
N ALA A 659 -13.16 -46.95 11.16
CA ALA A 659 -12.79 -46.20 12.36
C ALA A 659 -11.29 -46.31 12.64
N ASP A 660 -10.73 -47.52 12.49
CA ASP A 660 -9.32 -47.73 12.81
C ASP A 660 -8.37 -47.10 11.81
N LYS A 661 -8.88 -46.53 10.72
CA LYS A 661 -8.04 -46.00 9.65
C LYS A 661 -8.01 -44.48 9.57
N ILE A 662 -8.96 -43.79 10.18
CA ILE A 662 -8.98 -42.32 10.18
C ILE A 662 -8.57 -41.83 11.57
N PRO A 663 -8.04 -40.62 11.68
CA PRO A 663 -7.58 -40.14 13.00
C PRO A 663 -8.72 -39.97 13.98
N ALA A 664 -8.36 -40.02 15.26
CA ALA A 664 -9.35 -39.93 16.33
C ALA A 664 -9.99 -38.54 16.34
N GLY A 665 -11.32 -38.51 16.41
CA GLY A 665 -12.07 -37.28 16.50
C GLY A 665 -12.53 -36.70 15.18
N LEU A 666 -11.92 -37.11 14.06
CA LEU A 666 -12.31 -36.56 12.78
C LEU A 666 -13.77 -36.89 12.47
N CYS A 667 -14.19 -38.12 12.74
CA CYS A 667 -15.57 -38.50 12.47
C CYS A 667 -16.54 -37.74 13.36
N ALA A 668 -16.21 -37.60 14.65
CA ALA A 668 -17.10 -36.88 15.55
C ALA A 668 -17.21 -35.42 15.15
N THR A 669 -16.11 -34.81 14.68
CA THR A 669 -16.18 -33.44 14.20
C THR A 669 -16.97 -33.36 12.90
N ALA A 670 -16.83 -34.36 12.02
CA ALA A 670 -17.60 -34.37 10.79
C ALA A 670 -19.09 -34.34 11.09
N ILE A 671 -19.53 -35.13 12.08
CA ILE A 671 -20.95 -35.15 12.43
C ILE A 671 -21.39 -33.78 12.96
N ASP A 672 -20.57 -33.17 13.81
CA ASP A 672 -20.93 -31.85 14.33
C ASP A 672 -21.04 -30.82 13.22
N ILE A 673 -20.16 -30.90 12.22
CA ILE A 673 -20.27 -29.99 11.08
C ILE A 673 -21.59 -30.22 10.37
N LEU A 674 -21.97 -31.49 10.18
CA LEU A 674 -23.24 -31.80 9.54
C LEU A 674 -24.42 -31.26 10.35
N THR A 675 -24.38 -31.47 11.67
CA THR A 675 -25.44 -30.96 12.53
C THR A 675 -25.62 -29.46 12.33
N THR A 676 -24.52 -28.72 12.22
CA THR A 676 -24.61 -27.28 12.05
C THR A 676 -25.24 -26.93 10.71
N VAL A 677 -24.95 -27.72 9.67
CA VAL A 677 -25.58 -27.51 8.37
C VAL A 677 -27.10 -27.69 8.48
N VAL A 678 -27.52 -28.84 9.04
CA VAL A 678 -28.94 -29.12 9.17
C VAL A 678 -29.63 -28.05 10.00
N ARG A 679 -29.01 -27.65 11.12
CA ARG A 679 -29.61 -26.68 12.01
C ARG A 679 -29.87 -25.34 11.30
N ASN A 680 -29.07 -25.02 10.27
CA ASN A 680 -29.14 -23.71 9.63
C ASN A 680 -29.83 -23.72 8.28
N THR A 681 -30.16 -24.89 7.73
CA THR A 681 -30.85 -24.98 6.46
C THR A 681 -32.36 -25.02 6.69
N LYS A 682 -33.09 -24.10 6.06
CA LYS A 682 -34.53 -24.10 6.19
C LYS A 682 -35.12 -25.27 5.41
N PRO A 683 -36.14 -25.94 5.94
CA PRO A 683 -36.71 -27.10 5.25
C PRO A 683 -37.56 -26.66 4.08
N PRO A 684 -37.75 -27.52 3.07
CA PRO A 684 -37.18 -28.87 2.96
C PRO A 684 -35.70 -28.88 2.64
N LEU A 685 -35.01 -29.93 3.08
CA LEU A 685 -33.59 -30.08 2.82
C LEU A 685 -33.37 -30.80 1.50
N SER A 686 -32.24 -30.49 0.85
CA SER A 686 -31.87 -31.13 -0.40
C SER A 686 -31.92 -32.65 -0.25
N GLN A 687 -32.14 -33.35 -1.38
CA GLN A 687 -32.03 -34.81 -1.34
C GLN A 687 -30.62 -35.24 -0.96
N LEU A 688 -29.62 -34.37 -1.18
CA LEU A 688 -28.27 -34.65 -0.74
C LEU A 688 -28.21 -34.83 0.77
N LEU A 689 -28.91 -33.98 1.52
CA LEU A 689 -28.92 -34.09 2.97
C LEU A 689 -29.80 -35.24 3.45
N ILE A 690 -30.86 -35.56 2.73
CA ILE A 690 -31.82 -36.57 3.20
C ILE A 690 -31.43 -37.97 2.76
N CYS A 691 -31.07 -38.15 1.49
CA CYS A 691 -30.83 -39.49 0.96
C CYS A 691 -29.38 -39.95 1.09
N GLN A 692 -28.44 -39.02 1.27
CA GLN A 692 -27.03 -39.38 1.44
C GLN A 692 -26.54 -39.14 2.86
N ALA A 693 -26.75 -37.94 3.40
CA ALA A 693 -26.17 -37.59 4.70
C ALA A 693 -26.90 -38.31 5.84
N PHE A 694 -28.22 -38.13 5.92
CA PHE A 694 -28.98 -38.71 7.02
C PHE A 694 -28.75 -40.21 7.18
N PRO A 695 -28.77 -41.03 6.12
CA PRO A 695 -28.48 -42.46 6.31
C PRO A 695 -27.06 -42.71 6.77
N ALA A 696 -26.09 -41.97 6.25
CA ALA A 696 -24.70 -42.20 6.62
C ALA A 696 -24.48 -41.93 8.10
N VAL A 697 -25.10 -40.87 8.62
CA VAL A 697 -24.90 -40.51 10.02
C VAL A 697 -25.64 -41.50 10.92
N ALA A 698 -26.85 -41.92 10.53
CA ALA A 698 -27.55 -42.93 11.30
C ALA A 698 -26.77 -44.23 11.32
N GLN A 699 -26.30 -44.68 10.15
CA GLN A 699 -25.49 -45.89 10.08
C GLN A 699 -24.19 -45.73 10.87
N CYS A 700 -23.55 -44.58 10.77
CA CYS A 700 -22.30 -44.35 11.50
C CYS A 700 -22.53 -44.43 13.00
N THR A 701 -23.66 -43.90 13.47
CA THR A 701 -23.95 -43.92 14.89
C THR A 701 -24.29 -45.32 15.39
N LEU A 702 -24.94 -46.13 14.54
CA LEU A 702 -25.32 -47.48 14.93
C LEU A 702 -24.15 -48.46 14.88
N HIS A 703 -23.08 -48.13 14.17
CA HIS A 703 -21.96 -49.04 14.00
C HIS A 703 -20.70 -48.59 14.74
N THR A 704 -20.75 -47.48 15.45
CA THR A 704 -19.56 -46.94 16.11
C THR A 704 -19.43 -47.48 17.52
N ASP A 705 -18.18 -47.54 18.00
CA ASP A 705 -17.88 -47.88 19.38
C ASP A 705 -17.36 -46.69 20.16
N ASP A 706 -17.32 -45.51 19.55
CA ASP A 706 -16.79 -44.30 20.18
C ASP A 706 -17.93 -43.49 20.78
N ASN A 707 -17.79 -43.11 22.05
CA ASN A 707 -18.84 -42.39 22.74
C ASN A 707 -19.06 -41.00 22.14
N ALA A 708 -17.97 -40.34 21.74
CA ALA A 708 -18.10 -39.00 21.16
C ALA A 708 -18.89 -39.04 19.86
N THR A 709 -18.63 -40.03 19.00
CA THR A 709 -19.36 -40.14 17.74
C THR A 709 -20.84 -40.36 18.01
N MET A 710 -21.15 -41.35 18.86
CA MET A 710 -22.53 -41.67 19.19
C MET A 710 -23.30 -40.45 19.65
N GLN A 711 -22.76 -39.72 20.63
CA GLN A 711 -23.43 -38.54 21.16
C GLN A 711 -23.70 -37.53 20.06
N ASN A 712 -22.68 -37.22 19.26
CA ASN A 712 -22.85 -36.25 18.18
C ASN A 712 -23.83 -36.78 17.13
N GLY A 713 -23.78 -38.09 16.86
CA GLY A 713 -24.73 -38.67 15.93
C GLY A 713 -26.17 -38.48 16.38
N GLY A 714 -26.44 -38.71 17.66
CA GLY A 714 -27.78 -38.50 18.18
C GLY A 714 -28.22 -37.05 18.11
N GLU A 715 -27.30 -36.12 18.43
CA GLU A 715 -27.62 -34.70 18.31
C GLU A 715 -27.87 -34.31 16.86
N CYS A 716 -27.26 -35.04 15.91
CA CYS A 716 -27.50 -34.76 14.50
C CYS A 716 -28.88 -35.23 14.08
N LEU A 717 -29.23 -36.47 14.41
CA LEU A 717 -30.58 -36.97 14.12
C LEU A 717 -31.63 -36.12 14.82
N ARG A 718 -31.35 -35.70 16.06
CA ARG A 718 -32.24 -34.76 16.73
C ARG A 718 -32.46 -33.51 15.89
N ALA A 719 -31.41 -33.02 15.24
CA ALA A 719 -31.54 -31.84 14.40
C ALA A 719 -32.43 -32.12 13.20
N TYR A 720 -32.23 -33.27 12.55
CA TYR A 720 -33.11 -33.66 11.45
C TYR A 720 -34.57 -33.70 11.91
N VAL A 721 -34.84 -34.41 13.00
CA VAL A 721 -36.21 -34.54 13.50
C VAL A 721 -36.79 -33.18 13.83
N SER A 722 -35.97 -32.28 14.37
CA SER A 722 -36.45 -30.97 14.77
C SER A 722 -36.68 -30.03 13.58
N VAL A 723 -35.94 -30.21 12.50
CA VAL A 723 -36.00 -29.25 11.39
C VAL A 723 -36.98 -29.69 10.32
N THR A 724 -37.02 -30.98 9.99
CA THR A 724 -37.88 -31.47 8.92
C THR A 724 -38.33 -32.89 9.29
N LEU A 725 -39.31 -32.96 10.20
CA LEU A 725 -39.85 -34.26 10.60
C LEU A 725 -40.47 -34.98 9.40
N GLU A 726 -41.19 -34.24 8.55
CA GLU A 726 -41.86 -34.85 7.42
C GLU A 726 -40.89 -35.68 6.58
N GLN A 727 -39.76 -35.09 6.20
CA GLN A 727 -38.83 -35.77 5.31
C GLN A 727 -38.17 -36.97 5.99
N VAL A 728 -37.96 -36.92 7.31
CA VAL A 728 -37.41 -38.06 8.00
C VAL A 728 -38.39 -39.23 7.97
N ALA A 729 -39.68 -38.93 8.08
CA ALA A 729 -40.70 -39.98 8.05
C ALA A 729 -40.86 -40.56 6.65
N GLN A 730 -40.93 -39.70 5.63
CA GLN A 730 -41.22 -40.13 4.27
C GLN A 730 -40.03 -40.80 3.59
N TRP A 731 -38.84 -40.77 4.21
CA TRP A 731 -37.69 -41.46 3.65
C TRP A 731 -37.68 -42.92 4.08
N HIS A 732 -37.26 -43.79 3.18
CA HIS A 732 -37.13 -45.21 3.47
C HIS A 732 -35.87 -45.76 2.83
N ASP A 733 -35.32 -46.82 3.43
CA ASP A 733 -34.27 -47.61 2.83
C ASP A 733 -34.91 -48.72 2.00
N GLU A 734 -34.09 -49.62 1.46
CA GLU A 734 -34.62 -50.67 0.59
C GLU A 734 -35.53 -51.64 1.34
N GLN A 735 -35.34 -51.78 2.64
CA GLN A 735 -36.09 -52.74 3.44
C GLN A 735 -37.43 -52.22 3.93
N GLY A 736 -37.76 -50.96 3.68
CA GLY A 736 -38.98 -50.37 4.18
C GLY A 736 -38.80 -49.54 5.44
N HIS A 737 -37.69 -49.72 6.15
CA HIS A 737 -37.43 -48.93 7.35
C HIS A 737 -37.39 -47.45 7.00
N ASN A 738 -38.14 -46.65 7.74
CA ASN A 738 -38.20 -45.21 7.51
C ASN A 738 -37.22 -44.49 8.45
N GLY A 739 -37.21 -43.17 8.37
CA GLY A 739 -36.27 -42.39 9.16
C GLY A 739 -36.51 -42.52 10.66
N LEU A 740 -37.78 -42.36 11.08
CA LEU A 740 -38.08 -42.48 12.50
C LEU A 740 -37.71 -43.85 13.02
N TRP A 741 -37.67 -44.87 12.15
CA TRP A 741 -37.20 -46.18 12.56
C TRP A 741 -35.73 -46.10 12.98
N TYR A 742 -34.90 -45.43 12.18
CA TYR A 742 -33.48 -45.32 12.51
C TYR A 742 -33.26 -44.50 13.77
N VAL A 743 -34.00 -43.39 13.93
CA VAL A 743 -33.93 -42.62 15.15
C VAL A 743 -34.24 -43.52 16.35
N MET A 744 -35.30 -44.33 16.23
CA MET A 744 -35.66 -45.21 17.33
C MET A 744 -34.55 -46.21 17.64
N GLN A 745 -33.94 -46.78 16.61
CA GLN A 745 -32.85 -47.72 16.82
C GLN A 745 -31.67 -47.04 17.52
N VAL A 746 -31.38 -45.79 17.15
CA VAL A 746 -30.29 -45.05 17.81
C VAL A 746 -30.67 -44.74 19.25
N VAL A 747 -31.87 -44.23 19.47
CA VAL A 747 -32.35 -44.00 20.84
C VAL A 747 -32.24 -45.29 21.63
N SER A 748 -32.45 -46.44 20.99
CA SER A 748 -32.32 -47.72 21.68
C SER A 748 -30.86 -47.99 22.05
N GLN A 749 -29.93 -47.75 21.13
CA GLN A 749 -28.53 -48.03 21.41
C GLN A 749 -27.96 -47.07 22.47
N LEU A 750 -28.43 -45.83 22.49
CA LEU A 750 -27.92 -44.87 23.46
C LEU A 750 -28.42 -45.18 24.88
N LEU A 751 -29.64 -45.68 25.00
CA LEU A 751 -30.21 -46.04 26.29
C LEU A 751 -29.91 -47.48 26.69
N ASP A 752 -29.04 -48.16 25.97
CA ASP A 752 -28.76 -49.56 26.24
C ASP A 752 -28.01 -49.69 27.56
N PRO A 753 -28.58 -50.33 28.59
CA PRO A 753 -27.87 -50.46 29.87
C PRO A 753 -26.57 -51.27 29.79
N ARG A 754 -26.33 -51.96 28.67
CA ARG A 754 -25.16 -52.83 28.56
C ARG A 754 -23.91 -52.07 28.11
N THR A 755 -24.07 -50.89 27.51
CA THR A 755 -22.95 -50.10 27.04
C THR A 755 -22.54 -49.08 28.10
N SER A 756 -21.70 -48.13 27.73
CA SER A 756 -21.25 -47.13 28.69
C SER A 756 -22.40 -46.25 29.16
N GLU A 757 -22.19 -45.65 30.34
CA GLU A 757 -23.14 -44.70 30.88
C GLU A 757 -23.26 -43.46 29.99
N PHE A 758 -22.14 -43.04 29.40
CA PHE A 758 -22.09 -41.79 28.67
C PHE A 758 -22.78 -41.83 27.31
N THR A 759 -23.16 -43.00 26.81
CA THR A 759 -23.92 -43.05 25.57
C THR A 759 -25.22 -42.28 25.67
N ALA A 760 -25.72 -42.05 26.89
CA ALA A 760 -26.97 -41.33 27.11
C ALA A 760 -26.76 -39.89 27.55
N ALA A 761 -25.54 -39.36 27.41
CA ALA A 761 -25.26 -38.01 27.90
C ALA A 761 -26.15 -36.96 27.28
N PHE A 762 -26.70 -37.22 26.08
CA PHE A 762 -27.57 -36.28 25.41
C PHE A 762 -28.85 -36.92 24.86
N VAL A 763 -29.05 -38.22 25.08
CA VAL A 763 -30.24 -38.89 24.54
C VAL A 763 -31.51 -38.22 25.07
N GLY A 764 -31.45 -37.62 26.26
CA GLY A 764 -32.62 -36.97 26.80
C GLY A 764 -33.20 -35.92 25.87
N ARG A 765 -32.33 -35.15 25.21
CA ARG A 765 -32.80 -34.15 24.26
C ARG A 765 -33.46 -34.79 23.06
N LEU A 766 -32.87 -35.88 22.55
CA LEU A 766 -33.45 -36.56 21.39
C LEU A 766 -34.85 -37.08 21.70
N VAL A 767 -35.00 -37.77 22.83
CA VAL A 767 -36.30 -38.31 23.21
C VAL A 767 -37.31 -37.20 23.37
N SER A 768 -36.93 -36.12 24.07
CA SER A 768 -37.87 -35.02 24.31
C SER A 768 -38.29 -34.37 23.00
N THR A 769 -37.37 -34.22 22.06
CA THR A 769 -37.71 -33.66 20.75
C THR A 769 -38.55 -34.63 19.95
N LEU A 770 -38.26 -35.93 20.05
CA LEU A 770 -39.04 -36.93 19.32
C LEU A 770 -40.48 -36.97 19.83
N ILE A 771 -40.65 -36.99 21.16
CA ILE A 771 -41.99 -36.93 21.74
C ILE A 771 -42.70 -35.65 21.30
N SER A 772 -41.96 -34.53 21.29
CA SER A 772 -42.57 -33.24 20.99
C SER A 772 -43.02 -33.16 19.54
N LYS A 773 -42.30 -33.82 18.64
CA LYS A 773 -42.61 -33.77 17.21
C LYS A 773 -43.51 -34.93 16.77
N ALA A 774 -43.07 -36.15 17.02
CA ALA A 774 -43.85 -37.33 16.63
C ALA A 774 -44.57 -37.86 17.86
N GLY A 775 -43.98 -38.85 18.52
CA GLY A 775 -44.54 -39.34 19.75
C GLY A 775 -45.81 -40.13 19.52
N ARG A 776 -46.90 -39.43 19.21
CA ARG A 776 -48.14 -40.10 18.84
C ARG A 776 -47.86 -41.12 17.73
N GLU A 777 -47.27 -40.64 16.64
CA GLU A 777 -46.80 -41.51 15.57
C GLU A 777 -45.88 -42.57 16.18
N LEU A 778 -46.29 -43.84 16.08
CA LEU A 778 -45.61 -44.91 16.80
C LEU A 778 -45.63 -44.64 18.30
N GLY A 779 -46.85 -44.73 18.85
CA GLY A 779 -47.10 -44.35 20.24
C GLY A 779 -46.82 -45.41 21.27
N GLU A 780 -46.91 -46.69 20.90
CA GLU A 780 -46.53 -47.75 21.82
C GLU A 780 -45.06 -47.65 22.19
N ASN A 781 -44.24 -47.13 21.26
CA ASN A 781 -42.81 -47.05 21.50
C ASN A 781 -42.47 -46.17 22.69
N LEU A 782 -43.30 -45.16 22.96
CA LEU A 782 -43.02 -44.23 24.05
C LEU A 782 -42.76 -45.00 25.34
N ASP A 783 -43.69 -45.89 25.71
CA ASP A 783 -43.50 -46.69 26.92
C ASP A 783 -42.17 -47.44 26.87
N GLN A 784 -41.90 -48.11 25.74
CA GLN A 784 -40.67 -48.88 25.63
C GLN A 784 -39.43 -48.00 25.80
N ILE A 785 -39.52 -46.72 25.41
CA ILE A 785 -38.40 -45.81 25.62
C ILE A 785 -38.28 -45.46 27.09
N LEU A 786 -39.41 -45.17 27.75
CA LEU A 786 -39.37 -44.82 29.17
C LEU A 786 -38.83 -45.98 30.00
N ARG A 787 -39.26 -47.21 29.69
CA ARG A 787 -38.70 -48.36 30.38
C ARG A 787 -37.20 -48.45 30.15
N ALA A 788 -36.75 -48.08 28.95
CA ALA A 788 -35.31 -48.06 28.66
C ALA A 788 -34.61 -46.94 29.42
N ILE A 789 -35.25 -45.78 29.54
CA ILE A 789 -34.69 -44.68 30.33
C ILE A 789 -34.50 -45.12 31.78
N LEU A 790 -35.55 -45.69 32.37
CA LEU A 790 -35.45 -46.17 33.75
C LEU A 790 -34.31 -47.17 33.91
N SER A 791 -34.28 -48.19 33.04
CA SER A 791 -33.20 -49.17 33.10
C SER A 791 -31.85 -48.51 32.93
N LYS A 792 -31.79 -47.40 32.21
CA LYS A 792 -30.53 -46.69 32.00
C LYS A 792 -30.16 -45.83 33.20
N MET A 793 -31.16 -45.24 33.88
CA MET A 793 -30.89 -44.49 35.10
C MET A 793 -30.29 -45.38 36.17
N GLN A 794 -30.69 -46.66 36.22
CA GLN A 794 -30.12 -47.59 37.20
C GLN A 794 -28.62 -47.74 36.99
N GLN A 795 -28.19 -47.84 35.73
CA GLN A 795 -26.76 -47.95 35.46
C GLN A 795 -26.04 -46.63 35.63
N ALA A 796 -26.69 -45.51 35.34
CA ALA A 796 -26.01 -44.22 35.32
C ALA A 796 -25.70 -43.74 36.72
N GLU A 797 -24.48 -43.24 36.91
CA GLU A 797 -24.02 -42.65 38.15
C GLU A 797 -23.64 -41.18 38.01
N THR A 798 -23.35 -40.72 36.80
CA THR A 798 -22.86 -39.36 36.57
C THR A 798 -24.01 -38.38 36.48
N LEU A 799 -23.76 -37.14 36.93
CA LEU A 799 -24.82 -36.14 36.95
C LEU A 799 -25.31 -35.83 35.55
N SER A 800 -24.38 -35.51 34.64
CA SER A 800 -24.76 -35.09 33.30
C SER A 800 -25.69 -36.11 32.66
N VAL A 801 -25.34 -37.38 32.75
CA VAL A 801 -26.18 -38.43 32.18
C VAL A 801 -27.54 -38.45 32.89
N MET A 802 -27.52 -38.51 34.22
CA MET A 802 -28.76 -38.58 34.98
C MET A 802 -29.66 -37.38 34.66
N GLN A 803 -29.08 -36.19 34.58
CA GLN A 803 -29.88 -35.02 34.23
C GLN A 803 -30.51 -35.16 32.86
N SER A 804 -29.76 -35.66 31.88
CA SER A 804 -30.32 -35.85 30.55
C SER A 804 -31.54 -36.77 30.60
N LEU A 805 -31.44 -37.87 31.34
CA LEU A 805 -32.56 -38.80 31.44
C LEU A 805 -33.70 -38.21 32.26
N ILE A 806 -33.40 -37.71 33.46
CA ILE A 806 -34.45 -37.20 34.33
C ILE A 806 -35.19 -36.05 33.67
N MET A 807 -34.52 -35.31 32.78
CA MET A 807 -35.17 -34.20 32.10
C MET A 807 -36.29 -34.68 31.18
N VAL A 808 -36.23 -35.92 30.71
CA VAL A 808 -37.33 -36.46 29.90
C VAL A 808 -38.63 -36.42 30.69
N PHE A 809 -38.61 -36.95 31.91
CA PHE A 809 -39.80 -36.91 32.75
C PHE A 809 -40.13 -35.50 33.19
N ALA A 810 -39.11 -34.65 33.37
CA ALA A 810 -39.37 -33.26 33.71
C ALA A 810 -40.16 -32.56 32.61
N HIS A 811 -39.86 -32.86 31.34
CA HIS A 811 -40.60 -32.28 30.24
C HIS A 811 -42.04 -32.81 30.21
N LEU A 812 -42.22 -34.10 30.48
CA LEU A 812 -43.55 -34.69 30.45
C LEU A 812 -44.46 -34.15 31.54
N VAL A 813 -43.91 -33.54 32.59
CA VAL A 813 -44.73 -32.95 33.64
C VAL A 813 -45.55 -31.79 33.09
N HIS A 814 -45.06 -31.13 32.03
CA HIS A 814 -45.76 -29.99 31.48
C HIS A 814 -46.81 -30.37 30.42
N THR A 815 -46.76 -31.59 29.89
CA THR A 815 -47.59 -31.97 28.77
C THR A 815 -48.51 -33.13 29.07
N GLN A 816 -48.05 -34.14 29.81
CA GLN A 816 -48.82 -35.33 30.10
C GLN A 816 -48.62 -35.72 31.57
N LEU A 817 -48.99 -34.79 32.46
CA LEU A 817 -48.77 -35.00 33.89
C LEU A 817 -49.47 -36.26 34.38
N GLU A 818 -50.78 -36.38 34.12
CA GLU A 818 -51.53 -37.51 34.66
CA GLU A 818 -51.53 -37.51 34.66
C GLU A 818 -51.13 -38.82 34.00
N PRO A 819 -51.03 -38.92 32.67
CA PRO A 819 -50.55 -40.18 32.09
C PRO A 819 -49.18 -40.60 32.62
N LEU A 820 -48.30 -39.62 32.90
CA LEU A 820 -46.98 -39.95 33.42
C LEU A 820 -47.08 -40.62 34.78
N LEU A 821 -47.79 -40.00 35.72
CA LEU A 821 -47.97 -40.60 37.04
C LEU A 821 -48.64 -41.96 36.93
N GLU A 822 -49.66 -42.07 36.08
CA GLU A 822 -50.29 -43.36 35.82
C GLU A 822 -49.25 -44.36 35.32
N PHE A 823 -48.48 -43.99 34.31
CA PHE A 823 -47.52 -44.93 33.72
C PHE A 823 -46.47 -45.34 34.75
N LEU A 824 -45.93 -44.38 35.50
CA LEU A 824 -44.81 -44.65 36.39
C LEU A 824 -45.24 -45.48 37.60
N CYS A 825 -46.49 -45.36 38.03
CA CYS A 825 -47.00 -46.22 39.09
C CYS A 825 -47.36 -47.62 38.60
N SER A 826 -47.32 -47.86 37.29
CA SER A 826 -47.80 -49.11 36.72
C SER A 826 -46.69 -50.15 36.52
N LEU A 827 -45.48 -49.88 36.97
CA LEU A 827 -44.40 -50.86 36.87
C LEU A 827 -43.43 -50.64 38.01
N PRO A 828 -42.60 -51.64 38.32
CA PRO A 828 -41.69 -51.50 39.46
C PRO A 828 -40.37 -50.85 39.07
N GLY A 829 -39.99 -50.95 37.81
CA GLY A 829 -38.73 -50.44 37.35
C GLY A 829 -37.59 -51.28 37.92
N PRO A 830 -36.42 -50.69 38.04
CA PRO A 830 -35.31 -51.40 38.72
C PRO A 830 -35.36 -51.24 40.22
N THR A 831 -36.54 -51.36 40.81
CA THR A 831 -36.72 -51.18 42.25
C THR A 831 -37.79 -52.14 42.76
N GLY A 832 -37.86 -52.26 44.08
CA GLY A 832 -38.93 -52.98 44.74
C GLY A 832 -40.08 -52.05 45.11
N LYS A 833 -40.12 -50.89 44.51
CA LYS A 833 -41.14 -49.87 44.74
C LYS A 833 -41.65 -49.33 43.42
N PRO A 834 -42.75 -48.56 43.44
CA PRO A 834 -43.22 -47.93 42.19
C PRO A 834 -42.11 -47.15 41.51
N ALA A 835 -42.07 -47.21 40.18
CA ALA A 835 -41.07 -46.47 39.42
C ALA A 835 -41.14 -44.98 39.75
N LEU A 836 -42.33 -44.50 40.11
CA LEU A 836 -42.48 -43.09 40.50
C LEU A 836 -41.65 -42.79 41.74
N GLU A 837 -41.48 -43.76 42.63
CA GLU A 837 -40.59 -43.56 43.77
C GLU A 837 -39.14 -43.48 43.32
N PHE A 838 -38.81 -44.18 42.24
CA PHE A 838 -37.45 -44.20 41.73
C PHE A 838 -37.09 -42.91 41.00
N VAL A 839 -38.00 -42.42 40.16
CA VAL A 839 -37.74 -41.18 39.43
C VAL A 839 -37.62 -40.02 40.40
N MET A 840 -38.56 -39.91 41.35
CA MET A 840 -38.55 -38.79 42.27
C MET A 840 -37.40 -38.89 43.26
N ALA A 841 -36.97 -40.10 43.62
CA ALA A 841 -35.84 -40.24 44.51
C ALA A 841 -34.55 -39.78 43.84
N GLU A 842 -34.34 -40.17 42.58
CA GLU A 842 -33.15 -39.75 41.85
C GLU A 842 -33.23 -38.28 41.46
N TRP A 843 -34.42 -37.80 41.10
CA TRP A 843 -34.59 -36.41 40.68
C TRP A 843 -34.39 -35.46 41.86
N THR A 844 -35.03 -35.72 42.99
CA THR A 844 -34.95 -34.79 44.11
C THR A 844 -33.54 -34.73 44.71
N SER A 845 -32.79 -35.82 44.65
CA SER A 845 -31.45 -35.82 45.21
C SER A 845 -30.41 -35.17 44.31
N ARG A 846 -30.79 -34.81 43.07
CA ARG A 846 -29.87 -34.20 42.12
C ARG A 846 -30.34 -32.85 41.62
N GLN A 847 -31.57 -32.44 41.92
CA GLN A 847 -32.11 -31.19 41.39
C GLN A 847 -31.20 -30.01 41.71
N HIS A 848 -30.55 -30.02 42.87
CA HIS A 848 -29.71 -28.89 43.27
C HIS A 848 -28.43 -28.78 42.46
N LEU A 849 -28.15 -29.74 41.58
CA LEU A 849 -26.94 -29.74 40.78
C LEU A 849 -27.18 -29.50 39.29
N PHE A 850 -28.43 -29.46 38.85
CA PHE A 850 -28.72 -29.28 37.44
C PHE A 850 -28.19 -27.95 36.95
N TYR A 851 -27.57 -27.97 35.77
CA TYR A 851 -26.98 -26.79 35.15
C TYR A 851 -27.62 -26.54 33.80
N GLY A 852 -27.94 -25.28 33.54
CA GLY A 852 -28.61 -24.89 32.32
C GLY A 852 -29.77 -23.95 32.61
N GLN A 853 -29.72 -22.76 32.01
CA GLN A 853 -30.79 -21.79 32.23
C GLN A 853 -32.13 -22.36 31.76
N TYR A 854 -32.13 -23.04 30.61
CA TYR A 854 -33.36 -23.64 30.11
C TYR A 854 -33.72 -24.88 30.92
N GLU A 855 -32.79 -25.83 31.02
CA GLU A 855 -33.06 -27.04 31.79
C GLU A 855 -33.45 -26.72 33.23
N GLY A 856 -33.01 -25.58 33.74
CA GLY A 856 -33.39 -25.18 35.09
C GLY A 856 -34.85 -24.79 35.21
N LYS A 857 -35.35 -24.00 34.26
CA LYS A 857 -36.75 -23.58 34.29
C LYS A 857 -37.68 -24.78 34.13
N VAL A 858 -37.40 -25.64 33.15
CA VAL A 858 -38.23 -26.82 32.92
C VAL A 858 -38.32 -27.65 34.20
N SER A 859 -37.18 -27.88 34.85
CA SER A 859 -37.18 -28.70 36.06
C SER A 859 -37.80 -27.96 37.23
N SER A 860 -37.55 -26.64 37.33
CA SER A 860 -38.07 -25.89 38.47
C SER A 860 -39.59 -25.88 38.49
N VAL A 861 -40.21 -25.39 37.41
CA VAL A 861 -41.67 -25.30 37.40
C VAL A 861 -42.30 -26.68 37.38
N ALA A 862 -41.63 -27.66 36.77
CA ALA A 862 -42.12 -29.04 36.85
C ALA A 862 -42.26 -29.48 38.30
N LEU A 863 -41.30 -29.11 39.16
CA LEU A 863 -41.41 -29.41 40.58
C LEU A 863 -42.53 -28.61 41.23
N CYS A 864 -42.71 -27.35 40.80
CA CYS A 864 -43.83 -26.58 41.29
C CYS A 864 -45.16 -27.23 40.92
N LYS A 865 -45.26 -27.73 39.68
CA LYS A 865 -46.49 -28.36 39.24
C LYS A 865 -46.71 -29.70 39.93
N LEU A 866 -45.63 -30.46 40.14
CA LEU A 866 -45.75 -31.68 40.93
C LEU A 866 -46.24 -31.38 42.33
N LEU A 867 -45.75 -30.28 42.92
CA LEU A 867 -46.17 -29.90 44.26
C LEU A 867 -47.59 -29.33 44.24
N GLN A 868 -47.92 -28.56 43.20
CA GLN A 868 -49.26 -27.98 43.11
C GLN A 868 -50.32 -29.05 42.90
N HIS A 869 -49.98 -30.12 42.16
CA HIS A 869 -50.94 -31.18 41.90
C HIS A 869 -51.13 -32.08 43.11
N GLY A 870 -50.03 -32.45 43.77
CA GLY A 870 -50.11 -33.29 44.95
C GLY A 870 -50.88 -32.68 46.10
N ILE A 871 -51.15 -31.38 46.06
CA ILE A 871 -51.87 -30.69 47.12
C ILE A 871 -53.31 -30.37 46.71
N ASN A 872 -53.49 -29.70 45.58
CA ASN A 872 -54.85 -29.37 45.13
C ASN A 872 -55.68 -30.63 44.95
N ALA A 873 -55.10 -31.64 44.32
CA ALA A 873 -55.63 -32.99 44.41
C ALA A 873 -55.00 -33.64 45.63
N ASP A 874 -55.52 -34.80 46.01
CA ASP A 874 -54.92 -35.57 47.09
C ASP A 874 -54.18 -36.76 46.50
N ASP A 875 -53.47 -36.52 45.40
CA ASP A 875 -52.73 -37.57 44.72
C ASP A 875 -51.75 -38.16 45.73
N LYS A 876 -52.16 -39.27 46.34
CA LYS A 876 -51.37 -39.94 47.35
C LYS A 876 -50.24 -40.76 46.76
N ARG A 877 -50.21 -40.90 45.43
CA ARG A 877 -49.05 -41.48 44.76
C ARG A 877 -47.81 -40.63 44.98
N LEU A 878 -48.00 -39.32 45.14
CA LEU A 878 -46.91 -38.40 45.44
C LEU A 878 -46.70 -38.24 46.95
N GLN A 879 -47.79 -37.97 47.68
CA GLN A 879 -47.69 -37.72 49.12
C GLN A 879 -47.00 -38.87 49.84
N ASP A 880 -47.47 -40.09 49.60
CA ASP A 880 -47.00 -41.24 50.39
C ASP A 880 -45.54 -41.58 50.16
N ILE A 881 -44.83 -40.85 49.31
CA ILE A 881 -43.43 -41.14 49.01
C ILE A 881 -42.55 -40.39 49.99
N ARG A 882 -41.45 -41.03 50.39
CA ARG A 882 -40.45 -40.43 51.26
C ARG A 882 -39.09 -40.50 50.57
N VAL A 883 -38.29 -39.46 50.77
CA VAL A 883 -36.99 -39.32 50.13
C VAL A 883 -35.99 -38.78 51.14
N LYS A 884 -34.71 -38.78 50.76
CA LYS A 884 -33.70 -38.10 51.53
C LYS A 884 -34.03 -36.60 51.59
N GLY A 885 -33.71 -35.99 52.72
CA GLY A 885 -34.01 -34.58 52.92
C GLY A 885 -32.78 -33.71 52.98
N GLU A 886 -32.10 -33.72 54.12
CA GLU A 886 -30.90 -32.92 54.33
C GLU A 886 -29.93 -33.71 55.20
N GLU A 887 -28.68 -33.28 55.19
CA GLU A 887 -27.70 -33.71 56.18
C GLU A 887 -27.62 -32.65 57.26
N ILE A 888 -27.67 -33.08 58.52
CA ILE A 888 -27.61 -32.19 59.67
C ILE A 888 -26.17 -32.13 60.13
N TYR A 889 -25.56 -30.95 60.00
CA TYR A 889 -24.17 -30.73 60.38
C TYR A 889 -24.08 -29.72 61.50
N SER A 890 -23.02 -29.82 62.29
CA SER A 890 -22.76 -28.85 63.34
C SER A 890 -22.06 -27.62 62.77
N MET A 891 -22.30 -26.47 63.39
CA MET A 891 -21.66 -25.23 62.97
C MET A 891 -20.36 -24.95 63.72
N ASP A 892 -20.16 -25.60 64.87
CA ASP A 892 -18.95 -25.40 65.67
C ASP A 892 -17.92 -26.50 65.44
N GLU A 893 -17.94 -27.11 64.26
CA GLU A 893 -16.96 -28.13 63.89
C GLU A 893 -16.22 -27.67 62.63
N GLY A 894 -14.96 -28.08 62.53
CA GLY A 894 -14.12 -27.66 61.44
C GLY A 894 -14.49 -28.25 60.10
N ILE A 895 -13.48 -28.55 59.29
CA ILE A 895 -13.68 -29.07 57.94
C ILE A 895 -14.06 -30.55 58.04
N ARG A 896 -15.21 -30.91 57.45
CA ARG A 896 -15.71 -32.27 57.51
C ARG A 896 -15.09 -33.07 56.36
N THR A 897 -14.03 -33.80 56.65
CA THR A 897 -13.36 -34.62 55.65
C THR A 897 -14.02 -35.98 55.55
N ARG A 898 -13.71 -36.68 54.45
CA ARG A 898 -14.28 -38.00 54.20
C ARG A 898 -14.04 -38.94 55.37
N SER A 899 -12.88 -38.83 56.01
CA SER A 899 -12.60 -39.67 57.17
C SER A 899 -13.51 -39.31 58.33
N LYS A 900 -13.84 -38.03 58.48
CA LYS A 900 -14.79 -37.60 59.50
C LYS A 900 -16.23 -38.02 59.18
N SER A 901 -16.48 -38.47 57.95
CA SER A 901 -17.82 -38.87 57.54
C SER A 901 -18.09 -40.36 57.78
N ALA A 902 -17.06 -41.20 57.77
CA ALA A 902 -17.21 -42.62 58.03
C ALA A 902 -17.14 -42.97 59.52
N LYS A 903 -16.76 -42.01 60.36
CA LYS A 903 -16.68 -42.20 61.80
C LYS A 903 -17.96 -41.75 62.51
N ASN A 904 -19.05 -41.57 61.77
CA ASN A 904 -20.31 -41.11 62.35
C ASN A 904 -21.50 -41.85 61.75
N TRP A 908 -28.73 -38.12 57.79
CA TRP A 908 -29.60 -37.67 56.71
C TRP A 908 -31.07 -37.90 57.04
N THR A 909 -31.86 -36.84 56.96
CA THR A 909 -33.27 -36.95 57.29
C THR A 909 -34.03 -37.64 56.14
N ASN A 910 -35.17 -38.22 56.49
CA ASN A 910 -36.07 -38.87 55.55
C ASN A 910 -37.43 -38.21 55.69
N ILE A 911 -37.89 -37.55 54.63
CA ILE A 911 -39.04 -36.66 54.74
C ILE A 911 -40.03 -36.88 53.61
N PRO A 912 -41.25 -36.36 53.72
CA PRO A 912 -42.22 -36.50 52.63
C PRO A 912 -41.71 -35.85 51.35
N LEU A 913 -42.02 -36.49 50.22
CA LEU A 913 -41.57 -36.00 48.92
C LEU A 913 -41.96 -34.53 48.72
N LEU A 914 -43.21 -34.19 49.06
CA LEU A 914 -43.69 -32.84 48.82
C LEU A 914 -42.92 -31.81 49.64
N VAL A 915 -42.47 -32.18 50.84
CA VAL A 915 -41.65 -31.27 51.63
C VAL A 915 -40.30 -31.07 50.95
N LYS A 916 -39.66 -32.16 50.52
CA LYS A 916 -38.38 -32.05 49.82
C LYS A 916 -38.52 -31.21 48.57
N ILE A 917 -39.64 -31.35 47.85
CA ILE A 917 -39.85 -30.56 46.63
C ILE A 917 -39.99 -29.09 46.99
N LEU A 918 -40.76 -28.77 48.03
CA LEU A 918 -40.88 -27.39 48.46
C LEU A 918 -39.52 -26.79 48.75
N LYS A 919 -38.62 -27.57 49.34
CA LYS A 919 -37.29 -27.06 49.65
C LYS A 919 -36.48 -26.82 48.39
N LEU A 920 -36.52 -27.77 47.45
CA LEU A 920 -35.79 -27.59 46.19
C LEU A 920 -36.26 -26.34 45.47
N ILE A 921 -37.57 -26.06 45.52
CA ILE A 921 -38.08 -24.84 44.90
C ILE A 921 -37.49 -23.62 45.60
N ILE A 922 -37.48 -23.62 46.93
CA ILE A 922 -36.89 -22.51 47.67
C ILE A 922 -35.41 -22.37 47.31
N ASN A 923 -34.75 -23.49 46.99
CA ASN A 923 -33.34 -23.41 46.61
C ASN A 923 -33.19 -22.81 45.22
N GLU A 924 -34.05 -23.19 44.28
CA GLU A 924 -34.00 -22.61 42.95
C GLU A 924 -34.25 -21.11 42.99
N LEU A 925 -35.07 -20.65 43.93
CA LEU A 925 -35.26 -19.22 44.11
C LEU A 925 -33.98 -18.56 44.62
N SER A 926 -33.31 -19.20 45.59
CA SER A 926 -32.06 -18.68 46.10
C SER A 926 -31.03 -18.53 44.98
N ASN A 927 -30.83 -19.58 44.19
CA ASN A 927 -29.81 -19.53 43.14
C ASN A 927 -30.16 -18.53 42.06
N VAL A 928 -31.45 -18.34 41.79
CA VAL A 928 -31.84 -17.38 40.75
C VAL A 928 -31.76 -15.95 41.27
N MET A 929 -31.99 -15.74 42.58
CA MET A 929 -31.80 -14.42 43.15
C MET A 929 -30.33 -14.03 43.15
N GLU A 930 -29.47 -14.96 43.58
CA GLU A 930 -28.03 -14.67 43.62
C GLU A 930 -27.46 -14.46 42.23
N ALA A 931 -28.03 -15.11 41.22
CA ALA A 931 -27.53 -14.96 39.86
C ALA A 931 -27.96 -13.63 39.24
N ASN A 932 -29.13 -13.11 39.62
CA ASN A 932 -29.55 -11.82 39.12
C ASN A 932 -28.91 -10.67 39.90
N ALA A 933 -28.75 -10.84 41.21
CA ALA A 933 -28.13 -9.81 42.04
C ALA A 933 -26.65 -9.62 41.76
N ALA A 934 -26.08 -10.37 40.82
CA ALA A 934 -24.68 -10.22 40.46
C ALA A 934 -24.54 -9.31 39.25
N ASP A 997 -39.79 -26.22 24.80
CA ASP A 997 -41.02 -25.64 25.33
C ASP A 997 -40.93 -24.11 25.35
N PRO A 998 -42.08 -23.43 25.38
CA PRO A 998 -42.09 -21.96 25.41
C PRO A 998 -41.93 -21.34 26.78
N LEU A 999 -41.71 -22.13 27.84
CA LEU A 999 -41.43 -21.59 29.17
C LEU A 999 -40.24 -20.63 29.17
N TYR A 1000 -39.45 -20.61 28.10
CA TYR A 1000 -38.24 -19.82 27.99
C TYR A 1000 -38.38 -18.38 28.48
N GLN A 1001 -39.53 -17.75 28.24
CA GLN A 1001 -39.67 -16.32 28.49
C GLN A 1001 -40.07 -16.00 29.93
N ILE A 1002 -40.53 -17.00 30.69
CA ILE A 1002 -41.00 -16.74 32.05
C ILE A 1002 -39.83 -16.30 32.91
N ASP A 1003 -40.03 -15.22 33.65
CA ASP A 1003 -39.06 -14.79 34.67
C ASP A 1003 -39.12 -15.79 35.81
N LEU A 1004 -38.13 -16.67 35.89
CA LEU A 1004 -38.15 -17.72 36.89
C LEU A 1004 -38.27 -17.13 38.29
N GLN A 1005 -37.56 -16.05 38.57
CA GLN A 1005 -37.63 -15.42 39.88
C GLN A 1005 -39.06 -14.95 40.19
N ALA A 1006 -39.72 -14.35 39.20
CA ALA A 1006 -41.10 -13.89 39.42
C ALA A 1006 -42.04 -15.06 39.60
N TYR A 1007 -41.93 -16.10 38.75
CA TYR A 1007 -42.81 -17.25 38.85
C TYR A 1007 -42.62 -17.96 40.18
N LEU A 1008 -41.38 -18.27 40.55
CA LEU A 1008 -41.12 -18.92 41.83
C LEU A 1008 -41.60 -18.06 42.98
N THR A 1009 -41.34 -16.75 42.91
CA THR A 1009 -41.87 -15.84 43.91
C THR A 1009 -43.40 -15.92 43.96
N ASP A 1010 -44.04 -15.94 42.80
CA ASP A 1010 -45.50 -16.02 42.76
C ASP A 1010 -45.99 -17.34 43.35
N PHE A 1011 -45.31 -18.44 43.02
CA PHE A 1011 -45.75 -19.75 43.50
C PHE A 1011 -45.66 -19.83 45.02
N LEU A 1012 -44.58 -19.33 45.60
CA LEU A 1012 -44.35 -19.51 47.04
C LEU A 1012 -45.30 -18.65 47.87
N CYS A 1013 -45.56 -17.41 47.44
CA CYS A 1013 -46.47 -16.56 48.20
C CYS A 1013 -47.87 -17.16 48.25
N GLN A 1014 -48.36 -17.66 47.12
CA GLN A 1014 -49.66 -18.32 47.11
C GLN A 1014 -49.62 -19.63 47.88
N PHE A 1015 -48.49 -20.34 47.85
CA PHE A 1015 -48.40 -21.62 48.54
C PHE A 1015 -48.40 -21.43 50.05
N ALA A 1016 -47.76 -20.37 50.54
CA ALA A 1016 -47.62 -20.17 51.97
C ALA A 1016 -48.96 -19.88 52.66
N GLN A 1017 -49.99 -19.50 51.91
CA GLN A 1017 -51.29 -19.20 52.50
C GLN A 1017 -52.24 -20.39 52.49
N GLN A 1018 -51.91 -21.46 51.77
CA GLN A 1018 -52.75 -22.64 51.80
C GLN A 1018 -52.65 -23.30 53.18
N PRO A 1019 -53.71 -23.97 53.63
CA PRO A 1019 -53.70 -24.49 55.01
C PRO A 1019 -52.64 -25.54 55.26
N CYS A 1020 -52.11 -26.18 54.21
CA CYS A 1020 -51.08 -27.20 54.40
C CYS A 1020 -49.74 -26.62 54.83
N TYR A 1021 -49.49 -25.33 54.53
CA TYR A 1021 -48.20 -24.73 54.81
C TYR A 1021 -47.84 -24.79 56.29
N ILE A 1022 -48.83 -24.91 57.17
CA ILE A 1022 -48.58 -24.86 58.62
C ILE A 1022 -47.54 -25.91 59.00
N MET A 1023 -47.73 -27.15 58.54
CA MET A 1023 -46.81 -28.23 58.86
C MET A 1023 -45.65 -28.34 57.88
N PHE A 1024 -45.74 -27.69 56.71
CA PHE A 1024 -44.60 -27.61 55.81
C PHE A 1024 -43.51 -26.70 56.39
N SER A 1025 -43.90 -25.56 56.97
CA SER A 1025 -42.93 -24.61 57.48
C SER A 1025 -42.04 -25.24 58.54
N GLY A 1026 -42.61 -26.02 59.45
CA GLY A 1026 -41.85 -26.66 60.50
C GLY A 1026 -40.67 -27.45 59.99
N HIS A 1027 -40.73 -27.89 58.74
CA HIS A 1027 -39.67 -28.68 58.13
C HIS A 1027 -38.55 -27.85 57.53
N LEU A 1028 -38.75 -26.55 57.37
CA LEU A 1028 -37.75 -25.71 56.72
C LEU A 1028 -36.65 -25.33 57.72
N ASN A 1029 -35.41 -25.29 57.23
CA ASN A 1029 -34.28 -24.89 58.04
C ASN A 1029 -34.07 -23.38 57.97
N ASP A 1030 -33.09 -22.88 58.72
CA ASP A 1030 -32.90 -21.44 58.87
C ASP A 1030 -32.66 -20.77 57.53
N ASN A 1031 -31.72 -21.31 56.74
CA ASN A 1031 -31.40 -20.68 55.46
C ASN A 1031 -32.62 -20.63 54.54
N GLU A 1032 -33.40 -21.70 54.50
CA GLU A 1032 -34.60 -21.70 53.66
C GLU A 1032 -35.62 -20.69 54.16
N ARG A 1033 -35.79 -20.57 55.48
CA ARG A 1033 -36.73 -19.59 56.03
C ARG A 1033 -36.26 -18.17 55.71
N ARG A 1034 -34.95 -17.92 55.77
CA ARG A 1034 -34.41 -16.61 55.41
C ARG A 1034 -34.83 -16.23 54.00
N VAL A 1035 -34.73 -17.15 53.06
CA VAL A 1035 -35.08 -16.86 51.67
C VAL A 1035 -36.56 -16.47 51.57
N LEU A 1036 -37.41 -17.09 52.39
CA LEU A 1036 -38.85 -16.80 52.34
C LEU A 1036 -39.18 -15.45 52.97
N GLN A 1037 -38.41 -15.00 53.96
CA GLN A 1037 -38.62 -13.67 54.53
C GLN A 1037 -38.18 -12.59 53.55
N THR A 1038 -37.17 -12.87 52.73
CA THR A 1038 -36.76 -11.96 51.67
C THR A 1038 -37.89 -11.66 50.69
N ILE A 1039 -38.95 -12.47 50.69
CA ILE A 1039 -40.03 -12.33 49.73
C ILE A 1039 -41.37 -11.98 50.38
N GLY A 1040 -41.55 -12.17 51.68
CA GLY A 1040 -42.80 -11.85 52.32
C GLY A 1040 -42.84 -12.26 53.78
N THR B 17 -12.61 -10.28 58.27
CA THR B 17 -13.92 -10.67 58.78
C THR B 17 -14.77 -11.35 57.71
N ARG B 18 -14.48 -11.07 56.44
CA ARG B 18 -15.27 -11.66 55.36
C ARG B 18 -15.14 -13.18 55.37
N SER B 19 -13.91 -13.68 55.48
CA SER B 19 -13.71 -15.12 55.64
C SER B 19 -14.22 -15.61 56.99
N SER B 20 -14.17 -14.76 58.03
CA SER B 20 -14.58 -15.19 59.35
C SER B 20 -16.07 -15.48 59.42
N ARG B 21 -16.90 -14.64 58.80
CA ARG B 21 -18.33 -14.90 58.78
C ARG B 21 -18.71 -15.97 57.76
N ALA B 22 -17.75 -16.47 56.97
CA ALA B 22 -17.94 -17.67 56.18
C ALA B 22 -17.35 -18.91 56.85
N GLY B 23 -16.77 -18.75 58.05
CA GLY B 23 -16.18 -19.87 58.75
C GLY B 23 -14.98 -20.48 58.04
N LEU B 24 -14.19 -19.66 57.37
CA LEU B 24 -13.11 -20.14 56.53
C LEU B 24 -11.78 -19.53 56.96
N GLN B 25 -10.72 -20.34 56.89
CA GLN B 25 -9.37 -19.84 57.05
C GLN B 25 -8.87 -19.21 55.75
N PHE B 26 -9.21 -19.81 54.61
CA PHE B 26 -8.72 -19.33 53.33
C PHE B 26 -9.32 -17.96 53.01
N PRO B 27 -8.66 -17.19 52.14
CA PRO B 27 -9.08 -15.79 51.94
C PRO B 27 -10.16 -15.63 50.89
N VAL B 28 -11.39 -15.38 51.31
CA VAL B 28 -12.48 -15.14 50.37
C VAL B 28 -12.18 -13.91 49.52
N GLY B 29 -11.62 -12.87 50.14
CA GLY B 29 -11.39 -11.62 49.42
C GLY B 29 -10.41 -11.79 48.27
N ARG B 30 -9.25 -12.38 48.54
CA ARG B 30 -8.25 -12.53 47.49
C ARG B 30 -8.74 -13.44 46.37
N VAL B 31 -9.47 -14.51 46.72
CA VAL B 31 -10.05 -15.36 45.68
C VAL B 31 -10.99 -14.55 44.79
N HIS B 32 -11.75 -13.63 45.39
CA HIS B 32 -12.67 -12.81 44.62
C HIS B 32 -11.92 -11.99 43.58
N ARG B 33 -10.81 -11.36 43.99
CA ARG B 33 -10.06 -10.50 43.08
C ARG B 33 -9.35 -11.33 42.01
N LEU B 34 -8.86 -12.51 42.37
CA LEU B 34 -8.22 -13.37 41.37
C LEU B 34 -9.22 -13.76 40.28
N LEU B 35 -10.48 -13.97 40.66
CA LEU B 35 -11.51 -14.24 39.67
C LEU B 35 -11.76 -13.03 38.78
N ARG B 36 -11.94 -11.85 39.40
CA ARG B 36 -12.21 -10.65 38.62
C ARG B 36 -11.01 -10.27 37.76
N LYS B 37 -9.80 -10.33 38.34
CA LYS B 37 -8.60 -9.93 37.62
C LYS B 37 -8.31 -10.85 36.43
N GLY B 38 -8.90 -12.05 36.41
CA GLY B 38 -8.72 -12.95 35.30
C GLY B 38 -9.76 -12.76 34.21
N ASN B 39 -9.43 -13.22 32.99
CA ASN B 39 -10.37 -13.19 31.87
C ASN B 39 -11.31 -14.38 31.93
N TYR B 40 -11.95 -14.59 33.08
CA TYR B 40 -12.88 -15.70 33.26
C TYR B 40 -14.31 -15.28 32.94
N ALA B 41 -14.82 -14.29 33.67
CA ALA B 41 -16.12 -13.72 33.41
C ALA B 41 -16.08 -12.25 33.74
N GLU B 42 -17.13 -11.53 33.37
CA GLU B 42 -17.22 -10.09 33.60
C GLU B 42 -18.15 -9.74 34.75
N ARG B 43 -18.67 -10.73 35.46
CA ARG B 43 -19.48 -10.51 36.65
C ARG B 43 -19.31 -11.71 37.57
N VAL B 44 -19.18 -11.45 38.86
CA VAL B 44 -18.96 -12.50 39.86
C VAL B 44 -19.74 -12.15 41.11
N GLY B 45 -20.53 -13.10 41.60
CA GLY B 45 -21.29 -12.88 42.81
C GLY B 45 -20.44 -13.02 44.06
N ALA B 46 -20.93 -12.40 45.15
CA ALA B 46 -20.25 -12.51 46.43
C ALA B 46 -20.18 -13.94 46.94
N GLY B 47 -21.12 -14.80 46.50
CA GLY B 47 -21.13 -16.17 46.96
C GLY B 47 -20.15 -17.08 46.26
N ALA B 48 -19.62 -16.65 45.10
CA ALA B 48 -18.67 -17.51 44.39
C ALA B 48 -17.36 -17.64 45.14
N PRO B 49 -16.68 -16.55 45.53
CA PRO B 49 -15.41 -16.73 46.28
C PRO B 49 -15.59 -17.47 47.58
N VAL B 50 -16.73 -17.31 48.25
CA VAL B 50 -16.98 -18.03 49.50
C VAL B 50 -16.99 -19.53 49.23
N TYR B 51 -17.80 -19.96 48.27
CA TYR B 51 -17.88 -21.38 47.93
C TYR B 51 -16.53 -21.91 47.49
N LEU B 52 -15.90 -21.23 46.52
CA LEU B 52 -14.62 -21.69 46.00
C LEU B 52 -13.56 -21.74 47.11
N ALA B 53 -13.54 -20.73 47.99
CA ALA B 53 -12.56 -20.72 49.06
C ALA B 53 -12.73 -21.92 49.98
N ALA B 54 -13.99 -22.27 50.32
CA ALA B 54 -14.24 -23.42 51.15
C ALA B 54 -13.79 -24.71 50.46
N VAL B 55 -13.89 -24.76 49.13
CA VAL B 55 -13.45 -25.95 48.39
C VAL B 55 -11.94 -26.06 48.42
N LEU B 56 -11.24 -24.98 48.07
CA LEU B 56 -9.79 -24.97 48.19
C LEU B 56 -9.35 -25.36 49.61
N GLU B 57 -10.03 -24.79 50.62
CA GLU B 57 -9.69 -25.11 52.00
C GLU B 57 -10.01 -26.56 52.34
N TYR B 58 -11.11 -27.09 51.79
CA TYR B 58 -11.47 -28.48 52.06
C TYR B 58 -10.45 -29.44 51.45
N LEU B 59 -9.94 -29.11 50.25
CA LEU B 59 -9.00 -30.00 49.59
C LEU B 59 -7.66 -30.02 50.32
N THR B 60 -7.16 -28.86 50.74
CA THR B 60 -5.89 -28.85 51.48
C THR B 60 -6.03 -29.58 52.81
N ALA B 61 -7.19 -29.49 53.44
CA ALA B 61 -7.41 -30.23 54.69
C ALA B 61 -7.41 -31.73 54.43
N GLU B 62 -7.93 -32.15 53.29
CA GLU B 62 -7.96 -33.57 52.97
C GLU B 62 -6.55 -34.08 52.65
N ILE B 63 -5.76 -33.29 51.94
CA ILE B 63 -4.40 -33.70 51.60
C ILE B 63 -3.50 -33.65 52.83
N LEU B 64 -3.58 -32.56 53.59
CA LEU B 64 -2.75 -32.45 54.80
C LEU B 64 -3.10 -33.53 55.81
N GLU B 65 -4.38 -33.89 55.91
CA GLU B 65 -4.78 -34.94 56.84
C GLU B 65 -4.11 -36.26 56.49
N LEU B 66 -4.17 -36.66 55.21
CA LEU B 66 -3.60 -37.94 54.81
C LEU B 66 -2.08 -37.88 54.76
N ALA B 67 -1.51 -36.74 54.36
CA ALA B 67 -0.06 -36.61 54.33
C ALA B 67 0.52 -36.57 55.74
N GLY B 68 -0.17 -35.89 56.66
CA GLY B 68 0.25 -35.93 58.05
C GLY B 68 0.02 -37.30 58.67
N ASN B 69 -1.05 -37.98 58.28
CA ASN B 69 -1.26 -39.35 58.71
C ASN B 69 -0.08 -40.23 58.31
N ALA B 70 0.37 -40.11 57.06
CA ALA B 70 1.50 -40.90 56.60
C ALA B 70 2.77 -40.55 57.37
N ALA B 71 2.97 -39.26 57.66
CA ALA B 71 4.13 -38.85 58.45
C ALA B 71 4.04 -39.40 59.86
N ARG B 72 2.85 -39.38 60.45
CA ARG B 72 2.67 -39.96 61.78
C ARG B 72 2.87 -41.46 61.77
N ASP B 73 2.53 -42.12 60.65
CA ASP B 73 2.69 -43.56 60.55
C ASP B 73 4.15 -43.98 60.50
N ASN B 74 5.05 -43.06 60.15
CA ASN B 74 6.49 -43.29 60.23
C ASN B 74 7.12 -42.61 61.44
N LYS B 75 6.30 -42.26 62.44
CA LYS B 75 6.74 -41.53 63.63
C LYS B 75 7.64 -40.36 63.23
N LYS B 76 7.16 -39.59 62.26
CA LYS B 76 7.76 -38.33 61.87
C LYS B 76 6.80 -37.22 62.30
N THR B 77 7.35 -36.02 62.49
CA THR B 77 6.57 -34.87 62.93
C THR B 77 6.48 -33.78 61.87
N ARG B 78 7.09 -33.99 60.71
CA ARG B 78 7.13 -32.98 59.66
C ARG B 78 6.62 -33.59 58.36
N ILE B 79 5.75 -32.87 57.67
CA ILE B 79 5.31 -33.25 56.33
C ILE B 79 6.37 -32.83 55.33
N ILE B 80 6.82 -33.77 54.52
CA ILE B 80 7.80 -33.48 53.46
C ILE B 80 7.18 -33.87 52.12
N PRO B 81 7.79 -33.47 50.99
CA PRO B 81 7.15 -33.73 49.69
C PRO B 81 6.77 -35.19 49.45
N ARG B 82 7.54 -36.14 49.98
CA ARG B 82 7.17 -37.55 49.80
C ARG B 82 5.87 -37.89 50.50
N HIS B 83 5.59 -37.25 51.64
CA HIS B 83 4.35 -37.54 52.37
C HIS B 83 3.13 -37.07 51.58
N LEU B 84 3.20 -35.88 50.97
CA LEU B 84 2.16 -35.46 50.06
C LEU B 84 1.99 -36.45 48.92
N GLN B 85 3.13 -36.92 48.37
CA GLN B 85 3.07 -37.88 47.27
C GLN B 85 2.36 -39.15 47.67
N LEU B 86 2.66 -39.69 48.85
CA LEU B 86 2.00 -40.91 49.30
C LEU B 86 0.52 -40.68 49.53
N ALA B 87 0.16 -39.58 50.19
CA ALA B 87 -1.23 -39.28 50.48
C ALA B 87 -2.06 -39.27 49.20
N VAL B 88 -1.54 -38.62 48.16
CA VAL B 88 -2.30 -38.50 46.90
C VAL B 88 -2.44 -39.85 46.23
N ARG B 89 -1.32 -40.54 45.99
CA ARG B 89 -1.36 -41.77 45.22
C ARG B 89 -2.12 -42.87 45.96
N ASN B 90 -1.91 -43.00 47.27
CA ASN B 90 -2.56 -44.05 48.03
C ASN B 90 -4.05 -43.78 48.28
N ASP B 91 -4.60 -42.69 47.76
CA ASP B 91 -6.02 -42.39 47.84
C ASP B 91 -6.58 -42.32 46.42
N GLU B 92 -7.56 -43.17 46.13
CA GLU B 92 -8.05 -43.30 44.77
C GLU B 92 -8.56 -41.97 44.21
N GLU B 93 -9.38 -41.26 44.99
CA GLU B 93 -10.01 -40.05 44.47
C GLU B 93 -9.00 -38.91 44.33
N LEU B 94 -8.10 -38.74 45.30
CA LEU B 94 -7.10 -37.69 45.17
C LEU B 94 -6.13 -37.99 44.03
N ASN B 95 -5.80 -39.27 43.84
CA ASN B 95 -4.98 -39.64 42.69
C ASN B 95 -5.72 -39.34 41.40
N LYS B 96 -7.00 -39.69 41.33
CA LYS B 96 -7.80 -39.41 40.15
C LYS B 96 -7.88 -37.91 39.91
N LEU B 97 -7.98 -37.12 40.97
CA LEU B 97 -8.14 -35.68 40.81
C LEU B 97 -6.86 -35.04 40.28
N LEU B 98 -5.69 -35.51 40.72
CA LEU B 98 -4.46 -34.82 40.35
C LEU B 98 -3.99 -35.16 38.94
N GLY B 99 -4.43 -36.28 38.37
CA GLY B 99 -4.10 -36.56 36.99
C GLY B 99 -4.80 -35.60 36.04
N ARG B 100 -6.09 -35.30 36.31
CA ARG B 100 -6.82 -34.41 35.43
C ARG B 100 -6.39 -32.95 35.60
N VAL B 101 -5.86 -32.59 36.77
CA VAL B 101 -5.47 -31.19 37.01
C VAL B 101 -4.04 -30.90 36.58
N THR B 102 -3.19 -31.91 36.41
CA THR B 102 -1.83 -31.68 35.98
C THR B 102 -1.74 -31.73 34.46
N LYS C 26 7.63 -18.92 33.18
CA LYS C 26 7.84 -18.52 34.57
C LYS C 26 7.37 -17.08 34.77
N ARG C 27 6.13 -16.82 34.36
CA ARG C 27 5.52 -15.50 34.45
C ARG C 27 4.86 -15.31 35.81
N ARG C 28 4.07 -14.26 35.95
CA ARG C 28 3.37 -13.96 37.19
C ARG C 28 1.98 -13.38 36.89
N ARG C 31 1.86 -20.17 39.28
CA ARG C 31 2.28 -20.02 40.67
C ARG C 31 2.25 -18.55 41.07
N LYS C 32 1.10 -17.92 40.88
CA LYS C 32 0.96 -16.49 41.10
C LYS C 32 0.79 -16.15 42.58
N GLU C 33 -0.09 -16.88 43.26
CA GLU C 33 -0.52 -16.52 44.60
C GLU C 33 0.23 -17.32 45.65
N SER C 34 0.29 -16.75 46.85
CA SER C 34 0.92 -17.38 48.01
C SER C 34 -0.17 -17.69 49.03
N TYR C 35 -0.54 -18.97 49.14
CA TYR C 35 -1.50 -19.42 50.13
C TYR C 35 -0.83 -20.05 51.34
N ALA C 36 0.49 -19.90 51.48
CA ALA C 36 1.24 -20.62 52.51
C ALA C 36 0.65 -20.36 53.90
N ILE C 37 0.38 -19.10 54.22
CA ILE C 37 -0.10 -18.79 55.56
C ILE C 37 -1.46 -19.44 55.82
N TYR C 38 -2.25 -19.66 54.77
CA TYR C 38 -3.56 -20.29 54.94
C TYR C 38 -3.45 -21.81 54.96
N VAL C 39 -2.59 -22.37 54.13
CA VAL C 39 -2.27 -23.79 54.24
C VAL C 39 -1.81 -24.11 55.66
N TYR C 40 -1.04 -23.19 56.25
CA TYR C 40 -0.48 -23.42 57.58
C TYR C 40 -1.58 -23.44 58.64
N LYS C 41 -2.54 -22.52 58.55
CA LYS C 41 -3.66 -22.52 59.48
C LYS C 41 -4.43 -23.83 59.42
N VAL C 42 -4.81 -24.26 58.21
CA VAL C 42 -5.55 -25.50 58.06
C VAL C 42 -4.75 -26.68 58.58
N LEU C 43 -3.42 -26.64 58.43
CA LEU C 43 -2.58 -27.72 58.96
C LEU C 43 -2.72 -27.81 60.47
N LYS C 44 -2.79 -26.66 61.16
CA LYS C 44 -2.85 -26.64 62.61
C LYS C 44 -4.24 -26.98 63.16
N GLN C 45 -5.21 -27.24 62.30
CA GLN C 45 -6.50 -27.76 62.73
C GLN C 45 -6.58 -29.28 62.59
N VAL C 46 -6.08 -29.84 61.49
CA VAL C 46 -6.11 -31.27 61.29
C VAL C 46 -5.00 -31.97 62.08
N HIS C 47 -3.84 -31.33 62.18
CA HIS C 47 -2.69 -31.89 62.89
C HIS C 47 -1.96 -30.77 63.61
N PRO C 48 -2.42 -30.40 64.81
CA PRO C 48 -1.82 -29.26 65.50
C PRO C 48 -0.36 -29.42 65.87
N ASP C 49 0.14 -30.65 66.01
CA ASP C 49 1.50 -30.89 66.45
C ASP C 49 2.43 -31.32 65.32
N THR C 50 1.99 -31.18 64.07
CA THR C 50 2.78 -31.57 62.90
C THR C 50 3.16 -30.35 62.10
N GLY C 51 4.41 -30.32 61.61
CA GLY C 51 4.89 -29.25 60.78
C GLY C 51 4.96 -29.65 59.31
N ILE C 52 5.36 -28.68 58.49
CA ILE C 52 5.47 -28.88 57.05
C ILE C 52 6.72 -28.15 56.56
N SER C 53 7.52 -28.82 55.72
CA SER C 53 8.77 -28.27 55.24
C SER C 53 8.53 -27.28 54.10
N SER C 54 9.57 -26.50 53.79
CA SER C 54 9.46 -25.46 52.78
C SER C 54 9.05 -26.04 51.43
N LYS C 55 9.66 -27.15 51.02
CA LYS C 55 9.35 -27.73 49.72
C LYS C 55 7.93 -28.30 49.71
N ALA C 56 7.50 -28.92 50.82
CA ALA C 56 6.14 -29.41 50.90
C ALA C 56 5.12 -28.27 50.80
N MET C 57 5.37 -27.18 51.54
CA MET C 57 4.48 -26.03 51.46
C MET C 57 4.42 -25.47 50.04
N SER C 58 5.58 -25.36 49.37
CA SER C 58 5.59 -24.85 48.01
C SER C 58 4.77 -25.73 47.08
N ILE C 59 4.79 -27.05 47.31
CA ILE C 59 3.98 -27.95 46.50
C ILE C 59 2.50 -27.71 46.77
N MET C 60 2.12 -27.58 48.04
CA MET C 60 0.75 -27.27 48.37
C MET C 60 0.30 -25.97 47.72
N ASN C 61 1.16 -24.95 47.74
CA ASN C 61 0.81 -23.67 47.14
C ASN C 61 0.61 -23.82 45.64
N SER C 62 1.46 -24.60 44.98
CA SER C 62 1.28 -24.87 43.56
C SER C 62 -0.02 -25.63 43.32
N PHE C 63 -0.30 -26.63 44.15
CA PHE C 63 -1.53 -27.40 44.00
C PHE C 63 -2.76 -26.52 44.13
N VAL C 64 -2.82 -25.72 45.21
CA VAL C 64 -3.97 -24.84 45.40
C VAL C 64 -4.11 -23.89 44.21
N ASN C 65 -2.99 -23.35 43.73
CA ASN C 65 -3.04 -22.45 42.57
C ASN C 65 -3.56 -23.17 41.33
N ASP C 66 -3.23 -24.46 41.16
CA ASP C 66 -3.67 -25.19 39.98
C ASP C 66 -5.17 -25.49 40.06
N VAL C 67 -5.64 -25.99 41.20
CA VAL C 67 -7.05 -26.30 41.36
C VAL C 67 -7.90 -25.06 41.17
N PHE C 68 -7.38 -23.89 41.57
CA PHE C 68 -8.10 -22.65 41.35
C PHE C 68 -8.24 -22.35 39.86
N GLU C 69 -7.12 -22.40 39.13
CA GLU C 69 -7.14 -22.08 37.71
C GLU C 69 -7.97 -23.07 36.91
N ARG C 70 -8.12 -24.32 37.39
CA ARG C 70 -8.94 -25.28 36.68
C ARG C 70 -10.43 -25.06 36.96
N ILE C 71 -10.77 -24.81 38.23
CA ILE C 71 -12.16 -24.46 38.56
C ILE C 71 -12.53 -23.14 37.91
N ALA C 72 -11.55 -22.24 37.76
CA ALA C 72 -11.78 -20.96 37.08
C ALA C 72 -11.81 -21.10 35.56
N GLY C 73 -11.42 -22.25 35.02
CA GLY C 73 -11.52 -22.49 33.60
C GLY C 73 -12.85 -23.13 33.24
N GLU C 74 -13.27 -24.12 34.03
CA GLU C 74 -14.56 -24.77 33.80
C GLU C 74 -15.71 -23.83 34.13
N ALA C 75 -15.71 -23.26 35.34
CA ALA C 75 -16.74 -22.31 35.72
C ALA C 75 -16.81 -21.13 34.77
N SER C 76 -15.73 -20.84 34.04
CA SER C 76 -15.73 -19.75 33.07
C SER C 76 -16.38 -20.17 31.76
N ARG C 77 -15.93 -21.29 31.19
CA ARG C 77 -16.50 -21.76 29.93
C ARG C 77 -17.97 -22.12 30.09
N LEU C 78 -18.39 -22.50 31.31
CA LEU C 78 -19.78 -22.87 31.54
C LEU C 78 -20.72 -21.68 31.63
N ALA C 79 -20.22 -20.52 32.03
CA ALA C 79 -21.09 -19.35 32.15
C ALA C 79 -21.76 -18.98 30.84
N HIS C 80 -21.28 -19.52 29.72
CA HIS C 80 -21.91 -19.32 28.42
C HIS C 80 -23.03 -20.33 28.19
N TYR C 81 -22.87 -21.57 28.67
CA TYR C 81 -23.93 -22.55 28.61
C TYR C 81 -25.11 -22.17 29.50
N ASN C 82 -24.98 -21.15 30.32
CA ASN C 82 -26.02 -20.79 31.29
C ASN C 82 -26.35 -19.31 31.18
N SER C 85 -22.35 -15.21 30.90
CA SER C 85 -21.11 -14.75 31.52
C SER C 85 -21.40 -14.13 32.89
N THR C 86 -21.65 -14.99 33.88
CA THR C 86 -21.93 -14.54 35.23
C THR C 86 -21.69 -15.72 36.17
N ILE C 87 -20.58 -15.67 36.92
CA ILE C 87 -20.19 -16.78 37.79
C ILE C 87 -20.75 -16.54 39.18
N THR C 88 -21.32 -17.58 39.77
CA THR C 88 -21.89 -17.52 41.11
C THR C 88 -21.64 -18.87 41.78
N SER C 89 -22.20 -19.05 42.97
CA SER C 89 -22.01 -20.29 43.71
C SER C 89 -22.53 -21.50 42.94
N ARG C 90 -23.34 -21.29 41.91
CA ARG C 90 -23.88 -22.41 41.14
C ARG C 90 -22.89 -22.93 40.10
N GLU C 91 -22.18 -22.04 39.42
CA GLU C 91 -21.30 -22.42 38.32
C GLU C 91 -19.94 -22.89 38.79
N ILE C 92 -19.49 -22.49 39.99
CA ILE C 92 -18.29 -23.11 40.54
C ILE C 92 -18.62 -24.40 41.26
N GLN C 93 -19.79 -24.49 41.91
CA GLN C 93 -20.25 -25.77 42.42
C GLN C 93 -20.34 -26.80 41.29
N THR C 94 -20.79 -26.37 40.12
CA THR C 94 -20.88 -27.28 38.98
C THR C 94 -19.49 -27.69 38.51
N ALA C 95 -18.62 -26.70 38.26
CA ALA C 95 -17.25 -27.01 37.88
C ALA C 95 -16.55 -27.83 38.93
N VAL C 96 -16.98 -27.73 40.19
CA VAL C 96 -16.38 -28.54 41.25
C VAL C 96 -16.77 -30.00 41.10
N ARG C 97 -17.99 -30.25 40.60
CA ARG C 97 -18.45 -31.62 40.41
C ARG C 97 -18.00 -32.22 39.07
N LEU C 98 -17.82 -31.39 38.05
CA LEU C 98 -17.23 -31.86 36.82
C LEU C 98 -15.81 -32.38 37.05
N LEU C 99 -15.12 -31.80 38.03
CA LEU C 99 -13.71 -32.04 38.26
C LEU C 99 -13.42 -32.97 39.43
N LEU C 100 -14.16 -32.86 40.53
CA LEU C 100 -13.83 -33.71 41.68
C LEU C 100 -14.55 -35.05 41.57
N PRO C 101 -13.88 -36.17 41.91
CA PRO C 101 -14.55 -37.47 41.78
C PRO C 101 -15.10 -38.02 43.08
N GLY C 102 -16.29 -38.59 43.01
CA GLY C 102 -16.81 -39.36 44.12
C GLY C 102 -17.03 -38.51 45.36
N GLU C 103 -16.54 -39.02 46.49
CA GLU C 103 -16.79 -38.38 47.78
C GLU C 103 -16.11 -37.02 47.89
N LEU C 104 -14.92 -36.87 47.32
CA LEU C 104 -14.30 -35.55 47.30
C LEU C 104 -15.26 -34.50 46.76
N ALA C 105 -16.02 -34.85 45.72
CA ALA C 105 -16.98 -33.93 45.15
C ALA C 105 -18.15 -33.69 46.10
N LYS C 106 -18.63 -34.75 46.75
CA LYS C 106 -19.75 -34.60 47.69
C LYS C 106 -19.35 -33.75 48.88
N HIS C 107 -18.25 -34.13 49.54
CA HIS C 107 -17.81 -33.38 50.72
C HIS C 107 -17.46 -31.93 50.36
N ALA C 108 -16.83 -31.74 49.19
CA ALA C 108 -16.52 -30.38 48.74
C ALA C 108 -17.78 -29.53 48.68
N VAL C 109 -18.83 -30.05 48.03
CA VAL C 109 -20.09 -29.32 47.96
C VAL C 109 -20.70 -29.16 49.34
N SER C 110 -20.51 -30.15 50.23
CA SER C 110 -21.01 -30.03 51.59
C SER C 110 -20.32 -28.88 52.32
N GLU C 111 -18.99 -28.80 52.19
CA GLU C 111 -18.24 -27.72 52.82
C GLU C 111 -18.48 -26.39 52.11
N GLY C 112 -18.69 -26.43 50.80
CA GLY C 112 -18.95 -25.20 50.07
C GLY C 112 -20.29 -24.58 50.42
N THR C 113 -21.36 -25.39 50.36
CA THR C 113 -22.69 -24.86 50.64
C THR C 113 -22.81 -24.41 52.10
N LYS C 114 -22.11 -25.08 53.01
CA LYS C 114 -22.12 -24.63 54.40
C LYS C 114 -21.47 -23.26 54.54
N ALA C 115 -20.46 -22.97 53.73
CA ALA C 115 -19.81 -21.67 53.79
C ALA C 115 -20.75 -20.57 53.32
N VAL C 116 -21.37 -20.76 52.14
CA VAL C 116 -22.27 -19.74 51.62
C VAL C 116 -23.44 -19.52 52.56
N THR C 117 -23.96 -20.61 53.15
CA THR C 117 -25.07 -20.49 54.09
C THR C 117 -24.71 -19.60 55.27
N LYS C 118 -23.59 -19.92 55.93
CA LYS C 118 -23.16 -19.09 57.06
C LYS C 118 -22.76 -17.69 56.61
N TYR C 119 -22.29 -17.56 55.36
CA TYR C 119 -21.88 -16.26 54.85
C TYR C 119 -23.08 -15.34 54.66
N THR C 120 -24.25 -15.89 54.35
CA THR C 120 -25.46 -15.10 54.15
C THR C 120 -26.36 -15.07 55.38
N SER C 121 -25.94 -15.68 56.48
CA SER C 121 -26.76 -15.69 57.70
C SER C 121 -26.59 -14.37 58.44
N GLY D 15 41.77 67.07 -47.31
CA GLY D 15 41.44 68.48 -47.22
C GLY D 15 41.64 69.07 -45.85
N PRO D 16 41.62 70.40 -45.74
CA PRO D 16 41.85 71.02 -44.42
C PRO D 16 40.65 70.88 -43.49
N VAL D 17 39.43 70.95 -44.03
CA VAL D 17 38.25 70.82 -43.18
C VAL D 17 38.10 69.38 -42.70
N ALA D 18 38.64 68.41 -43.44
CA ALA D 18 38.60 67.03 -42.99
C ALA D 18 39.60 66.79 -41.86
N GLN D 19 40.83 67.29 -42.01
CA GLN D 19 41.82 67.15 -40.95
C GLN D 19 41.34 67.78 -39.66
N GLY D 20 40.56 68.87 -39.74
CA GLY D 20 40.01 69.46 -38.55
C GLY D 20 38.87 68.66 -37.95
N LEU D 21 38.11 67.95 -38.80
CA LEU D 21 37.04 67.10 -38.31
C LEU D 21 37.58 65.80 -37.73
N LYS D 22 38.72 65.32 -38.20
CA LYS D 22 39.33 64.15 -37.58
C LYS D 22 39.91 64.49 -36.21
N GLU D 23 40.53 65.67 -36.10
CA GLU D 23 41.01 66.14 -34.80
C GLU D 23 39.84 66.30 -33.83
N ALA D 24 38.69 66.76 -34.31
CA ALA D 24 37.51 66.87 -33.46
C ALA D 24 37.09 65.51 -32.94
N LEU D 25 37.02 64.51 -33.83
CA LEU D 25 36.67 63.16 -33.41
C LEU D 25 37.61 62.68 -32.31
N VAL D 26 38.92 62.81 -32.53
CA VAL D 26 39.90 62.37 -31.54
C VAL D 26 39.61 63.01 -30.19
N ASP D 27 39.25 64.30 -30.18
CA ASP D 27 38.97 64.98 -28.92
C ASP D 27 37.70 64.44 -28.27
N THR D 28 36.69 64.12 -29.07
CA THR D 28 35.44 63.59 -28.52
C THR D 28 35.63 62.17 -28.00
N LEU D 29 36.43 61.36 -28.69
CA LEU D 29 36.72 60.01 -28.24
C LEU D 29 37.48 60.01 -26.94
N THR D 30 38.52 60.86 -26.85
CA THR D 30 39.25 61.03 -25.61
C THR D 30 38.36 61.59 -24.50
N GLY D 31 37.26 62.26 -24.87
CA GLY D 31 36.36 62.79 -23.86
C GLY D 31 35.39 61.79 -23.29
N ILE D 32 34.93 60.83 -24.12
CA ILE D 32 34.02 59.81 -23.63
C ILE D 32 34.75 58.84 -22.71
N LEU D 33 36.08 58.78 -22.80
CA LEU D 33 36.88 57.92 -21.95
C LEU D 33 37.49 58.66 -20.76
N SER D 34 36.84 59.72 -20.32
CA SER D 34 37.41 60.56 -19.26
C SER D 34 36.68 60.33 -17.96
N PRO D 35 37.34 60.53 -16.81
CA PRO D 35 36.65 60.33 -15.54
C PRO D 35 35.59 61.39 -15.26
N VAL D 36 35.82 62.62 -15.67
CA VAL D 36 34.87 63.70 -15.41
C VAL D 36 33.66 63.53 -16.32
N GLN D 37 32.48 63.32 -15.72
CA GLN D 37 31.27 63.15 -16.50
C GLN D 37 30.90 64.42 -17.25
N GLU D 38 31.30 65.59 -16.73
CA GLU D 38 31.06 66.84 -17.43
C GLU D 38 31.73 66.83 -18.80
N VAL D 39 32.81 66.05 -18.95
CA VAL D 39 33.48 65.89 -20.24
C VAL D 39 32.84 64.79 -21.07
N ARG D 40 32.40 63.71 -20.42
CA ARG D 40 31.78 62.60 -21.15
C ARG D 40 30.40 62.98 -21.66
N ALA D 41 29.66 63.80 -20.90
CA ALA D 41 28.36 64.27 -21.36
C ALA D 41 28.52 65.24 -22.53
N ALA D 42 29.53 66.11 -22.48
CA ALA D 42 29.82 66.98 -23.61
C ALA D 42 30.24 66.15 -24.82
N ALA D 43 31.20 65.25 -24.64
CA ALA D 43 31.63 64.38 -25.74
C ALA D 43 30.46 63.58 -26.30
N GLU D 44 29.49 63.22 -25.47
CA GLU D 44 28.32 62.51 -25.98
C GLU D 44 27.51 63.39 -26.92
N GLU D 45 27.19 64.61 -26.50
CA GLU D 45 26.47 65.53 -27.36
C GLU D 45 27.27 65.86 -28.61
N GLN D 46 28.59 65.92 -28.49
CA GLN D 46 29.43 66.21 -29.65
C GLN D 46 29.35 65.09 -30.68
N ILE D 47 29.60 63.84 -30.26
CA ILE D 47 29.60 62.73 -31.20
C ILE D 47 28.22 62.51 -31.81
N LYS D 48 27.15 62.99 -31.14
CA LYS D 48 25.84 62.98 -31.78
C LYS D 48 25.81 63.81 -33.05
N VAL D 49 26.74 64.76 -33.19
CA VAL D 49 26.82 65.60 -34.39
C VAL D 49 27.78 65.00 -35.41
N LEU D 50 28.94 64.52 -34.94
CA LEU D 50 29.90 63.90 -35.85
C LEU D 50 29.28 62.74 -36.62
N GLU D 51 28.26 62.08 -36.05
CA GLU D 51 27.65 60.93 -36.71
C GLU D 51 27.11 61.30 -38.08
N VAL D 52 26.74 62.56 -38.30
CA VAL D 52 26.13 62.99 -39.55
C VAL D 52 27.14 63.60 -40.51
N THR D 53 28.42 63.63 -40.16
CA THR D 53 29.45 64.09 -41.09
C THR D 53 29.80 62.98 -42.09
N GLU D 54 30.25 63.39 -43.28
CA GLU D 54 30.48 62.42 -44.35
C GLU D 54 31.59 61.44 -44.00
N GLU D 55 32.67 61.91 -43.39
CA GLU D 55 33.83 61.08 -43.13
C GLU D 55 33.89 60.58 -41.69
N PHE D 56 32.76 60.54 -40.99
CA PHE D 56 32.73 59.96 -39.64
C PHE D 56 33.26 58.54 -39.66
N GLY D 57 32.79 57.72 -40.59
CA GLY D 57 33.26 56.34 -40.68
C GLY D 57 34.68 56.25 -41.19
N VAL D 58 35.07 57.14 -42.11
CA VAL D 58 36.43 57.11 -42.66
C VAL D 58 37.44 57.36 -41.54
N HIS D 59 37.24 58.43 -40.77
CA HIS D 59 38.18 58.74 -39.69
C HIS D 59 38.15 57.69 -38.61
N LEU D 60 36.96 57.13 -38.31
CA LEU D 60 36.90 56.01 -37.38
C LEU D 60 37.74 54.84 -37.89
N ALA D 61 37.69 54.57 -39.20
CA ALA D 61 38.50 53.49 -39.76
C ALA D 61 39.99 53.78 -39.60
N GLU D 62 40.40 55.01 -39.92
CA GLU D 62 41.82 55.37 -39.80
C GLU D 62 42.29 55.28 -38.35
N LEU D 63 41.44 55.68 -37.40
CA LEU D 63 41.84 55.64 -36.00
C LEU D 63 42.00 54.21 -35.50
N THR D 64 41.20 53.26 -36.02
CA THR D 64 41.31 51.88 -35.59
C THR D 64 42.44 51.15 -36.31
N VAL D 65 42.70 51.51 -37.57
CA VAL D 65 43.66 50.78 -38.39
C VAL D 65 45.09 51.20 -38.09
N ASP D 66 45.31 52.49 -37.81
CA ASP D 66 46.67 52.98 -37.56
C ASP D 66 47.27 52.20 -36.40
N PRO D 67 48.33 51.42 -36.63
CA PRO D 67 48.84 50.55 -35.57
C PRO D 67 49.62 51.25 -34.47
N GLN D 68 49.92 52.54 -34.62
CA GLN D 68 50.70 53.28 -33.64
C GLN D 68 49.84 54.08 -32.67
N GLY D 69 48.51 54.08 -32.85
CA GLY D 69 47.65 54.86 -32.01
C GLY D 69 47.41 54.27 -30.63
N ALA D 70 46.79 55.07 -29.77
CA ALA D 70 46.53 54.65 -28.40
C ALA D 70 45.42 53.61 -28.36
N LEU D 71 45.67 52.51 -27.68
CA LEU D 71 44.74 51.38 -27.65
C LEU D 71 43.36 51.82 -27.17
N ALA D 72 43.29 52.74 -26.21
CA ALA D 72 42.00 53.13 -25.67
C ALA D 72 41.16 53.88 -26.69
N ILE D 73 41.81 54.60 -27.61
CA ILE D 73 41.09 55.29 -28.67
C ILE D 73 40.75 54.31 -29.79
N ARG D 74 41.72 53.47 -30.16
CA ARG D 74 41.47 52.47 -31.19
C ARG D 74 40.33 51.55 -30.77
N GLN D 75 40.39 51.01 -29.56
CA GLN D 75 39.33 50.14 -29.10
C GLN D 75 38.00 50.88 -29.11
N LEU D 76 37.98 52.13 -28.63
CA LEU D 76 36.73 52.86 -28.63
C LEU D 76 36.29 53.20 -30.06
N ALA D 77 37.22 53.61 -30.91
CA ALA D 77 36.85 53.91 -32.28
C ALA D 77 36.36 52.67 -33.02
N SER D 78 36.89 51.50 -32.68
CA SER D 78 36.51 50.27 -33.37
C SER D 78 35.07 49.89 -33.04
N VAL D 79 34.65 50.06 -31.79
CA VAL D 79 33.27 49.72 -31.45
C VAL D 79 32.32 50.65 -32.18
N ILE D 80 32.66 51.94 -32.27
CA ILE D 80 31.77 52.88 -32.93
C ILE D 80 31.84 52.70 -34.44
N LEU D 81 32.99 52.28 -34.95
CA LEU D 81 33.09 51.96 -36.37
C LEU D 81 32.14 50.83 -36.72
N LYS D 82 32.11 49.79 -35.89
CA LYS D 82 31.22 48.65 -36.14
C LYS D 82 29.76 49.07 -36.08
N GLN D 83 29.38 49.83 -35.04
CA GLN D 83 28.00 50.29 -34.95
C GLN D 83 27.66 51.24 -36.09
N TYR D 84 28.65 51.99 -36.59
CA TYR D 84 28.40 52.89 -37.70
C TYR D 84 28.08 52.13 -38.98
N VAL D 85 28.90 51.13 -39.31
CA VAL D 85 28.67 50.34 -40.52
C VAL D 85 27.30 49.68 -40.46
N GLU D 86 26.93 49.14 -39.29
CA GLU D 86 25.67 48.43 -39.16
C GLU D 86 24.47 49.35 -39.39
N THR D 87 24.60 50.62 -39.02
CA THR D 87 23.46 51.54 -39.03
C THR D 87 23.50 52.58 -40.13
N HIS D 88 24.64 52.79 -40.80
CA HIS D 88 24.75 53.82 -41.83
C HIS D 88 25.12 53.30 -43.21
N TRP D 89 25.61 52.07 -43.35
CA TRP D 89 26.20 51.67 -44.62
C TRP D 89 25.14 51.51 -45.70
N CYS D 90 23.98 50.95 -45.36
CA CYS D 90 22.92 50.70 -46.33
C CYS D 90 21.64 51.37 -45.90
N ALA D 91 21.02 52.13 -46.81
CA ALA D 91 19.78 52.84 -46.52
C ALA D 91 18.60 51.91 -46.34
N GLN D 92 18.67 50.68 -46.86
CA GLN D 92 17.58 49.73 -46.74
C GLN D 92 17.75 48.81 -45.52
N SER D 93 18.76 49.03 -44.70
CA SER D 93 18.94 48.26 -43.48
C SER D 93 17.75 48.44 -42.54
N GLU D 94 17.59 47.48 -41.63
CA GLU D 94 16.45 47.53 -40.72
C GLU D 94 16.61 48.68 -39.71
N LYS D 95 17.76 48.74 -39.04
CA LYS D 95 18.04 49.78 -38.05
C LYS D 95 18.87 50.91 -38.64
N PHE D 96 18.43 51.41 -39.80
CA PHE D 96 19.18 52.42 -40.54
C PHE D 96 19.03 53.80 -39.93
N ARG D 97 20.15 54.54 -39.88
CA ARG D 97 20.19 55.91 -39.40
C ARG D 97 20.81 56.78 -40.49
N PRO D 98 20.08 57.75 -41.05
CA PRO D 98 20.71 58.62 -42.05
C PRO D 98 21.82 59.43 -41.41
N PRO D 99 22.81 59.88 -42.19
CA PRO D 99 22.93 59.69 -43.65
C PRO D 99 23.63 58.41 -44.04
N GLU D 100 23.22 57.83 -45.18
CA GLU D 100 23.90 56.65 -45.70
C GLU D 100 25.33 57.03 -46.08
N THR D 101 26.27 56.13 -45.78
CA THR D 101 27.65 56.33 -46.17
C THR D 101 27.73 56.62 -47.66
N THR D 102 28.43 57.70 -48.00
CA THR D 102 28.54 58.10 -49.40
C THR D 102 29.50 57.18 -50.15
N GLU D 103 29.32 57.12 -51.47
CA GLU D 103 30.17 56.26 -52.29
C GLU D 103 31.64 56.62 -52.13
N ARG D 104 31.97 57.92 -52.09
CA ARG D 104 33.35 58.32 -51.84
C ARG D 104 33.85 57.75 -50.52
N ALA D 105 33.02 57.83 -49.47
CA ALA D 105 33.44 57.31 -48.17
C ALA D 105 33.57 55.80 -48.18
N LYS D 106 32.63 55.10 -48.81
CA LYS D 106 32.71 53.65 -48.90
C LYS D 106 34.00 53.22 -49.58
N ILE D 107 34.32 53.85 -50.72
CA ILE D 107 35.56 53.53 -51.44
C ILE D 107 36.75 53.62 -50.51
N VAL D 108 36.83 54.71 -49.73
CA VAL D 108 37.96 54.92 -48.84
C VAL D 108 37.97 53.85 -47.75
N ILE D 109 36.83 53.63 -47.11
CA ILE D 109 36.77 52.66 -46.02
C ILE D 109 37.09 51.25 -46.54
N ARG D 110 36.59 50.91 -47.73
CA ARG D 110 36.91 49.62 -48.30
C ARG D 110 38.40 49.48 -48.58
N GLU D 111 39.07 50.57 -48.91
CA GLU D 111 40.51 50.54 -49.14
C GLU D 111 41.31 50.52 -47.85
N LEU D 112 40.74 50.97 -46.74
CA LEU D 112 41.49 51.09 -45.49
C LEU D 112 41.37 49.83 -44.62
N LEU D 113 40.13 49.39 -44.37
CA LEU D 113 39.92 48.33 -43.38
C LEU D 113 40.72 47.07 -43.67
N PRO D 114 40.83 46.57 -44.90
CA PRO D 114 41.61 45.34 -45.12
C PRO D 114 42.96 45.34 -44.42
N ASN D 115 43.71 46.45 -44.52
CA ASN D 115 45.01 46.51 -43.87
C ASN D 115 44.90 46.27 -42.36
N GLY D 116 43.75 46.58 -41.77
CA GLY D 116 43.56 46.39 -40.34
C GLY D 116 43.45 44.95 -39.91
N LEU D 117 43.28 44.02 -40.84
CA LEU D 117 43.25 42.60 -40.51
C LEU D 117 44.62 42.05 -40.17
N ARG D 118 45.69 42.77 -40.48
CA ARG D 118 47.05 42.40 -40.08
C ARG D 118 47.43 42.94 -38.72
N GLU D 119 46.50 43.61 -38.02
CA GLU D 119 46.80 44.21 -36.74
C GLU D 119 47.33 43.17 -35.76
N SER D 120 48.30 43.57 -34.93
CA SER D 120 48.88 42.65 -33.96
C SER D 120 47.90 42.34 -32.84
N ILE D 121 47.25 43.38 -32.31
CA ILE D 121 46.32 43.20 -31.20
C ILE D 121 45.09 42.47 -31.69
N SER D 122 44.69 41.43 -30.95
CA SER D 122 43.61 40.57 -31.40
C SER D 122 42.25 41.27 -31.30
N LYS D 123 42.02 42.01 -30.22
CA LYS D 123 40.71 42.64 -30.03
C LYS D 123 40.40 43.60 -31.17
N VAL D 124 41.39 44.36 -31.62
CA VAL D 124 41.18 45.29 -32.73
C VAL D 124 41.08 44.55 -34.05
N ARG D 125 41.91 43.52 -34.25
CA ARG D 125 41.81 42.73 -35.46
C ARG D 125 40.42 42.10 -35.59
N SER D 126 39.86 41.65 -34.47
CA SER D 126 38.52 41.05 -34.50
C SER D 126 37.47 42.12 -34.80
N SER D 127 37.60 43.31 -34.20
CA SER D 127 36.66 44.38 -34.50
C SER D 127 36.73 44.77 -35.97
N VAL D 128 37.95 44.90 -36.51
CA VAL D 128 38.10 45.19 -37.93
C VAL D 128 37.45 44.10 -38.77
N ALA D 129 37.61 42.84 -38.35
CA ALA D 129 37.00 41.74 -39.10
C ALA D 129 35.49 41.81 -39.06
N TYR D 130 34.92 42.13 -37.89
CA TYR D 130 33.47 42.27 -37.78
C TYR D 130 32.96 43.36 -38.74
N ALA D 131 33.70 44.47 -38.84
CA ALA D 131 33.26 45.57 -39.69
C ALA D 131 33.36 45.20 -41.16
N VAL D 132 34.42 44.48 -41.55
CA VAL D 132 34.58 44.09 -42.94
C VAL D 132 33.44 43.16 -43.36
N SER D 133 33.03 42.25 -42.48
CA SER D 133 31.92 41.36 -42.80
C SER D 133 30.62 42.13 -42.92
N ALA D 134 30.41 43.12 -42.03
CA ALA D 134 29.21 43.95 -42.13
C ALA D 134 29.12 44.63 -43.49
N ILE D 135 30.26 45.14 -43.99
CA ILE D 135 30.26 45.74 -45.31
C ILE D 135 30.00 44.69 -46.38
N ALA D 136 30.68 43.55 -46.29
CA ALA D 136 30.54 42.51 -47.31
C ALA D 136 29.10 42.02 -47.41
N HIS D 137 28.37 42.02 -46.30
CA HIS D 137 26.96 41.60 -46.33
C HIS D 137 26.19 42.41 -47.37
N TRP D 138 26.51 43.69 -47.51
CA TRP D 138 25.82 44.57 -48.45
C TRP D 138 26.55 44.72 -49.78
N ASP D 139 27.88 44.70 -49.78
CA ASP D 139 28.64 45.10 -50.95
C ASP D 139 29.17 43.93 -51.78
N TRP D 140 29.16 42.72 -51.25
CA TRP D 140 29.64 41.60 -52.07
C TRP D 140 28.50 41.04 -52.93
N PRO D 141 28.74 40.76 -54.21
CA PRO D 141 29.96 40.94 -55.01
C PRO D 141 29.95 42.19 -55.87
N GLU D 142 28.82 42.90 -55.88
CA GLU D 142 28.62 43.97 -56.85
C GLU D 142 29.51 45.17 -56.55
N ALA D 143 29.56 45.59 -55.29
CA ALA D 143 30.27 46.80 -54.90
C ALA D 143 31.68 46.53 -54.40
N TRP D 144 32.08 45.27 -54.21
CA TRP D 144 33.41 44.94 -53.71
C TRP D 144 33.88 43.64 -54.37
N PRO D 145 34.08 43.66 -55.70
CA PRO D 145 34.35 42.40 -56.40
C PRO D 145 35.70 41.79 -56.08
N GLN D 146 36.66 42.59 -55.64
CA GLN D 146 38.01 42.10 -55.36
C GLN D 146 38.19 41.71 -53.90
N LEU D 147 37.12 41.66 -53.12
CA LEU D 147 37.24 41.31 -51.71
C LEU D 147 37.78 39.90 -51.53
N PHE D 148 37.35 38.96 -52.38
CA PHE D 148 37.76 37.57 -52.22
C PHE D 148 39.25 37.39 -52.50
N ASN D 149 39.69 37.72 -53.72
CA ASN D 149 41.12 37.65 -54.03
C ASN D 149 41.95 38.45 -53.04
N LEU D 150 41.35 39.45 -52.40
CA LEU D 150 42.06 40.25 -51.41
C LEU D 150 42.27 39.48 -50.12
N LEU D 151 41.30 38.65 -49.73
CA LEU D 151 41.45 37.81 -48.53
C LEU D 151 42.34 36.61 -48.82
N MET D 152 42.26 36.04 -50.02
CA MET D 152 43.14 34.94 -50.39
C MET D 152 44.61 35.33 -50.23
N GLU D 153 44.97 36.54 -50.65
CA GLU D 153 46.35 36.99 -50.50
C GLU D 153 46.79 36.94 -49.04
N MET D 154 45.90 37.32 -48.12
CA MET D 154 46.26 37.34 -46.71
C MET D 154 46.51 35.93 -46.17
N LEU D 155 45.87 34.92 -46.75
CA LEU D 155 46.13 33.54 -46.32
C LEU D 155 47.51 33.08 -46.77
N VAL D 156 47.83 33.31 -48.04
CA VAL D 156 49.09 32.81 -48.60
C VAL D 156 50.26 33.71 -48.29
N SER D 157 50.05 34.78 -47.51
CA SER D 157 51.15 35.56 -46.97
C SER D 157 51.75 34.84 -45.78
N GLY D 158 52.95 35.28 -45.38
CA GLY D 158 53.61 34.73 -44.22
C GLY D 158 53.25 35.38 -42.92
N ASP D 159 52.30 36.32 -42.94
CA ASP D 159 51.91 37.07 -41.74
C ASP D 159 50.84 36.27 -41.01
N LEU D 160 51.17 35.79 -39.80
CA LEU D 160 50.24 34.96 -39.05
C LEU D 160 49.04 35.76 -38.56
N ASN D 161 49.22 37.05 -38.31
CA ASN D 161 48.09 37.90 -37.94
C ASN D 161 47.16 38.10 -39.12
N ALA D 162 47.69 38.05 -40.34
CA ALA D 162 46.86 38.24 -41.53
C ALA D 162 45.94 37.05 -41.76
N VAL D 163 46.42 35.83 -41.54
CA VAL D 163 45.55 34.68 -41.73
C VAL D 163 44.49 34.63 -40.63
N HIS D 164 44.85 35.04 -39.41
CA HIS D 164 43.86 35.09 -38.34
C HIS D 164 42.71 36.02 -38.68
N GLY D 165 43.04 37.22 -39.18
CA GLY D 165 42.00 38.18 -39.51
C GLY D 165 41.22 37.80 -40.75
N ALA D 166 41.90 37.31 -41.78
CA ALA D 166 41.23 36.92 -43.01
C ALA D 166 40.33 35.71 -42.77
N MET D 167 40.77 34.78 -41.92
CA MET D 167 39.95 33.61 -41.62
C MET D 167 38.70 33.99 -40.83
N ARG D 168 38.84 34.93 -39.89
CA ARG D 168 37.67 35.37 -39.14
C ARG D 168 36.67 36.07 -40.04
N VAL D 169 37.14 36.69 -41.12
CA VAL D 169 36.24 37.29 -42.11
C VAL D 169 35.67 36.22 -43.04
N LEU D 170 36.48 35.24 -43.42
CA LEU D 170 36.07 34.30 -44.44
C LEU D 170 34.94 33.37 -43.98
N THR D 171 34.82 33.13 -42.68
CA THR D 171 33.71 32.31 -42.21
C THR D 171 32.37 32.97 -42.54
N GLU D 172 32.27 34.28 -42.33
CA GLU D 172 31.05 35.00 -42.69
C GLU D 172 30.96 35.24 -44.20
N PHE D 173 32.10 35.52 -44.84
CA PHE D 173 32.08 35.82 -46.27
C PHE D 173 31.53 34.64 -47.08
N THR D 174 32.00 33.43 -46.78
CA THR D 174 31.58 32.27 -47.56
C THR D 174 30.12 31.94 -47.34
N ARG D 175 29.56 32.32 -46.19
CA ARG D 175 28.11 32.20 -46.00
C ARG D 175 27.35 33.22 -46.83
N GLU D 176 28.05 34.17 -47.44
CA GLU D 176 27.44 35.14 -48.34
C GLU D 176 27.54 34.72 -49.80
N VAL D 177 28.30 33.68 -50.11
CA VAL D 177 28.51 33.25 -51.49
C VAL D 177 27.34 32.40 -51.94
N THR D 178 26.85 32.66 -53.15
CA THR D 178 25.71 31.97 -53.72
C THR D 178 26.17 31.04 -54.83
N ASP D 179 25.20 30.36 -55.45
CA ASP D 179 25.52 29.41 -56.51
C ASP D 179 26.18 30.08 -57.70
N THR D 180 25.83 31.34 -57.98
CA THR D 180 26.41 32.01 -59.14
C THR D 180 27.91 32.24 -58.97
N GLN D 181 28.38 32.45 -57.75
CA GLN D 181 29.79 32.72 -57.49
C GLN D 181 30.56 31.55 -56.91
N MET D 182 29.87 30.51 -56.41
CA MET D 182 30.58 29.41 -55.77
C MET D 182 31.51 28.67 -56.71
N PRO D 183 31.20 28.49 -58.01
CA PRO D 183 32.17 27.85 -58.91
C PRO D 183 33.50 28.58 -59.00
N LEU D 184 33.52 29.89 -58.70
CA LEU D 184 34.74 30.67 -58.73
C LEU D 184 35.39 30.81 -57.36
N VAL D 185 34.72 30.38 -56.30
CA VAL D 185 35.24 30.50 -54.94
C VAL D 185 35.67 29.14 -54.39
N ALA D 186 34.84 28.11 -54.54
CA ALA D 186 35.14 26.81 -53.94
C ALA D 186 36.45 26.22 -54.46
N PRO D 187 36.69 26.14 -55.76
CA PRO D 187 37.96 25.54 -56.22
C PRO D 187 39.19 26.23 -55.64
N VAL D 188 39.11 27.53 -55.38
CA VAL D 188 40.27 28.29 -54.92
C VAL D 188 40.44 28.20 -53.41
N ILE D 189 39.34 28.27 -52.65
CA ILE D 189 39.44 28.39 -51.22
C ILE D 189 39.62 27.04 -50.55
N LEU D 190 38.90 26.01 -51.01
CA LEU D 190 38.97 24.70 -50.37
C LEU D 190 40.39 24.18 -50.26
N PRO D 191 41.21 24.19 -51.32
CA PRO D 191 42.60 23.73 -51.16
C PRO D 191 43.35 24.49 -50.08
N GLU D 192 43.07 25.78 -49.91
CA GLU D 192 43.77 26.57 -48.91
C GLU D 192 43.27 26.27 -47.49
N MET D 193 42.00 25.89 -47.34
CA MET D 193 41.51 25.44 -46.05
C MET D 193 42.15 24.11 -45.66
N TYR D 194 42.37 23.24 -46.63
CA TYR D 194 43.01 21.95 -46.35
C TYR D 194 44.41 22.16 -45.79
N LYS D 195 45.17 23.06 -46.39
CA LYS D 195 46.52 23.37 -45.88
C LYS D 195 46.45 23.83 -44.43
N ILE D 196 45.66 24.87 -44.16
CA ILE D 196 45.57 25.40 -42.80
C ILE D 196 45.12 24.31 -41.83
N PHE D 197 44.16 23.49 -42.24
CA PHE D 197 43.61 22.48 -41.34
C PHE D 197 44.66 21.44 -40.97
N THR D 198 45.43 20.98 -41.95
CA THR D 198 46.37 19.88 -41.73
C THR D 198 47.71 20.34 -41.17
N MET D 199 47.87 21.62 -40.88
CA MET D 199 49.13 22.16 -40.36
C MET D 199 48.95 22.58 -38.90
N ALA D 200 48.76 21.58 -38.04
CA ALA D 200 48.51 21.87 -36.63
C ALA D 200 49.70 22.53 -35.95
N GLU D 201 50.89 22.48 -36.56
CA GLU D 201 52.08 23.04 -35.93
C GLU D 201 52.23 24.54 -36.16
N VAL D 202 51.53 25.10 -37.14
CA VAL D 202 51.64 26.50 -37.49
C VAL D 202 50.41 27.30 -37.04
N TYR D 203 49.23 26.79 -37.34
CA TYR D 203 47.99 27.51 -37.09
C TYR D 203 47.30 26.99 -35.84
N GLY D 204 46.69 27.90 -35.09
CA GLY D 204 46.06 27.55 -33.83
C GLY D 204 44.75 26.81 -34.02
N ILE D 205 44.25 26.28 -32.91
CA ILE D 205 43.05 25.44 -32.95
C ILE D 205 41.88 26.21 -33.54
N ARG D 206 41.64 27.43 -33.05
CA ARG D 206 40.49 28.21 -33.50
C ARG D 206 40.60 28.52 -34.98
N THR D 207 41.80 28.83 -35.47
CA THR D 207 41.98 29.12 -36.89
C THR D 207 41.69 27.88 -37.73
N ARG D 208 42.21 26.72 -37.32
CA ARG D 208 41.94 25.49 -38.04
C ARG D 208 40.47 25.10 -37.93
N SER D 209 39.84 25.37 -36.79
CA SER D 209 38.41 25.10 -36.66
C SER D 209 37.61 25.92 -37.67
N ARG D 210 37.98 27.18 -37.86
CA ARG D 210 37.30 28.03 -38.83
C ARG D 210 37.47 27.48 -40.25
N ALA D 211 38.60 26.82 -40.52
CA ALA D 211 38.77 26.17 -41.82
C ALA D 211 37.73 25.09 -42.04
N VAL D 212 37.36 24.36 -40.97
CA VAL D 212 36.32 23.35 -41.09
C VAL D 212 34.96 24.01 -41.29
N GLU D 213 34.69 25.11 -40.56
CA GLU D 213 33.47 25.87 -40.80
C GLU D 213 33.34 26.22 -42.27
N ILE D 214 34.42 26.75 -42.86
CA ILE D 214 34.36 27.21 -44.23
C ILE D 214 34.17 26.05 -45.19
N PHE D 215 34.82 24.92 -44.92
CA PHE D 215 34.58 23.72 -45.73
C PHE D 215 33.09 23.34 -45.69
N THR D 216 32.53 23.23 -44.50
CA THR D 216 31.14 22.82 -44.37
C THR D 216 30.21 23.78 -45.08
N THR D 217 30.50 25.09 -45.02
CA THR D 217 29.67 26.06 -45.73
C THR D 217 29.72 25.83 -47.23
N CYS D 218 30.93 25.61 -47.77
CA CYS D 218 31.04 25.33 -49.20
C CYS D 218 30.36 24.03 -49.57
N ALA D 219 30.52 22.99 -48.75
CA ALA D 219 29.93 21.69 -49.07
C ALA D 219 28.41 21.78 -49.16
N HIS D 220 27.78 22.56 -48.26
CA HIS D 220 26.34 22.74 -48.34
C HIS D 220 25.92 23.35 -49.66
N MET D 221 26.64 24.38 -50.11
CA MET D 221 26.30 25.03 -51.38
C MET D 221 26.53 24.09 -52.56
N ILE D 222 27.63 23.32 -52.52
CA ILE D 222 27.91 22.36 -53.57
C ILE D 222 26.80 21.32 -53.65
N CYS D 223 26.23 20.95 -52.51
CA CYS D 223 25.14 19.98 -52.51
C CYS D 223 23.90 20.54 -53.21
N ASN D 224 23.49 21.75 -52.84
CA ASN D 224 22.35 22.37 -53.51
C ASN D 224 22.52 22.37 -55.02
N MET D 225 23.73 22.69 -55.49
CA MET D 225 23.96 22.83 -56.93
C MET D 225 24.01 21.47 -57.63
N GLU D 226 24.64 20.47 -57.00
CA GLU D 226 24.77 19.17 -57.65
C GLU D 226 23.42 18.46 -57.77
N GLU D 227 22.50 18.68 -56.82
CA GLU D 227 21.23 17.99 -56.85
C GLU D 227 20.30 18.52 -57.94
N LEU D 228 20.56 19.71 -58.47
CA LEU D 228 19.80 20.21 -59.61
C LEU D 228 20.47 19.82 -60.94
N GLU D 229 21.79 19.98 -61.03
CA GLU D 229 22.56 19.67 -62.22
C GLU D 229 23.88 19.06 -61.80
N LYS D 230 24.24 17.92 -62.41
CA LYS D 230 25.36 17.11 -61.94
C LYS D 230 26.72 17.76 -62.12
N GLY D 231 26.83 18.79 -62.96
CA GLY D 231 28.13 19.40 -63.21
C GLY D 231 28.15 20.90 -62.93
N ALA D 232 27.19 21.37 -62.12
CA ALA D 232 27.03 22.80 -61.93
C ALA D 232 28.02 23.38 -60.91
N ALA D 233 28.48 22.58 -59.96
CA ALA D 233 29.41 23.06 -58.95
C ALA D 233 30.81 23.21 -59.53
N LEU D 236 33.03 16.96 -61.11
CA LEU D 236 34.21 16.43 -60.44
C LEU D 236 34.86 17.48 -59.56
N ILE D 237 34.50 17.47 -58.28
CA ILE D 237 35.16 18.28 -57.27
C ILE D 237 35.35 17.39 -56.05
N PHE D 238 34.99 16.10 -56.19
CA PHE D 238 34.84 15.22 -55.05
C PHE D 238 36.07 14.39 -54.68
N PRO D 239 37.25 14.63 -55.25
CA PRO D 239 38.48 14.23 -54.55
C PRO D 239 38.73 15.06 -53.30
N VAL D 240 37.95 16.11 -53.06
CA VAL D 240 38.05 16.85 -51.80
C VAL D 240 37.21 16.20 -50.71
N VAL D 241 36.15 15.49 -51.10
CA VAL D 241 35.37 14.72 -50.13
C VAL D 241 36.21 13.58 -49.57
N GLN D 242 37.15 13.06 -50.37
CA GLN D 242 38.04 12.01 -49.91
C GLN D 242 39.15 12.55 -49.00
N GLN D 243 39.82 13.62 -49.46
CA GLN D 243 41.01 14.11 -48.77
C GLN D 243 40.67 14.80 -47.46
N PHE D 244 39.63 15.63 -47.46
CA PHE D 244 39.21 16.26 -46.20
C PHE D 244 38.71 15.22 -45.22
N THR D 245 37.94 14.24 -45.71
CA THR D 245 37.47 13.16 -44.85
C THR D 245 38.63 12.44 -44.18
N GLU D 246 39.66 12.09 -44.96
CA GLU D 246 40.83 11.43 -44.37
C GLU D 246 41.51 12.34 -43.36
N ALA D 247 41.57 13.64 -43.62
CA ALA D 247 42.15 14.56 -42.64
C ALA D 247 41.22 14.74 -41.45
N PHE D 248 39.91 14.62 -41.64
CA PHE D 248 38.97 14.73 -40.53
C PHE D 248 39.15 13.58 -39.54
N VAL D 249 39.36 12.35 -40.03
CA VAL D 249 39.49 11.22 -39.12
C VAL D 249 40.82 11.26 -38.39
N GLN D 250 41.90 11.62 -39.09
CA GLN D 250 43.18 11.78 -38.42
C GLN D 250 43.07 12.74 -37.25
N ALA D 251 42.31 13.83 -37.44
CA ALA D 251 42.19 14.86 -36.41
C ALA D 251 41.33 14.37 -35.25
N LEU D 252 40.37 13.49 -35.50
CA LEU D 252 39.50 13.00 -34.42
C LEU D 252 40.26 12.12 -33.44
N GLN D 253 41.40 11.55 -33.84
CA GLN D 253 42.18 10.69 -32.97
C GLN D 253 43.21 11.46 -32.14
N ILE D 254 43.25 12.78 -32.26
CA ILE D 254 44.21 13.61 -31.51
C ILE D 254 43.56 13.95 -30.17
N PRO D 255 44.04 13.42 -29.05
CA PRO D 255 43.44 13.77 -27.75
C PRO D 255 43.65 15.23 -27.42
N ASP D 256 42.75 15.76 -26.60
CA ASP D 256 42.81 17.16 -26.20
C ASP D 256 44.24 17.56 -25.81
N GLY D 257 44.70 18.66 -26.37
CA GLY D 257 46.03 19.16 -26.13
C GLY D 257 46.27 20.47 -26.85
N PRO D 258 47.54 20.77 -27.14
CA PRO D 258 47.85 22.04 -27.83
C PRO D 258 47.27 22.14 -29.22
N THR D 259 46.87 21.02 -29.84
CA THR D 259 46.38 21.03 -31.21
C THR D 259 44.94 20.54 -31.34
N SER D 260 44.20 20.41 -30.25
CA SER D 260 42.85 19.89 -30.32
C SER D 260 42.12 20.21 -29.03
N ASP D 261 40.81 20.43 -29.14
CA ASP D 261 39.94 20.56 -27.98
C ASP D 261 38.53 20.17 -28.38
N SER D 262 37.63 20.14 -27.39
CA SER D 262 36.27 19.65 -27.62
C SER D 262 35.58 20.41 -28.75
N GLY D 263 35.71 21.73 -28.78
CA GLY D 263 35.09 22.51 -29.83
C GLY D 263 35.62 22.16 -31.21
N PHE D 264 36.94 21.94 -31.31
CA PHE D 264 37.54 21.59 -32.59
C PHE D 264 37.06 20.24 -33.09
N LYS D 265 37.01 19.22 -32.20
CA LYS D 265 36.48 17.92 -32.60
C LYS D 265 35.01 18.04 -33.01
N MET D 266 34.25 18.86 -32.30
CA MET D 266 32.84 19.04 -32.63
C MET D 266 32.68 19.51 -34.07
N GLU D 267 33.44 20.52 -34.46
CA GLU D 267 33.34 21.05 -35.82
C GLU D 267 33.72 19.99 -36.85
N VAL D 268 34.81 19.27 -36.61
CA VAL D 268 35.21 18.18 -37.51
C VAL D 268 34.07 17.17 -37.64
N LEU D 269 33.48 16.78 -36.51
CA LEU D 269 32.43 15.77 -36.53
C LEU D 269 31.18 16.28 -37.24
N LYS D 270 30.82 17.53 -37.02
CA LYS D 270 29.70 18.12 -37.74
C LYS D 270 29.97 18.17 -39.24
N ALA D 271 31.22 18.38 -39.63
CA ALA D 271 31.58 18.35 -41.05
C ALA D 271 31.40 16.95 -41.63
N VAL D 272 31.90 15.93 -40.92
CA VAL D 272 31.67 14.56 -41.37
C VAL D 272 30.18 14.25 -41.44
N THR D 273 29.42 14.68 -40.42
CA THR D 273 27.98 14.42 -40.43
C THR D 273 27.32 15.05 -41.64
N ALA D 274 27.72 16.28 -41.99
CA ALA D 274 27.13 16.95 -43.14
C ALA D 274 27.43 16.20 -44.43
N LEU D 275 28.65 15.70 -44.58
CA LEU D 275 29.01 14.94 -45.77
C LEU D 275 28.22 13.64 -45.83
N VAL D 276 27.97 13.00 -44.68
CA VAL D 276 27.23 11.75 -44.67
C VAL D 276 25.79 11.98 -45.10
N LYS D 277 25.20 13.09 -44.68
CA LYS D 277 23.80 13.36 -45.03
C LYS D 277 23.65 13.84 -46.47
N ASN D 278 24.65 14.53 -47.00
CA ASN D 278 24.53 15.20 -48.30
C ASN D 278 25.29 14.53 -49.42
N PHE D 279 26.40 13.83 -49.13
CA PHE D 279 27.16 13.11 -50.15
C PHE D 279 27.38 11.66 -49.72
N PRO D 280 26.32 10.94 -49.35
CA PRO D 280 26.50 9.57 -48.83
C PRO D 280 27.22 8.66 -49.80
N LYS D 281 26.85 8.66 -51.08
CA LYS D 281 27.44 7.72 -52.03
C LYS D 281 28.96 7.89 -52.13
N HIS D 282 29.48 9.10 -51.94
CA HIS D 282 30.91 9.32 -51.97
C HIS D 282 31.59 8.96 -50.66
N MET D 283 30.83 8.78 -49.59
CA MET D 283 31.40 8.46 -48.28
C MET D 283 31.48 6.95 -48.04
N VAL D 284 30.82 6.14 -48.86
CA VAL D 284 30.82 4.69 -48.67
C VAL D 284 32.23 4.16 -48.60
N SER D 285 33.13 4.70 -49.44
CA SER D 285 34.50 4.19 -49.51
C SER D 285 35.32 4.54 -48.27
N SER D 286 34.77 5.28 -47.31
CA SER D 286 35.51 5.69 -46.13
C SER D 286 34.82 5.38 -44.80
N MET D 287 33.58 4.89 -44.81
CA MET D 287 32.88 4.66 -43.56
C MET D 287 33.62 3.68 -42.65
N GLN D 288 34.23 2.65 -43.24
CA GLN D 288 34.96 1.67 -42.44
C GLN D 288 36.01 2.32 -41.58
N GLN D 289 36.59 3.42 -42.05
CA GLN D 289 37.64 4.12 -41.33
C GLN D 289 37.06 5.10 -40.31
N ILE D 290 35.86 5.61 -40.56
CA ILE D 290 35.27 6.62 -39.70
C ILE D 290 34.63 5.98 -38.46
N LEU D 291 33.82 4.94 -38.68
CA LEU D 291 33.00 4.39 -37.60
C LEU D 291 33.82 4.01 -36.37
N PRO D 292 34.96 3.32 -36.48
CA PRO D 292 35.75 3.05 -35.28
C PRO D 292 36.22 4.31 -34.57
N ILE D 293 36.62 5.32 -35.33
CA ILE D 293 37.20 6.52 -34.73
C ILE D 293 36.13 7.35 -34.04
N VAL D 294 34.98 7.54 -34.68
CA VAL D 294 33.89 8.25 -33.99
C VAL D 294 33.42 7.44 -32.79
N TRP D 295 33.50 6.12 -32.87
CA TRP D 295 33.10 5.29 -31.74
C TRP D 295 33.99 5.55 -30.53
N ASN D 296 35.30 5.66 -30.74
CA ASN D 296 36.18 5.96 -29.61
C ASN D 296 35.88 7.33 -29.04
N THR D 297 35.57 8.31 -29.89
CA THR D 297 35.13 9.61 -29.40
C THR D 297 33.85 9.47 -28.58
N LEU D 298 32.97 8.54 -28.96
CA LEU D 298 31.72 8.36 -28.25
C LEU D 298 31.97 7.80 -26.85
N THR D 299 32.79 6.75 -26.74
CA THR D 299 33.03 6.13 -25.44
C THR D 299 33.97 6.97 -24.59
N GLU D 300 35.05 7.49 -25.20
CA GLU D 300 35.94 8.39 -24.46
C GLU D 300 35.16 9.56 -23.87
N SER D 301 34.26 10.15 -24.67
CA SER D 301 33.47 11.29 -24.19
C SER D 301 32.48 10.89 -23.11
N ALA D 302 31.93 9.67 -23.18
CA ALA D 302 31.01 9.22 -22.13
C ALA D 302 31.72 9.19 -20.79
N ALA D 303 32.93 8.60 -20.74
CA ALA D 303 33.69 8.57 -19.51
C ALA D 303 33.97 9.99 -19.00
N PHE D 304 34.40 10.88 -19.90
CA PHE D 304 34.69 12.25 -19.51
C PHE D 304 33.42 12.98 -19.10
N TYR D 305 32.34 12.78 -19.86
CA TYR D 305 31.06 13.38 -19.49
C TYR D 305 30.66 13.00 -18.08
N VAL D 306 30.83 11.73 -17.73
CA VAL D 306 30.37 11.25 -16.42
C VAL D 306 31.23 11.83 -15.30
N ARG D 307 32.55 11.88 -15.50
CA ARG D 307 33.42 12.41 -14.45
C ARG D 307 33.20 13.90 -14.25
N THR D 308 33.01 14.66 -15.34
CA THR D 308 33.01 16.11 -15.26
C THR D 308 31.62 16.72 -15.21
N GLU D 309 30.56 15.93 -15.43
CA GLU D 309 29.21 16.47 -15.41
C GLU D 309 28.31 15.69 -14.48
N VAL D 310 28.17 14.38 -14.74
CA VAL D 310 27.21 13.57 -14.00
C VAL D 310 27.54 13.59 -12.51
N ASN D 311 28.79 13.33 -12.15
CA ASN D 311 29.18 13.18 -10.75
C ASN D 311 30.21 14.23 -10.32
N TYR D 312 30.22 15.40 -10.94
CA TYR D 312 31.19 16.43 -10.62
C TYR D 312 30.65 17.30 -9.50
N THR D 313 31.32 17.28 -8.35
CA THR D 313 30.96 18.08 -7.20
C THR D 313 31.76 19.38 -7.17
N LEU D 327 30.84 24.89 -21.97
CA LEU D 327 29.85 24.51 -22.98
C LEU D 327 30.48 23.78 -24.16
N GLY D 328 31.80 23.91 -24.31
CA GLY D 328 32.49 23.28 -25.42
C GLY D 328 32.28 21.78 -25.50
N PHE D 329 32.18 21.11 -24.34
CA PHE D 329 32.08 19.65 -24.35
C PHE D 329 30.66 19.13 -24.53
N GLU D 330 29.68 19.73 -23.86
CA GLU D 330 28.30 19.31 -24.01
C GLU D 330 27.89 19.33 -25.48
N ASN D 331 28.33 20.34 -26.22
CA ASN D 331 28.00 20.44 -27.64
C ASN D 331 28.70 19.39 -28.47
N LEU D 332 29.84 18.86 -28.01
CA LEU D 332 30.44 17.72 -28.68
C LEU D 332 29.56 16.48 -28.54
N VAL D 333 29.08 16.22 -27.33
CA VAL D 333 28.19 15.08 -27.11
C VAL D 333 26.99 15.17 -28.04
N PHE D 334 26.38 16.36 -28.13
CA PHE D 334 25.26 16.54 -29.05
C PHE D 334 25.66 16.18 -30.47
N SER D 335 26.84 16.62 -30.92
CA SER D 335 27.26 16.35 -32.28
C SER D 335 27.52 14.86 -32.50
N ILE D 336 27.87 14.12 -31.45
CA ILE D 336 28.05 12.68 -31.58
C ILE D 336 26.71 12.00 -31.82
N PHE D 337 25.67 12.42 -31.08
CA PHE D 337 24.35 11.85 -31.29
C PHE D 337 23.83 12.15 -32.70
N GLU D 338 23.99 13.40 -33.14
CA GLU D 338 23.55 13.77 -34.48
C GLU D 338 24.22 12.90 -35.54
N PHE D 339 25.47 12.50 -35.31
CA PHE D 339 26.16 11.63 -36.25
C PHE D 339 25.49 10.27 -36.33
N VAL D 340 25.13 9.69 -35.17
CA VAL D 340 24.44 8.40 -35.18
C VAL D 340 23.10 8.53 -35.90
N HIS D 341 22.36 9.61 -35.61
CA HIS D 341 21.10 9.85 -36.30
C HIS D 341 21.30 9.87 -37.81
N ALA D 342 22.38 10.47 -38.28
CA ALA D 342 22.62 10.57 -39.72
C ALA D 342 22.79 9.20 -40.35
N LEU D 343 23.57 8.32 -39.71
CA LEU D 343 23.65 6.94 -40.17
C LEU D 343 22.28 6.29 -40.17
N LEU D 344 21.52 6.50 -39.09
CA LEU D 344 20.21 5.88 -38.95
C LEU D 344 19.27 6.25 -40.07
N GLU D 345 19.43 7.46 -40.62
CA GLU D 345 18.54 7.95 -41.67
C GLU D 345 19.03 7.64 -43.06
N ASN D 346 20.13 6.88 -43.18
CA ASN D 346 20.62 6.42 -44.47
C ASN D 346 20.36 4.92 -44.58
N SER D 347 19.82 4.50 -45.72
CA SER D 347 19.38 3.12 -45.89
C SER D 347 20.54 2.13 -45.88
N LYS D 348 21.74 2.57 -46.26
CA LYS D 348 22.89 1.67 -46.33
C LYS D 348 23.77 1.71 -45.09
N PHE D 349 23.84 2.85 -44.39
CA PHE D 349 24.66 2.95 -43.20
C PHE D 349 23.93 2.51 -41.93
N LYS D 350 22.59 2.48 -41.93
CA LYS D 350 21.86 2.19 -40.72
C LYS D 350 22.14 0.78 -40.20
N SER D 351 22.62 -0.11 -41.06
CA SER D 351 22.93 -1.47 -40.61
C SER D 351 24.05 -1.47 -39.59
N THR D 352 24.99 -0.52 -39.68
CA THR D 352 26.11 -0.50 -38.75
C THR D 352 25.69 -0.06 -37.35
N VAL D 353 24.60 0.70 -37.23
CA VAL D 353 24.09 1.05 -35.92
C VAL D 353 23.36 -0.13 -35.29
N LYS D 354 22.43 -0.73 -36.04
CA LYS D 354 21.76 -1.95 -35.60
C LYS D 354 22.76 -2.97 -35.09
N LYS D 355 23.90 -3.10 -35.77
CA LYS D 355 24.93 -4.05 -35.38
C LYS D 355 25.61 -3.68 -34.07
N ALA D 356 25.50 -2.44 -33.62
CA ALA D 356 26.17 -1.97 -32.42
C ALA D 356 25.24 -1.71 -31.25
N LEU D 357 23.93 -1.91 -31.42
CA LEU D 357 22.97 -1.55 -30.39
C LEU D 357 23.34 -2.03 -28.99
N PRO D 358 23.88 -3.23 -28.80
CA PRO D 358 24.25 -3.65 -27.44
C PRO D 358 25.18 -2.66 -26.75
N GLU D 359 26.28 -2.29 -27.40
CA GLU D 359 27.23 -1.36 -26.79
C GLU D 359 26.71 0.08 -26.85
N LEU D 360 26.11 0.47 -27.98
CA LEU D 360 25.59 1.83 -28.11
C LEU D 360 24.59 2.15 -27.01
N ILE D 361 23.63 1.25 -26.78
CA ILE D 361 22.60 1.52 -25.78
C ILE D 361 23.20 1.50 -24.37
N TYR D 362 24.24 0.68 -24.16
CA TYR D 362 24.94 0.71 -22.89
C TYR D 362 25.50 2.10 -22.62
N TYR D 363 26.13 2.71 -23.62
CA TYR D 363 26.71 4.03 -23.44
C TYR D 363 25.66 5.13 -23.48
N ILE D 364 24.60 4.94 -24.26
CA ILE D 364 23.46 5.86 -24.18
C ILE D 364 22.97 5.96 -22.74
N ILE D 365 22.88 4.82 -22.05
CA ILE D 365 22.41 4.83 -20.67
C ILE D 365 23.33 5.66 -19.78
N LEU D 366 24.64 5.59 -20.02
CA LEU D 366 25.56 6.44 -19.28
C LEU D 366 25.25 7.91 -19.49
N TYR D 367 24.99 8.30 -20.75
CA TYR D 367 24.69 9.69 -21.05
C TYR D 367 23.37 10.14 -20.43
N MET D 368 22.49 9.22 -20.07
CA MET D 368 21.18 9.58 -19.54
C MET D 368 21.19 9.91 -18.06
N GLN D 369 22.33 9.74 -17.38
CA GLN D 369 22.34 9.84 -15.93
C GLN D 369 22.02 11.26 -15.46
N ILE D 370 21.29 11.35 -14.36
CA ILE D 370 20.92 12.64 -13.79
C ILE D 370 22.18 13.31 -13.25
N THR D 371 22.49 14.49 -13.78
CA THR D 371 23.69 15.21 -13.37
C THR D 371 23.47 15.89 -12.02
N GLU D 372 24.58 16.29 -11.40
CA GLU D 372 24.48 17.05 -10.16
C GLU D 372 23.81 18.39 -10.37
N GLU D 373 24.02 19.01 -11.54
CA GLU D 373 23.35 20.27 -11.84
C GLU D 373 21.85 20.08 -11.95
N GLN D 374 21.41 19.01 -12.62
CA GLN D 374 19.98 18.73 -12.71
C GLN D 374 19.37 18.53 -11.33
N ILE D 375 20.05 17.76 -10.47
CA ILE D 375 19.55 17.57 -9.11
C ILE D 375 19.39 18.90 -8.40
N LYS D 376 20.37 19.80 -8.55
CA LYS D 376 20.30 21.10 -7.92
C LYS D 376 19.11 21.90 -8.45
N VAL D 377 18.95 21.93 -9.77
CA VAL D 377 17.89 22.70 -10.39
C VAL D 377 16.52 22.15 -10.02
N TRP D 378 16.30 20.85 -10.25
CA TRP D 378 14.98 20.27 -10.03
C TRP D 378 14.56 20.37 -8.57
N THR D 379 15.50 20.23 -7.64
CA THR D 379 15.16 20.38 -6.23
C THR D 379 14.70 21.80 -5.92
N ALA D 380 15.26 22.79 -6.63
CA ALA D 380 14.92 24.18 -6.35
C ALA D 380 13.63 24.61 -7.03
N ASN D 381 13.27 24.00 -8.16
CA ASN D 381 12.08 24.39 -8.91
C ASN D 381 11.34 23.15 -9.39
N PRO D 382 10.42 22.63 -8.57
CA PRO D 382 9.61 21.49 -9.01
C PRO D 382 8.90 21.71 -10.34
N GLN D 383 8.52 22.95 -10.66
CA GLN D 383 7.89 23.21 -11.95
C GLN D 383 8.86 22.89 -13.08
N GLN D 384 10.15 23.16 -12.87
CA GLN D 384 11.16 22.77 -13.85
C GLN D 384 11.22 21.26 -13.99
N PHE D 385 11.09 20.53 -12.88
CA PHE D 385 11.10 19.07 -12.93
C PHE D 385 9.93 18.54 -13.75
N VAL D 386 8.73 19.03 -13.50
CA VAL D 386 7.57 18.57 -14.26
C VAL D 386 7.76 18.91 -15.74
N GLU D 387 8.21 20.12 -16.03
CA GLU D 387 8.40 20.56 -17.40
C GLU D 387 9.51 19.76 -18.08
N ASP D 388 10.57 19.41 -17.35
CA ASP D 388 11.69 18.72 -17.96
C ASP D 388 11.43 17.23 -18.17
N GLU D 389 10.71 16.59 -17.25
CA GLU D 389 10.48 15.15 -17.33
C GLU D 389 9.13 14.82 -17.97
N ASP D 390 8.56 15.75 -18.73
CA ASP D 390 7.40 15.45 -19.54
C ASP D 390 7.83 14.82 -20.86
N ASP D 391 7.07 13.83 -21.32
CA ASP D 391 7.40 13.18 -22.58
C ASP D 391 7.43 14.18 -23.73
N ASP D 392 6.62 15.24 -23.65
CA ASP D 392 6.53 16.24 -24.70
C ASP D 392 7.26 17.53 -24.34
N THR D 393 8.32 17.43 -23.54
CA THR D 393 9.04 18.61 -23.10
C THR D 393 9.80 19.27 -24.24
N PHE D 394 9.98 20.59 -24.15
CA PHE D 394 10.79 21.34 -25.08
C PHE D 394 12.25 21.42 -24.66
N SER D 395 12.58 21.07 -23.42
CA SER D 395 13.96 21.11 -22.95
C SER D 395 14.82 20.21 -23.84
N TYR D 396 16.09 20.55 -23.93
CA TYR D 396 17.04 19.75 -24.70
C TYR D 396 18.34 19.65 -23.91
N THR D 397 18.65 18.44 -23.43
CA THR D 397 19.85 18.15 -22.67
C THR D 397 20.46 16.87 -23.20
N VAL D 398 21.69 16.60 -22.77
CA VAL D 398 22.34 15.33 -23.13
C VAL D 398 21.44 14.17 -22.76
N ARG D 399 20.83 14.24 -21.57
CA ARG D 399 19.94 13.17 -21.11
C ARG D 399 18.76 12.99 -22.06
N ILE D 400 18.15 14.08 -22.49
CA ILE D 400 17.00 13.99 -23.39
C ILE D 400 17.44 13.61 -24.80
N ALA D 401 18.53 14.23 -25.28
CA ALA D 401 19.06 13.85 -26.58
C ALA D 401 19.44 12.38 -26.61
N ALA D 402 20.07 11.89 -25.54
CA ALA D 402 20.39 10.47 -25.45
C ALA D 402 19.14 9.62 -25.48
N GLN D 403 18.12 10.01 -24.69
CA GLN D 403 16.87 9.28 -24.69
C GLN D 403 16.23 9.28 -26.07
N ASP D 404 16.28 10.40 -26.77
CA ASP D 404 15.71 10.47 -28.12
C ASP D 404 16.41 9.50 -29.06
N LEU D 405 17.74 9.41 -28.99
CA LEU D 405 18.45 8.46 -29.82
C LEU D 405 18.04 7.03 -29.49
N LEU D 406 17.70 6.76 -28.23
CA LEU D 406 17.20 5.45 -27.87
C LEU D 406 15.86 5.17 -28.53
N LEU D 407 14.93 6.13 -28.43
CA LEU D 407 13.63 5.97 -29.07
C LEU D 407 13.81 5.79 -30.58
N ALA D 408 14.78 6.48 -31.17
CA ALA D 408 14.99 6.40 -32.61
C ALA D 408 15.31 4.99 -33.04
N VAL D 409 16.40 4.43 -32.51
CA VAL D 409 16.77 3.05 -32.86
C VAL D 409 15.68 2.08 -32.42
N ALA D 410 14.90 2.44 -31.42
CA ALA D 410 13.88 1.54 -30.92
C ALA D 410 12.71 1.39 -31.88
N THR D 411 12.43 2.43 -32.67
CA THR D 411 11.40 2.33 -33.70
C THR D 411 11.95 1.78 -35.00
N ASP D 412 13.25 1.92 -35.24
CA ASP D 412 13.90 1.47 -36.45
C ASP D 412 14.33 0.01 -36.38
N PHE D 413 14.77 -0.42 -35.20
CA PHE D 413 15.19 -1.79 -34.98
C PHE D 413 14.51 -2.32 -33.72
N GLN D 414 13.17 -2.33 -33.78
CA GLN D 414 12.31 -2.78 -32.70
C GLN D 414 12.86 -3.97 -31.93
N ASN D 415 13.06 -5.09 -32.63
CA ASN D 415 13.44 -6.33 -31.97
C ASN D 415 14.89 -6.32 -31.54
N GLU D 416 15.76 -5.72 -32.35
CA GLU D 416 17.17 -5.71 -32.03
C GLU D 416 17.45 -4.74 -30.89
N SER D 417 16.63 -3.70 -30.75
CA SER D 417 16.74 -2.79 -29.63
C SER D 417 16.28 -3.45 -28.33
N ALA D 418 15.21 -4.24 -28.40
CA ALA D 418 14.73 -4.93 -27.21
C ALA D 418 15.79 -5.84 -26.63
N ALA D 419 16.43 -6.63 -27.47
CA ALA D 419 17.49 -7.51 -26.99
C ALA D 419 18.69 -6.73 -26.49
N ALA D 420 19.03 -5.62 -27.17
CA ALA D 420 20.21 -4.86 -26.80
C ALA D 420 20.01 -4.11 -25.49
N LEU D 421 18.85 -3.46 -25.33
CA LEU D 421 18.58 -2.76 -24.08
C LEU D 421 18.53 -3.74 -22.91
N ALA D 422 18.01 -4.94 -23.14
CA ALA D 422 17.96 -5.95 -22.09
C ALA D 422 19.36 -6.34 -21.63
N ALA D 423 20.26 -6.57 -22.58
CA ALA D 423 21.64 -6.92 -22.22
C ALA D 423 22.34 -5.77 -21.52
N ALA D 424 22.24 -4.55 -22.09
CA ALA D 424 22.94 -3.41 -21.54
C ALA D 424 22.40 -3.07 -20.15
N ALA D 425 21.07 -3.02 -20.00
CA ALA D 425 20.49 -2.78 -18.69
C ALA D 425 20.92 -3.86 -17.71
N THR D 426 20.92 -5.12 -18.14
CA THR D 426 21.39 -6.20 -17.28
C THR D 426 22.83 -6.00 -16.86
N ARG D 427 23.70 -5.67 -17.83
CA ARG D 427 25.10 -5.42 -17.51
C ARG D 427 25.25 -4.26 -16.54
N HIS D 428 24.54 -3.16 -16.78
CA HIS D 428 24.61 -2.00 -15.89
C HIS D 428 24.19 -2.37 -14.47
N LEU D 429 23.05 -3.06 -14.33
CA LEU D 429 22.55 -3.37 -13.00
C LEU D 429 23.48 -4.31 -12.25
N GLN D 430 24.14 -5.23 -12.96
CA GLN D 430 25.15 -6.06 -12.32
C GLN D 430 26.34 -5.22 -11.88
N GLU D 431 26.89 -4.41 -12.80
CA GLU D 431 28.01 -3.55 -12.46
C GLU D 431 27.67 -2.60 -11.32
N ALA D 432 26.41 -2.15 -11.25
CA ALA D 432 26.04 -1.20 -10.22
C ALA D 432 25.96 -1.84 -8.84
N GLU D 433 25.63 -3.13 -8.77
CA GLU D 433 25.64 -3.80 -7.48
C GLU D 433 27.06 -3.88 -6.92
N GLN D 434 28.03 -4.15 -7.80
CA GLN D 434 29.43 -4.08 -7.41
C GLN D 434 29.79 -2.67 -6.95
N THR D 435 29.50 -1.68 -7.78
CA THR D 435 29.74 -0.28 -7.43
C THR D 435 29.14 0.05 -6.07
N LYS D 436 27.90 -0.36 -5.83
CA LYS D 436 27.24 -0.08 -4.56
C LYS D 436 27.98 -0.72 -3.41
N ASN D 437 28.45 -1.97 -3.58
CA ASN D 437 29.16 -2.64 -2.51
C ASN D 437 30.52 -2.01 -2.22
N SER D 438 31.10 -1.33 -3.19
CA SER D 438 32.38 -0.66 -3.01
C SER D 438 32.27 0.68 -2.30
N GLY D 439 31.06 1.11 -1.93
CA GLY D 439 30.87 2.37 -1.24
C GLY D 439 30.66 3.57 -2.13
N THR D 440 30.59 3.38 -3.44
CA THR D 440 30.40 4.50 -4.35
C THR D 440 29.03 5.13 -4.14
N GLU D 441 29.01 6.44 -3.91
CA GLU D 441 27.76 7.11 -3.58
C GLU D 441 26.78 7.10 -4.74
N HIS D 442 27.27 7.37 -5.95
CA HIS D 442 26.41 7.59 -7.10
C HIS D 442 26.06 6.30 -7.85
N TRP D 443 26.11 5.15 -7.18
CA TRP D 443 25.67 3.91 -7.80
C TRP D 443 24.23 4.01 -8.28
N TRP D 444 23.38 4.70 -7.52
CA TRP D 444 21.95 4.70 -7.82
C TRP D 444 21.64 5.36 -9.16
N LYS D 445 22.51 6.25 -9.63
CA LYS D 445 22.26 6.92 -10.90
C LYS D 445 22.17 5.92 -12.05
N ILE D 446 22.86 4.78 -11.93
CA ILE D 446 22.76 3.76 -12.97
C ILE D 446 21.39 3.10 -12.93
N HIS D 447 20.84 2.88 -11.73
CA HIS D 447 19.50 2.35 -11.62
C HIS D 447 18.49 3.32 -12.20
N GLU D 448 18.59 4.61 -11.85
CA GLU D 448 17.66 5.59 -12.35
C GLU D 448 17.68 5.66 -13.88
N ALA D 449 18.88 5.65 -14.48
CA ALA D 449 18.97 5.70 -15.93
C ALA D 449 18.45 4.41 -16.56
N CYS D 450 18.75 3.26 -15.95
CA CYS D 450 18.25 1.99 -16.49
C CYS D 450 16.73 1.92 -16.42
N MET D 451 16.14 2.35 -15.30
CA MET D 451 14.69 2.35 -15.19
C MET D 451 14.05 3.31 -16.19
N LEU D 452 14.72 4.43 -16.48
CA LEU D 452 14.20 5.37 -17.47
C LEU D 452 14.27 4.78 -18.87
N ALA D 453 15.41 4.19 -19.24
CA ALA D 453 15.55 3.59 -20.56
C ALA D 453 14.53 2.48 -20.78
N LEU D 454 14.49 1.52 -19.84
CA LEU D 454 13.59 0.38 -20.00
C LEU D 454 12.14 0.84 -20.09
N GLY D 455 11.74 1.83 -19.28
CA GLY D 455 10.38 2.31 -19.32
C GLY D 455 10.06 3.11 -20.56
N SER D 456 11.07 3.75 -21.16
CA SER D 456 10.82 4.58 -22.34
C SER D 456 10.38 3.75 -23.54
N VAL D 457 10.91 2.55 -23.67
CA VAL D 457 10.59 1.65 -24.78
C VAL D 457 9.98 0.40 -24.17
N LYS D 458 9.05 0.60 -23.23
CA LYS D 458 8.61 -0.48 -22.37
C LYS D 458 7.78 -1.52 -23.10
N ALA D 459 7.03 -1.12 -24.13
CA ALA D 459 6.16 -2.07 -24.81
C ALA D 459 6.94 -3.13 -25.58
N ILE D 460 8.15 -2.79 -26.04
CA ILE D 460 8.95 -3.75 -26.81
C ILE D 460 9.72 -4.68 -25.90
N ILE D 461 9.87 -4.33 -24.63
CA ILE D 461 10.52 -5.23 -23.66
C ILE D 461 9.54 -6.29 -23.19
N THR D 462 8.33 -5.87 -22.84
CA THR D 462 7.33 -6.83 -22.38
C THR D 462 6.87 -7.74 -23.51
N ASP D 463 6.64 -7.17 -24.70
CA ASP D 463 6.21 -7.98 -25.83
C ASP D 463 7.24 -9.06 -26.17
N SER D 464 8.53 -8.71 -26.09
CA SER D 464 9.58 -9.67 -26.41
C SER D 464 9.79 -10.70 -25.32
N VAL D 465 9.60 -10.33 -24.04
CA VAL D 465 9.75 -11.28 -22.95
C VAL D 465 8.62 -12.30 -22.96
N LYS D 466 7.40 -11.84 -23.28
CA LYS D 466 6.26 -12.75 -23.33
C LYS D 466 6.43 -13.80 -24.43
N ASN D 467 6.86 -13.38 -25.62
CA ASN D 467 7.03 -14.27 -26.75
C ASN D 467 8.41 -14.95 -26.76
N GLY D 468 9.09 -14.99 -25.62
CA GLY D 468 10.35 -15.71 -25.50
C GLY D 468 11.41 -15.31 -26.49
N ARG D 469 11.35 -14.11 -27.05
CA ARG D 469 12.33 -13.70 -28.04
C ARG D 469 13.65 -13.29 -27.39
N ILE D 470 13.62 -12.81 -26.14
CA ILE D 470 14.81 -12.38 -25.44
C ILE D 470 14.85 -12.97 -24.05
N HIS D 471 16.06 -13.02 -23.48
CA HIS D 471 16.28 -13.44 -22.11
C HIS D 471 16.49 -12.21 -21.24
N PHE D 472 15.55 -11.94 -20.35
CA PHE D 472 15.63 -10.78 -19.46
C PHE D 472 14.90 -11.10 -18.17
N ASP D 473 15.59 -10.96 -17.04
CA ASP D 473 15.05 -11.31 -15.74
C ASP D 473 14.00 -10.29 -15.32
N MET D 474 12.82 -10.34 -15.93
CA MET D 474 11.78 -9.37 -15.63
C MET D 474 11.44 -9.37 -14.15
N HIS D 475 11.24 -10.56 -13.57
CA HIS D 475 10.88 -10.64 -12.16
C HIS D 475 11.98 -10.07 -11.27
N GLY D 476 13.24 -10.37 -11.60
CA GLY D 476 14.33 -9.81 -10.81
C GLY D 476 14.39 -8.30 -10.92
N PHE D 477 14.16 -7.78 -12.12
CA PHE D 477 14.14 -6.34 -12.33
C PHE D 477 13.05 -5.69 -11.48
N LEU D 478 11.82 -6.21 -11.56
CA LEU D 478 10.71 -5.60 -10.84
C LEU D 478 10.91 -5.68 -9.32
N THR D 479 11.39 -6.82 -8.82
CA THR D 479 11.49 -7.01 -7.38
C THR D 479 12.84 -6.55 -6.81
N ASN D 480 13.95 -6.92 -7.45
CA ASN D 480 15.26 -6.61 -6.90
C ASN D 480 15.77 -5.22 -7.26
N VAL D 481 15.19 -4.57 -8.27
CA VAL D 481 15.60 -3.22 -8.63
C VAL D 481 14.52 -2.24 -8.24
N ILE D 482 13.34 -2.32 -8.88
CA ILE D 482 12.32 -1.30 -8.67
C ILE D 482 11.79 -1.38 -7.25
N LEU D 483 11.20 -2.51 -6.88
CA LEU D 483 10.62 -2.66 -5.54
C LEU D 483 11.67 -2.37 -4.47
N ALA D 484 12.86 -2.95 -4.61
CA ALA D 484 13.92 -2.72 -3.64
C ALA D 484 14.28 -1.23 -3.56
N ASP D 485 14.34 -0.56 -4.71
CA ASP D 485 14.72 0.85 -4.73
C ASP D 485 13.66 1.76 -4.11
N LEU D 486 12.40 1.33 -4.10
CA LEU D 486 11.37 2.11 -3.41
C LEU D 486 11.62 2.14 -1.91
N ASN D 487 12.29 1.12 -1.37
CA ASN D 487 12.51 0.98 0.06
C ASN D 487 13.90 1.41 0.49
N LEU D 488 14.57 2.23 -0.30
CA LEU D 488 15.86 2.80 0.07
C LEU D 488 15.74 4.30 0.26
N SER D 489 16.60 4.86 1.11
CA SER D 489 16.62 6.30 1.35
C SER D 489 17.89 6.90 0.78
N VAL D 490 18.08 6.74 -0.53
CA VAL D 490 19.30 7.18 -1.18
C VAL D 490 19.08 8.42 -2.05
N SER D 491 17.91 8.61 -2.63
CA SER D 491 17.63 9.82 -3.39
C SER D 491 16.16 9.88 -3.79
N PRO D 492 15.49 11.02 -3.64
CA PRO D 492 14.10 11.12 -4.11
C PRO D 492 13.95 10.93 -5.60
N PHE D 493 14.99 11.20 -6.39
CA PHE D 493 14.90 10.99 -7.83
C PHE D 493 15.02 9.51 -8.20
N LEU D 494 15.65 8.70 -7.36
CA LEU D 494 15.56 7.26 -7.53
C LEU D 494 14.18 6.74 -7.16
N LEU D 495 13.69 7.16 -5.98
CA LEU D 495 12.36 6.75 -5.53
C LEU D 495 11.29 7.12 -6.55
N GLY D 496 11.31 8.36 -7.03
CA GLY D 496 10.31 8.79 -7.99
C GLY D 496 10.40 8.03 -9.31
N ARG D 497 11.63 7.82 -9.80
CA ARG D 497 11.80 7.05 -11.02
C ARG D 497 11.27 5.63 -10.85
N ALA D 498 11.47 5.06 -9.65
CA ALA D 498 10.97 3.71 -9.40
C ALA D 498 9.45 3.66 -9.45
N LEU D 499 8.78 4.63 -8.81
CA LEU D 499 7.33 4.69 -8.90
C LEU D 499 6.88 4.82 -10.36
N TRP D 500 7.56 5.69 -11.13
CA TRP D 500 7.24 5.85 -12.53
C TRP D 500 7.44 4.56 -13.31
N ALA D 501 8.61 3.94 -13.16
CA ALA D 501 8.93 2.75 -13.93
C ALA D 501 7.95 1.62 -13.64
N ALA D 502 7.61 1.42 -12.37
CA ALA D 502 6.63 0.38 -12.03
C ALA D 502 5.34 0.56 -12.81
N SER D 503 4.86 1.80 -12.93
CA SER D 503 3.61 2.05 -13.63
C SER D 503 3.72 1.70 -15.12
N ARG D 504 4.90 1.83 -15.70
CA ARG D 504 5.06 1.52 -17.12
C ARG D 504 5.00 0.02 -17.37
N PHE D 505 5.41 -0.80 -16.39
CA PHE D 505 5.46 -2.25 -16.55
C PHE D 505 4.29 -2.97 -15.89
N THR D 506 3.17 -2.27 -15.68
CA THR D 506 2.01 -2.89 -15.06
C THR D 506 1.65 -4.23 -15.70
N VAL D 507 1.86 -4.35 -17.01
CA VAL D 507 1.37 -5.51 -17.75
C VAL D 507 2.15 -6.78 -17.42
N ALA D 508 3.36 -6.66 -16.90
CA ALA D 508 4.23 -7.82 -16.69
C ALA D 508 4.23 -8.33 -15.26
N MET D 509 3.42 -7.76 -14.38
CA MET D 509 3.42 -8.10 -12.96
C MET D 509 2.06 -8.63 -12.53
N SER D 510 2.08 -9.39 -11.44
CA SER D 510 0.87 -9.99 -10.88
C SER D 510 0.03 -8.96 -10.15
N PRO D 511 -1.23 -9.29 -9.85
CA PRO D 511 -2.05 -8.35 -9.06
C PRO D 511 -1.47 -8.06 -7.69
N GLU D 512 -0.82 -9.04 -7.06
CA GLU D 512 -0.18 -8.80 -5.77
C GLU D 512 0.95 -7.79 -5.91
N LEU D 513 1.71 -7.85 -7.00
CA LEU D 513 2.80 -6.89 -7.20
C LEU D 513 2.26 -5.50 -7.49
N ILE D 514 1.23 -5.41 -8.34
CA ILE D 514 0.62 -4.11 -8.63
C ILE D 514 0.13 -3.48 -7.34
N GLN D 515 -0.46 -4.28 -6.44
CA GLN D 515 -0.94 -3.75 -5.18
C GLN D 515 0.20 -3.13 -4.39
N GLN D 516 1.37 -3.76 -4.38
CA GLN D 516 2.50 -3.21 -3.64
C GLN D 516 2.95 -1.89 -4.22
N PHE D 517 3.11 -1.83 -5.55
CA PHE D 517 3.57 -0.60 -6.17
C PHE D 517 2.53 0.51 -6.03
N LEU D 518 1.24 0.15 -6.05
CA LEU D 518 0.19 1.14 -5.82
C LEU D 518 0.26 1.68 -4.40
N GLN D 519 0.43 0.80 -3.41
CA GLN D 519 0.56 1.25 -2.03
C GLN D 519 1.76 2.16 -1.87
N ALA D 520 2.86 1.84 -2.57
CA ALA D 520 4.03 2.71 -2.53
C ALA D 520 3.80 4.01 -3.27
N THR D 521 2.91 4.01 -4.27
CA THR D 521 2.61 5.24 -4.99
C THR D 521 1.75 6.16 -4.13
N VAL D 522 0.73 5.61 -3.46
CA VAL D 522 -0.04 6.40 -2.52
C VAL D 522 0.85 6.95 -1.42
N SER D 523 1.79 6.13 -0.93
CA SER D 523 2.75 6.60 0.04
C SER D 523 3.60 7.73 -0.50
N GLY D 524 3.88 7.71 -1.81
CA GLY D 524 4.67 8.76 -2.43
C GLY D 524 3.93 10.08 -2.60
N LEU D 525 2.60 10.07 -2.45
CA LEU D 525 1.83 11.31 -2.52
C LEU D 525 1.88 12.11 -1.23
N HIS D 526 2.28 11.49 -0.12
CA HIS D 526 2.17 12.14 1.17
C HIS D 526 2.96 13.44 1.18
N GLU D 527 2.48 14.41 1.97
CA GLU D 527 3.09 15.72 1.99
C GLU D 527 4.50 15.71 2.58
N THR D 528 4.86 14.68 3.34
CA THR D 528 6.20 14.59 3.89
C THR D 528 7.24 14.17 2.85
N GLN D 529 6.80 13.78 1.65
CA GLN D 529 7.73 13.44 0.59
C GLN D 529 8.14 14.70 -0.15
N PRO D 530 9.35 14.73 -0.72
CA PRO D 530 9.75 15.91 -1.48
C PRO D 530 8.95 16.02 -2.76
N PRO D 531 8.81 17.24 -3.32
CA PRO D 531 7.92 17.42 -4.47
C PRO D 531 8.17 16.47 -5.63
N SER D 532 9.43 16.18 -5.95
CA SER D 532 9.71 15.31 -7.09
C SER D 532 9.09 13.94 -6.92
N VAL D 533 9.09 13.42 -5.70
CA VAL D 533 8.47 12.12 -5.44
C VAL D 533 6.96 12.21 -5.63
N ARG D 534 6.34 13.24 -5.05
CA ARG D 534 4.90 13.40 -5.17
C ARG D 534 4.49 13.59 -6.63
N ILE D 535 5.26 14.38 -7.38
CA ILE D 535 4.96 14.59 -8.80
C ILE D 535 5.07 13.28 -9.56
N SER D 536 6.11 12.49 -9.29
CA SER D 536 6.29 11.22 -9.97
C SER D 536 5.15 10.26 -9.63
N ALA D 537 4.69 10.27 -8.38
CA ALA D 537 3.59 9.41 -7.99
C ALA D 537 2.33 9.75 -8.77
N VAL D 538 2.10 11.04 -9.02
CA VAL D 538 0.92 11.45 -9.80
C VAL D 538 1.01 10.91 -11.22
N ARG D 539 2.16 11.08 -11.87
CA ARG D 539 2.35 10.50 -13.20
C ARG D 539 2.08 8.99 -13.15
N ALA D 540 2.64 8.31 -12.16
CA ALA D 540 2.45 6.87 -12.03
C ALA D 540 0.97 6.53 -11.94
N ILE D 541 0.23 7.28 -11.11
CA ILE D 541 -1.21 7.04 -10.98
C ILE D 541 -1.90 7.24 -12.33
N TRP D 542 -1.47 8.25 -13.09
CA TRP D 542 -2.03 8.44 -14.42
C TRP D 542 -1.82 7.18 -15.27
N GLY D 543 -0.61 6.61 -15.21
CA GLY D 543 -0.35 5.40 -15.97
C GLY D 543 -1.18 4.23 -15.50
N TYR D 544 -1.31 4.06 -14.18
CA TYR D 544 -2.12 2.97 -13.66
C TYR D 544 -3.56 3.06 -14.14
N CYS D 545 -4.19 4.24 -13.97
CA CYS D 545 -5.54 4.42 -14.47
C CYS D 545 -5.63 4.10 -15.95
N ASP D 546 -4.65 4.54 -16.74
CA ASP D 546 -4.73 4.39 -18.19
C ASP D 546 -4.56 2.94 -18.62
N GLN D 547 -3.59 2.22 -18.05
CA GLN D 547 -3.33 0.85 -18.47
C GLN D 547 -4.35 -0.13 -17.89
N LEU D 548 -4.69 0.02 -16.61
CA LEU D 548 -5.63 -0.90 -15.98
C LEU D 548 -7.05 -0.74 -16.51
N LYS D 549 -7.38 0.43 -17.06
CA LYS D 549 -8.64 0.57 -17.78
C LYS D 549 -8.61 -0.26 -19.06
N VAL D 550 -7.51 -0.19 -19.81
CA VAL D 550 -7.39 -0.96 -21.05
C VAL D 550 -7.41 -2.45 -20.76
N SER D 551 -6.72 -2.87 -19.69
CA SER D 551 -6.69 -4.28 -19.32
C SER D 551 -7.98 -4.76 -18.67
N GLU D 552 -8.97 -3.88 -18.50
CA GLU D 552 -10.22 -4.23 -17.82
C GLU D 552 -9.95 -4.83 -16.44
N SER D 553 -8.87 -4.37 -15.81
CA SER D 553 -8.41 -4.88 -14.52
C SER D 553 -8.41 -3.80 -13.46
N THR D 554 -9.39 -2.89 -13.52
CA THR D 554 -9.46 -1.80 -12.56
C THR D 554 -9.79 -2.26 -11.14
N HIS D 555 -10.15 -3.53 -10.96
CA HIS D 555 -10.55 -4.01 -9.64
C HIS D 555 -9.41 -3.94 -8.64
N VAL D 556 -8.16 -4.14 -9.09
CA VAL D 556 -7.02 -4.05 -8.19
C VAL D 556 -6.74 -2.61 -7.79
N LEU D 557 -7.22 -1.64 -8.56
CA LEU D 557 -7.05 -0.23 -8.27
C LEU D 557 -8.15 0.33 -7.39
N GLN D 558 -9.28 -0.36 -7.31
CA GLN D 558 -10.43 0.17 -6.59
C GLN D 558 -10.13 0.51 -5.15
N PRO D 559 -9.44 -0.31 -4.38
CA PRO D 559 -9.20 0.02 -2.95
C PRO D 559 -8.37 1.27 -2.74
N PHE D 560 -7.61 1.70 -3.75
CA PHE D 560 -6.74 2.86 -3.60
C PHE D 560 -7.40 4.18 -3.98
N LEU D 561 -8.54 4.14 -4.66
CA LEU D 561 -9.14 5.36 -5.19
C LEU D 561 -9.37 6.41 -4.12
N PRO D 562 -9.95 6.11 -2.96
CA PRO D 562 -10.15 7.16 -1.94
C PRO D 562 -8.88 7.92 -1.61
N SER D 563 -7.78 7.20 -1.37
CA SER D 563 -6.54 7.89 -0.99
C SER D 563 -5.90 8.59 -2.18
N ILE D 564 -6.08 8.06 -3.39
CA ILE D 564 -5.58 8.74 -4.59
C ILE D 564 -6.28 10.09 -4.72
N LEU D 565 -7.61 10.11 -4.58
CA LEU D 565 -8.35 11.36 -4.69
C LEU D 565 -7.89 12.37 -3.65
N ASP D 566 -7.77 11.94 -2.39
CA ASP D 566 -7.34 12.86 -1.34
C ASP D 566 -5.93 13.36 -1.59
N GLY D 567 -5.03 12.48 -2.05
CA GLY D 567 -3.67 12.92 -2.33
C GLY D 567 -3.59 13.95 -3.43
N LEU D 568 -4.40 13.78 -4.48
CA LEU D 568 -4.41 14.73 -5.58
C LEU D 568 -4.94 16.08 -5.11
N ILE D 569 -6.06 16.07 -4.39
CA ILE D 569 -6.62 17.32 -3.90
C ILE D 569 -5.62 18.02 -2.99
N HIS D 570 -4.89 17.27 -2.18
CA HIS D 570 -3.94 17.90 -1.26
C HIS D 570 -2.73 18.45 -2.01
N LEU D 571 -2.28 17.76 -3.04
CA LEU D 571 -1.14 18.25 -3.81
C LEU D 571 -1.51 19.51 -4.58
N ALA D 572 -2.74 19.59 -5.09
CA ALA D 572 -3.18 20.77 -5.80
C ALA D 572 -3.22 22.02 -4.92
N ALA D 573 -3.33 21.85 -3.61
CA ALA D 573 -3.41 22.99 -2.71
C ALA D 573 -2.05 23.63 -2.43
N GLN D 574 -0.96 23.00 -2.82
CA GLN D 574 0.38 23.53 -2.56
C GLN D 574 1.13 23.93 -3.82
N PHE D 575 0.65 23.55 -4.99
CA PHE D 575 1.34 23.84 -6.23
C PHE D 575 0.33 24.33 -7.25
N SER D 576 0.76 25.32 -8.04
CA SER D 576 0.02 25.81 -9.19
C SER D 576 0.83 25.46 -10.44
N SER D 577 0.62 26.20 -11.51
CA SER D 577 1.43 26.11 -12.72
C SER D 577 1.40 24.66 -13.23
N GLU D 578 2.54 24.10 -13.68
CA GLU D 578 2.54 22.83 -14.38
C GLU D 578 2.19 21.66 -13.47
N VAL D 579 2.59 21.73 -12.20
CA VAL D 579 2.26 20.66 -11.27
C VAL D 579 0.75 20.51 -11.17
N LEU D 580 0.05 21.63 -11.01
CA LEU D 580 -1.40 21.59 -10.88
C LEU D 580 -2.06 21.03 -12.13
N ASN D 581 -1.60 21.46 -13.31
CA ASN D 581 -2.16 20.93 -14.55
C ASN D 581 -2.03 19.41 -14.61
N LEU D 582 -0.92 18.88 -14.11
CA LEU D 582 -0.75 17.42 -14.07
C LEU D 582 -1.73 16.79 -13.09
N VAL D 583 -1.96 17.43 -11.94
CA VAL D 583 -2.91 16.91 -10.97
C VAL D 583 -4.32 16.94 -11.55
N MET D 584 -4.68 18.02 -12.23
CA MET D 584 -6.02 18.12 -12.79
C MET D 584 -6.25 17.09 -13.88
N GLU D 585 -5.24 16.88 -14.75
CA GLU D 585 -5.35 15.83 -15.74
C GLU D 585 -5.56 14.48 -15.09
N THR D 586 -4.80 14.18 -14.04
CA THR D 586 -4.88 12.88 -13.40
C THR D 586 -6.17 12.73 -12.61
N LEU D 587 -6.62 13.80 -11.97
CA LEU D 587 -7.93 13.76 -11.32
C LEU D 587 -9.02 13.40 -12.31
N CYS D 588 -8.92 13.91 -13.54
CA CYS D 588 -9.95 13.64 -14.53
C CYS D 588 -9.98 12.16 -14.91
N ILE D 589 -8.80 11.55 -15.12
CA ILE D 589 -8.79 10.14 -15.51
C ILE D 589 -9.17 9.27 -14.33
N VAL D 590 -8.80 9.65 -13.11
CA VAL D 590 -9.30 8.94 -11.93
C VAL D 590 -10.82 8.93 -11.92
N CYS D 591 -11.44 10.02 -12.38
CA CYS D 591 -12.90 10.09 -12.40
C CYS D 591 -13.52 9.08 -13.36
N THR D 592 -12.75 8.53 -14.28
CA THR D 592 -13.28 7.60 -15.27
C THR D 592 -13.10 6.14 -14.88
N VAL D 593 -12.37 5.85 -13.80
CA VAL D 593 -12.06 4.47 -13.45
C VAL D 593 -13.32 3.74 -12.99
N ASP D 594 -14.01 4.31 -12.00
CA ASP D 594 -15.18 3.69 -11.42
C ASP D 594 -16.30 4.71 -11.22
N PRO D 595 -17.37 4.67 -12.02
CA PRO D 595 -18.45 5.65 -11.83
C PRO D 595 -19.06 5.62 -10.43
N GLU D 596 -19.12 4.45 -9.79
CA GLU D 596 -19.62 4.40 -8.42
C GLU D 596 -18.78 5.27 -7.50
N PHE D 597 -17.46 5.08 -7.53
CA PHE D 597 -16.60 5.86 -6.65
C PHE D 597 -16.74 7.35 -6.96
N THR D 598 -16.68 7.71 -8.24
CA THR D 598 -16.80 9.11 -8.62
C THR D 598 -18.12 9.70 -8.13
N ALA D 599 -19.21 8.98 -8.33
CA ALA D 599 -20.51 9.46 -7.85
C ALA D 599 -20.50 9.63 -6.34
N SER D 600 -19.89 8.70 -5.62
CA SER D 600 -19.89 8.76 -4.17
C SER D 600 -19.00 9.90 -3.66
N MET D 601 -17.98 10.28 -4.41
CA MET D 601 -17.11 11.37 -4.03
C MET D 601 -17.41 12.66 -4.79
N GLU D 602 -18.56 12.73 -5.46
CA GLU D 602 -18.96 13.96 -6.14
C GLU D 602 -18.91 15.16 -5.20
N SER D 603 -19.35 14.99 -3.96
CA SER D 603 -19.37 16.09 -3.00
C SER D 603 -17.99 16.61 -2.67
N LYS D 604 -16.93 15.90 -3.05
CA LYS D 604 -15.56 16.35 -2.86
C LYS D 604 -14.94 16.82 -4.17
N ILE D 605 -15.19 16.10 -5.26
CA ILE D 605 -14.61 16.45 -6.55
C ILE D 605 -15.19 17.75 -7.08
N CYS D 606 -16.52 17.89 -7.03
CA CYS D 606 -17.14 19.02 -7.73
C CYS D 606 -16.82 20.35 -7.06
N PRO D 607 -16.90 20.49 -5.73
CA PRO D 607 -16.49 21.77 -5.12
C PRO D 607 -15.02 22.08 -5.32
N PHE D 608 -14.16 21.05 -5.29
CA PHE D 608 -12.75 21.25 -5.58
C PHE D 608 -12.57 21.82 -6.99
N THR D 609 -13.20 21.20 -7.98
CA THR D 609 -13.02 21.64 -9.35
C THR D 609 -13.57 23.04 -9.56
N ILE D 610 -14.70 23.37 -8.92
CA ILE D 610 -15.24 24.72 -9.03
C ILE D 610 -14.26 25.73 -8.46
N ALA D 611 -13.71 25.43 -7.28
CA ALA D 611 -12.78 26.36 -6.64
C ALA D 611 -11.55 26.59 -7.50
N ILE D 612 -10.99 25.52 -8.07
CA ILE D 612 -9.87 25.66 -9.01
C ILE D 612 -10.31 26.47 -10.22
N PHE D 613 -11.46 26.11 -10.79
CA PHE D 613 -11.99 26.82 -11.95
C PHE D 613 -12.00 28.33 -11.73
N LEU D 614 -12.50 28.76 -10.56
CA LEU D 614 -12.59 30.18 -10.27
C LEU D 614 -11.24 30.78 -9.90
N LYS D 615 -10.46 30.07 -9.08
CA LYS D 615 -9.20 30.62 -8.58
C LYS D 615 -8.25 30.93 -9.74
N TYR D 616 -8.20 30.06 -10.73
CA TYR D 616 -7.39 30.27 -11.93
C TYR D 616 -8.27 30.62 -13.12
N SER D 617 -9.29 31.45 -12.88
CA SER D 617 -10.15 31.92 -13.97
C SER D 617 -9.39 32.61 -15.08
N ASN D 618 -8.14 32.99 -14.83
CA ASN D 618 -7.29 33.67 -15.80
CA ASN D 618 -7.36 33.67 -15.86
C ASN D 618 -6.48 32.72 -16.67
N ASP D 619 -6.51 31.41 -16.37
CA ASP D 619 -5.71 30.45 -17.12
C ASP D 619 -6.62 29.61 -18.01
N PRO D 620 -6.61 29.81 -19.33
CA PRO D 620 -7.48 29.00 -20.20
C PRO D 620 -7.18 27.52 -20.14
N VAL D 621 -5.95 27.13 -19.82
CA VAL D 621 -5.61 25.72 -19.75
C VAL D 621 -6.26 25.08 -18.53
N VAL D 622 -6.25 25.78 -17.40
CA VAL D 622 -6.90 25.26 -16.19
C VAL D 622 -8.41 25.19 -16.39
N ALA D 623 -8.99 26.24 -17.00
CA ALA D 623 -10.42 26.23 -17.27
C ALA D 623 -10.81 25.01 -18.09
N SER D 624 -10.00 24.66 -19.10
CA SER D 624 -10.30 23.50 -19.92
C SER D 624 -10.17 22.21 -19.12
N LEU D 625 -9.21 22.15 -18.20
CA LEU D 625 -9.06 20.96 -17.37
C LEU D 625 -10.23 20.83 -16.39
N ALA D 626 -10.64 21.93 -15.77
CA ALA D 626 -11.87 21.92 -14.99
C ALA D 626 -13.04 21.45 -15.83
N GLN D 627 -13.19 22.01 -17.04
CA GLN D 627 -14.28 21.63 -17.92
C GLN D 627 -14.25 20.14 -18.23
N ASP D 628 -13.06 19.56 -18.37
CA ASP D 628 -12.96 18.12 -18.63
C ASP D 628 -13.49 17.32 -17.44
N ILE D 629 -13.23 17.79 -16.22
CA ILE D 629 -13.73 17.10 -15.03
C ILE D 629 -15.24 17.23 -14.94
N PHE D 630 -15.76 18.45 -15.11
CA PHE D 630 -17.20 18.65 -15.10
C PHE D 630 -17.88 17.76 -16.12
N LYS D 631 -17.23 17.55 -17.27
CA LYS D 631 -17.82 16.68 -18.30
C LYS D 631 -17.89 15.25 -17.82
N GLU D 632 -16.84 14.74 -17.17
CA GLU D 632 -16.85 13.35 -16.72
C GLU D 632 -17.90 13.13 -15.64
N LEU D 633 -18.21 14.17 -14.84
CA LEU D 633 -19.27 14.06 -13.85
C LEU D 633 -20.64 14.11 -14.51
N SER D 634 -20.83 15.01 -15.49
CA SER D 634 -22.12 15.13 -16.14
C SER D 634 -22.52 13.83 -16.83
N GLN D 635 -21.56 13.01 -17.22
CA GLN D 635 -21.83 11.75 -17.89
C GLN D 635 -22.12 10.61 -16.92
N ILE D 636 -22.20 10.90 -15.63
CA ILE D 636 -22.59 9.92 -14.61
C ILE D 636 -23.91 10.39 -14.01
N GLU D 637 -24.95 9.57 -14.16
CA GLU D 637 -26.28 10.00 -13.73
C GLU D 637 -26.31 10.33 -12.24
N ALA D 638 -25.71 9.48 -11.41
CA ALA D 638 -25.76 9.70 -9.97
C ALA D 638 -25.07 10.99 -9.54
N CYS D 639 -24.31 11.62 -10.42
CA CYS D 639 -23.70 12.91 -10.11
C CYS D 639 -24.58 14.09 -10.50
N GLN D 640 -25.46 13.91 -11.49
CA GLN D 640 -26.07 15.06 -12.16
C GLN D 640 -26.83 15.95 -11.19
N GLY D 641 -27.71 15.37 -10.38
CA GLY D 641 -28.53 16.13 -9.46
C GLY D 641 -27.70 16.98 -8.51
N PRO D 642 -26.88 16.34 -7.70
CA PRO D 642 -26.07 17.11 -6.73
C PRO D 642 -25.08 18.05 -7.41
N MET D 643 -24.45 17.63 -8.50
CA MET D 643 -23.50 18.49 -9.19
C MET D 643 -24.17 19.74 -9.71
N GLN D 644 -25.32 19.58 -10.37
CA GLN D 644 -26.02 20.73 -10.95
C GLN D 644 -26.45 21.71 -9.85
N MET D 645 -26.97 21.17 -8.74
CA MET D 645 -27.32 22.00 -7.60
C MET D 645 -26.13 22.84 -7.14
N ARG D 646 -24.93 22.35 -7.39
CA ARG D 646 -23.68 23.00 -7.00
C ARG D 646 -23.16 23.92 -8.10
N LEU D 647 -23.14 23.42 -9.33
CA LEU D 647 -22.44 24.03 -10.45
C LEU D 647 -23.26 25.09 -11.17
N ILE D 648 -24.55 24.85 -11.38
CA ILE D 648 -25.37 25.81 -12.12
C ILE D 648 -25.35 27.17 -11.45
N PRO D 649 -25.53 27.30 -10.13
CA PRO D 649 -25.45 28.64 -9.52
C PRO D 649 -24.14 29.35 -9.79
N THR D 650 -23.03 28.62 -9.84
CA THR D 650 -21.74 29.25 -10.13
C THR D 650 -21.67 29.68 -11.59
N LEU D 651 -22.10 28.82 -12.51
CA LEU D 651 -22.12 29.21 -13.92
C LEU D 651 -23.01 30.43 -14.13
N VAL D 652 -24.21 30.42 -13.55
CA VAL D 652 -25.11 31.56 -13.67
C VAL D 652 -24.45 32.82 -13.13
N SER D 653 -23.74 32.71 -12.01
CA SER D 653 -23.02 33.86 -11.46
C SER D 653 -22.02 34.41 -12.47
N ILE D 654 -21.35 33.54 -13.22
CA ILE D 654 -20.36 33.98 -14.19
C ILE D 654 -21.03 34.75 -15.32
N MET D 655 -22.20 34.29 -15.77
CA MET D 655 -22.86 34.92 -16.90
C MET D 655 -23.44 36.27 -16.55
N GLN D 656 -23.72 36.53 -15.28
CA GLN D 656 -24.25 37.81 -14.84
C GLN D 656 -23.18 38.78 -14.38
N ALA D 657 -21.94 38.34 -14.23
CA ALA D 657 -20.87 39.25 -13.84
C ALA D 657 -20.59 40.23 -14.98
N PRO D 658 -20.17 41.46 -14.65
CA PRO D 658 -19.81 42.40 -15.72
C PRO D 658 -18.64 41.87 -16.53
N ALA D 659 -18.75 41.98 -17.86
CA ALA D 659 -17.76 41.38 -18.74
C ALA D 659 -16.38 42.02 -18.56
N ASP D 660 -16.33 43.30 -18.24
CA ASP D 660 -15.06 44.00 -18.06
C ASP D 660 -14.38 43.68 -16.74
N LYS D 661 -15.01 42.91 -15.86
CA LYS D 661 -14.47 42.64 -14.53
C LYS D 661 -14.04 41.20 -14.31
N ILE D 662 -14.47 40.26 -15.16
CA ILE D 662 -14.01 38.88 -15.05
C ILE D 662 -13.12 38.58 -16.25
N PRO D 663 -12.18 37.65 -16.16
CA PRO D 663 -11.24 37.43 -17.26
C PRO D 663 -11.91 36.89 -18.51
N ALA D 664 -11.25 37.13 -19.64
CA ALA D 664 -11.79 36.73 -20.93
C ALA D 664 -11.72 35.23 -21.11
N GLY D 665 -12.84 34.63 -21.52
CA GLY D 665 -12.93 33.21 -21.73
C GLY D 665 -13.61 32.45 -20.61
N LEU D 666 -13.70 33.03 -19.41
CA LEU D 666 -14.39 32.37 -18.31
C LEU D 666 -15.88 32.21 -18.64
N CYS D 667 -16.50 33.28 -19.15
CA CYS D 667 -17.92 33.23 -19.46
C CYS D 667 -18.19 32.23 -20.59
N ALA D 668 -17.37 32.27 -21.65
CA ALA D 668 -17.57 31.37 -22.78
C ALA D 668 -17.36 29.91 -22.36
N THR D 669 -16.38 29.66 -21.49
CA THR D 669 -16.21 28.31 -20.97
C THR D 669 -17.39 27.91 -20.09
N ALA D 670 -17.92 28.84 -19.30
CA ALA D 670 -19.08 28.55 -18.46
C ALA D 670 -20.26 28.09 -19.29
N ILE D 671 -20.52 28.78 -20.41
CA ILE D 671 -21.61 28.38 -21.28
C ILE D 671 -21.38 26.97 -21.83
N ASP D 672 -20.14 26.67 -22.23
CA ASP D 672 -19.83 25.34 -22.74
C ASP D 672 -20.07 24.28 -21.66
N ILE D 673 -19.68 24.55 -20.43
CA ILE D 673 -19.93 23.61 -19.34
C ILE D 673 -21.42 23.39 -19.19
N LEU D 674 -22.22 24.45 -19.31
CA LEU D 674 -23.67 24.32 -19.22
C LEU D 674 -24.20 23.46 -20.36
N THR D 675 -23.73 23.71 -21.58
CA THR D 675 -24.20 22.93 -22.72
C THR D 675 -23.98 21.43 -22.50
N THR D 676 -22.81 21.06 -21.96
CA THR D 676 -22.53 19.66 -21.71
C THR D 676 -23.45 19.06 -20.65
N VAL D 677 -23.86 19.87 -19.66
CA VAL D 677 -24.83 19.41 -18.68
C VAL D 677 -26.16 19.13 -19.35
N VAL D 678 -26.64 20.08 -20.16
CA VAL D 678 -27.91 19.91 -20.85
C VAL D 678 -27.87 18.69 -21.76
N ARG D 679 -26.80 18.56 -22.55
CA ARG D 679 -26.70 17.46 -23.50
C ARG D 679 -26.70 16.10 -22.81
N ASN D 680 -26.26 16.05 -21.55
CA ASN D 680 -26.12 14.78 -20.84
C ASN D 680 -27.21 14.51 -19.81
N THR D 681 -28.05 15.50 -19.50
CA THR D 681 -29.14 15.31 -18.57
C THR D 681 -30.38 14.86 -19.35
N LYS D 682 -30.92 13.70 -18.98
CA LYS D 682 -32.10 13.20 -19.68
C LYS D 682 -33.34 13.97 -19.26
N PRO D 683 -34.22 14.33 -20.19
CA PRO D 683 -35.36 15.19 -19.85
C PRO D 683 -36.44 14.43 -19.13
N PRO D 684 -37.32 15.11 -18.38
CA PRO D 684 -37.33 16.58 -18.25
C PRO D 684 -36.22 17.12 -17.35
N LEU D 685 -35.76 18.32 -17.66
CA LEU D 685 -34.68 18.93 -16.90
C LEU D 685 -35.23 19.60 -15.65
N SER D 686 -34.40 19.66 -14.62
CA SER D 686 -34.78 20.32 -13.38
C SER D 686 -35.21 21.76 -13.65
N GLN D 687 -36.02 22.30 -12.74
CA GLN D 687 -36.38 23.71 -12.81
C GLN D 687 -35.16 24.61 -12.58
N LEU D 688 -34.10 24.07 -11.99
CA LEU D 688 -32.84 24.81 -11.87
C LEU D 688 -32.27 25.12 -13.25
N LEU D 689 -32.30 24.14 -14.16
CA LEU D 689 -31.78 24.35 -15.50
C LEU D 689 -32.70 25.21 -16.35
N ILE D 690 -34.02 25.11 -16.13
CA ILE D 690 -34.97 25.78 -16.99
C ILE D 690 -35.24 27.21 -16.53
N CYS D 691 -35.42 27.42 -15.23
CA CYS D 691 -35.83 28.73 -14.73
C CYS D 691 -34.68 29.64 -14.32
N GLN D 692 -33.50 29.07 -14.04
CA GLN D 692 -32.33 29.87 -13.71
C GLN D 692 -31.29 29.90 -14.82
N ALA D 693 -30.88 28.73 -15.31
CA ALA D 693 -29.78 28.67 -16.27
C ALA D 693 -30.20 29.23 -17.62
N PHE D 694 -31.29 28.69 -18.20
CA PHE D 694 -31.70 29.10 -19.54
C PHE D 694 -31.89 30.60 -19.67
N PRO D 695 -32.61 31.28 -18.77
CA PRO D 695 -32.72 32.74 -18.91
C PRO D 695 -31.38 33.44 -18.80
N ALA D 696 -30.47 32.93 -17.97
CA ALA D 696 -29.18 33.58 -17.80
C ALA D 696 -28.33 33.47 -19.05
N VAL D 697 -28.31 32.30 -19.69
CA VAL D 697 -27.49 32.12 -20.89
C VAL D 697 -28.09 32.89 -22.05
N ALA D 698 -29.42 32.91 -22.15
CA ALA D 698 -30.08 33.71 -23.18
C ALA D 698 -29.80 35.19 -22.98
N GLN D 699 -29.98 35.67 -21.74
CA GLN D 699 -29.67 37.06 -21.44
C GLN D 699 -28.20 37.37 -21.68
N CYS D 700 -27.31 36.46 -21.26
CA CYS D 700 -25.88 36.71 -21.37
C CYS D 700 -25.47 36.92 -22.83
N THR D 701 -26.04 36.14 -23.75
CA THR D 701 -25.64 36.23 -25.15
C THR D 701 -26.27 37.42 -25.86
N LEU D 702 -27.48 37.80 -25.47
CA LEU D 702 -28.12 38.97 -26.09
C LEU D 702 -27.42 40.26 -25.69
N HIS D 703 -26.64 40.25 -24.62
CA HIS D 703 -25.98 41.45 -24.11
C HIS D 703 -24.48 41.46 -24.30
N THR D 704 -23.89 40.40 -24.83
CA THR D 704 -22.44 40.29 -24.88
C THR D 704 -21.88 40.85 -26.19
N ASP D 705 -20.62 41.30 -26.12
CA ASP D 705 -19.90 41.78 -27.28
C ASP D 705 -18.82 40.81 -27.74
N ASP D 706 -18.70 39.65 -27.10
CA ASP D 706 -17.64 38.69 -27.38
C ASP D 706 -18.15 37.61 -28.33
N ASN D 707 -17.39 37.37 -29.40
CA ASN D 707 -17.83 36.41 -30.42
C ASN D 707 -17.85 34.99 -29.87
N ALA D 708 -16.87 34.62 -29.04
CA ALA D 708 -16.85 33.27 -28.48
C ALA D 708 -18.05 33.05 -27.56
N THR D 709 -18.40 34.06 -26.75
CA THR D 709 -19.55 33.92 -25.86
C THR D 709 -20.84 33.79 -26.66
N MET D 710 -21.03 34.65 -27.66
CA MET D 710 -22.23 34.58 -28.49
C MET D 710 -22.37 33.21 -29.15
N GLN D 711 -21.29 32.75 -29.80
CA GLN D 711 -21.33 31.46 -30.47
C GLN D 711 -21.71 30.34 -29.49
N ASN D 712 -21.07 30.33 -28.32
CA ASN D 712 -21.32 29.25 -27.36
C ASN D 712 -22.75 29.28 -26.84
N GLY D 713 -23.26 30.46 -26.52
CA GLY D 713 -24.63 30.57 -26.04
C GLY D 713 -25.64 30.04 -27.04
N GLY D 714 -25.47 30.40 -28.31
CA GLY D 714 -26.36 29.87 -29.33
C GLY D 714 -26.30 28.35 -29.40
N GLU D 715 -25.11 27.79 -29.24
CA GLU D 715 -24.99 26.33 -29.17
C GLU D 715 -25.64 25.79 -27.91
N CYS D 716 -25.69 26.58 -26.84
CA CYS D 716 -26.34 26.12 -25.61
C CYS D 716 -27.84 26.10 -25.77
N LEU D 717 -28.41 27.18 -26.31
CA LEU D 717 -29.85 27.21 -26.58
C LEU D 717 -30.24 26.13 -27.59
N ARG D 718 -29.39 25.85 -28.58
CA ARG D 718 -29.64 24.73 -29.46
C ARG D 718 -29.76 23.43 -28.67
N ALA D 719 -28.92 23.28 -27.64
CA ALA D 719 -29.01 22.08 -26.80
C ALA D 719 -30.33 22.02 -26.06
N TYR D 720 -30.78 23.15 -25.49
CA TYR D 720 -32.08 23.18 -24.84
C TYR D 720 -33.18 22.78 -25.82
N VAL D 721 -33.24 23.45 -26.98
CA VAL D 721 -34.27 23.16 -27.97
C VAL D 721 -34.21 21.70 -28.39
N SER D 722 -33.00 21.16 -28.53
CA SER D 722 -32.85 19.79 -29.01
C SER D 722 -33.20 18.76 -27.94
N VAL D 723 -33.00 19.10 -26.67
CA VAL D 723 -33.17 18.13 -25.60
C VAL D 723 -34.59 18.18 -25.02
N THR D 724 -35.18 19.37 -24.89
CA THR D 724 -36.50 19.48 -24.27
C THR D 724 -37.21 20.71 -24.86
N LEU D 725 -37.74 20.54 -26.08
CA LEU D 725 -38.45 21.63 -26.74
C LEU D 725 -39.66 22.06 -25.92
N GLU D 726 -40.40 21.11 -25.36
CA GLU D 726 -41.60 21.44 -24.60
C GLU D 726 -41.31 22.45 -23.49
N GLN D 727 -40.32 22.14 -22.64
CA GLN D 727 -40.03 22.99 -21.50
C GLN D 727 -39.54 24.36 -21.94
N VAL D 728 -38.88 24.44 -23.10
CA VAL D 728 -38.47 25.73 -23.63
C VAL D 728 -39.69 26.53 -24.08
N ALA D 729 -40.66 25.86 -24.72
CA ALA D 729 -41.88 26.53 -25.15
C ALA D 729 -42.77 26.87 -23.97
N GLN D 730 -42.91 25.96 -23.01
CA GLN D 730 -43.78 26.18 -21.87
C GLN D 730 -43.22 27.18 -20.87
N TRP D 731 -41.95 27.53 -20.96
CA TRP D 731 -41.37 28.52 -20.06
C TRP D 731 -41.66 29.93 -20.57
N HIS D 732 -41.89 30.85 -19.65
CA HIS D 732 -42.18 32.23 -20.00
C HIS D 732 -41.46 33.15 -19.02
N ASP D 733 -41.14 34.35 -19.49
CA ASP D 733 -40.72 35.41 -18.59
C ASP D 733 -41.95 36.21 -18.15
N GLU D 734 -41.73 37.14 -17.22
CA GLU D 734 -42.86 37.86 -16.63
C GLU D 734 -43.60 38.71 -17.66
N GLN D 735 -42.96 39.09 -18.75
CA GLN D 735 -43.59 39.92 -19.77
C GLN D 735 -44.39 39.10 -20.79
N GLY D 736 -44.42 37.78 -20.65
CA GLY D 736 -45.15 36.91 -21.55
C GLY D 736 -44.30 36.19 -22.58
N HIS D 737 -43.08 36.68 -22.84
CA HIS D 737 -42.21 36.04 -23.82
C HIS D 737 -41.79 34.65 -23.35
N ASN D 738 -41.91 33.66 -24.23
CA ASN D 738 -41.55 32.29 -23.91
C ASN D 738 -40.12 31.99 -24.39
N GLY D 739 -39.70 30.75 -24.21
CA GLY D 739 -38.33 30.38 -24.53
C GLY D 739 -38.01 30.55 -26.00
N LEU D 740 -38.86 30.00 -26.87
CA LEU D 740 -38.64 30.14 -28.32
C LEU D 740 -38.60 31.59 -28.75
N TRP D 741 -39.22 32.50 -27.98
CA TRP D 741 -39.04 33.92 -28.27
C TRP D 741 -37.60 34.34 -28.03
N TYR D 742 -36.99 33.86 -26.94
CA TYR D 742 -35.60 34.20 -26.65
C TYR D 742 -34.66 33.56 -27.68
N VAL D 743 -34.93 32.31 -28.05
CA VAL D 743 -34.14 31.67 -29.10
C VAL D 743 -34.15 32.52 -30.37
N MET D 744 -35.33 33.00 -30.75
CA MET D 744 -35.46 33.79 -31.97
C MET D 744 -34.67 35.09 -31.86
N GLN D 745 -34.74 35.75 -30.71
CA GLN D 745 -33.98 36.98 -30.51
C GLN D 745 -32.48 36.73 -30.69
N VAL D 746 -32.01 35.57 -30.22
CA VAL D 746 -30.60 35.22 -30.42
C VAL D 746 -30.33 34.94 -31.88
N VAL D 747 -31.17 34.11 -32.51
CA VAL D 747 -31.04 33.87 -33.95
C VAL D 747 -31.01 35.18 -34.71
N SER D 748 -31.74 36.19 -34.23
CA SER D 748 -31.72 37.50 -34.87
C SER D 748 -30.37 38.18 -34.68
N GLN D 749 -29.85 38.20 -33.44
CA GLN D 749 -28.61 38.91 -33.20
C GLN D 749 -27.42 38.24 -33.88
N LEU D 750 -27.44 36.91 -34.00
CA LEU D 750 -26.33 36.23 -34.65
C LEU D 750 -26.29 36.51 -36.15
N LEU D 751 -27.44 36.76 -36.76
CA LEU D 751 -27.54 37.06 -38.18
C LEU D 751 -27.51 38.55 -38.49
N ASP D 752 -27.26 39.39 -37.50
CA ASP D 752 -27.27 40.83 -37.70
C ASP D 752 -26.10 41.27 -38.55
N PRO D 753 -26.33 41.83 -39.75
CA PRO D 753 -25.18 42.19 -40.62
C PRO D 753 -24.33 43.32 -40.09
N ARG D 754 -24.73 44.00 -39.02
CA ARG D 754 -23.93 45.10 -38.49
C ARG D 754 -22.79 44.64 -37.59
N THR D 755 -22.89 43.45 -37.00
CA THR D 755 -21.85 42.93 -36.13
C THR D 755 -20.90 42.04 -36.93
N SER D 756 -19.95 41.44 -36.23
CA SER D 756 -18.93 40.64 -36.89
C SER D 756 -19.56 39.50 -37.69
N GLU D 757 -18.85 39.10 -38.75
CA GLU D 757 -19.29 37.98 -39.55
C GLU D 757 -19.34 36.71 -38.73
N PHE D 758 -18.43 36.57 -37.77
CA PHE D 758 -18.25 35.35 -37.01
C PHE D 758 -19.40 35.08 -36.04
N THR D 759 -20.30 36.02 -35.82
CA THR D 759 -21.46 35.72 -34.99
C THR D 759 -22.31 34.61 -35.57
N ALA D 760 -22.21 34.38 -36.88
CA ALA D 760 -23.00 33.36 -37.57
C ALA D 760 -22.22 32.08 -37.81
N ALA D 761 -21.10 31.88 -37.11
CA ALA D 761 -20.28 30.70 -37.33
C ALA D 761 -21.03 29.41 -37.06
N PHE D 762 -22.05 29.45 -36.19
CA PHE D 762 -22.80 28.25 -35.86
C PHE D 762 -24.31 28.46 -35.87
N VAL D 763 -24.81 29.65 -36.24
CA VAL D 763 -26.24 29.88 -36.24
C VAL D 763 -26.98 28.87 -37.10
N GLY D 764 -26.33 28.42 -38.18
CA GLY D 764 -27.00 27.50 -39.09
C GLY D 764 -27.51 26.26 -38.39
N ARG D 765 -26.72 25.70 -37.46
CA ARG D 765 -27.17 24.53 -36.74
C ARG D 765 -28.36 24.87 -35.84
N LEU D 766 -28.34 26.03 -35.20
CA LEU D 766 -29.47 26.44 -34.37
C LEU D 766 -30.74 26.54 -35.22
N VAL D 767 -30.66 27.24 -36.35
CA VAL D 767 -31.82 27.37 -37.23
C VAL D 767 -32.28 26.01 -37.73
N SER D 768 -31.33 25.14 -38.10
CA SER D 768 -31.70 23.83 -38.62
C SER D 768 -32.40 22.99 -37.55
N THR D 769 -31.92 23.03 -36.31
CA THR D 769 -32.59 22.33 -35.22
C THR D 769 -33.95 22.97 -34.93
N LEU D 770 -34.00 24.30 -34.92
CA LEU D 770 -35.25 25.00 -34.64
C LEU D 770 -36.31 24.68 -35.70
N ILE D 771 -35.92 24.69 -36.97
CA ILE D 771 -36.84 24.29 -38.03
C ILE D 771 -37.32 22.86 -37.83
N SER D 772 -36.42 21.98 -37.38
CA SER D 772 -36.75 20.56 -37.26
C SER D 772 -37.68 20.30 -36.08
N LYS D 773 -37.34 20.84 -34.91
CA LYS D 773 -38.12 20.57 -33.71
C LYS D 773 -39.40 21.41 -33.70
N ALA D 774 -39.27 22.71 -33.95
CA ALA D 774 -40.40 23.61 -33.93
C ALA D 774 -40.93 23.79 -35.35
N GLY D 775 -40.52 24.87 -36.01
CA GLY D 775 -40.97 25.11 -37.36
C GLY D 775 -42.34 25.75 -37.39
N ARG D 776 -43.37 24.98 -37.02
CA ARG D 776 -44.70 25.55 -36.94
C ARG D 776 -44.76 26.72 -35.97
N GLU D 777 -44.20 26.56 -34.77
CA GLU D 777 -44.14 27.65 -33.80
C GLU D 777 -43.60 28.91 -34.48
N LEU D 778 -44.47 29.89 -34.67
CA LEU D 778 -44.15 31.11 -35.41
C LEU D 778 -43.57 30.74 -36.78
N GLY D 779 -44.43 30.15 -37.61
CA GLY D 779 -44.03 29.72 -38.94
C GLY D 779 -43.78 30.86 -39.89
N GLU D 780 -44.36 32.03 -39.62
CA GLU D 780 -44.04 33.23 -40.37
C GLU D 780 -42.67 33.79 -40.01
N ASN D 781 -42.09 33.38 -38.88
CA ASN D 781 -40.71 33.76 -38.58
C ASN D 781 -39.70 33.07 -39.48
N LEU D 782 -40.06 31.91 -40.05
CA LEU D 782 -39.13 31.21 -40.95
C LEU D 782 -38.69 32.11 -42.09
N ASP D 783 -39.63 32.62 -42.87
CA ASP D 783 -39.29 33.52 -43.97
C ASP D 783 -38.48 34.71 -43.45
N GLN D 784 -38.82 35.21 -42.27
CA GLN D 784 -38.07 36.32 -41.69
C GLN D 784 -36.63 35.93 -41.40
N ILE D 785 -36.40 34.68 -41.02
CA ILE D 785 -35.04 34.23 -40.74
C ILE D 785 -34.22 34.15 -42.01
N LEU D 786 -34.79 33.56 -43.07
CA LEU D 786 -34.05 33.35 -44.30
C LEU D 786 -33.61 34.68 -44.91
N ARG D 787 -34.47 35.69 -44.87
CA ARG D 787 -34.07 37.02 -45.32
C ARG D 787 -32.86 37.53 -44.54
N ALA D 788 -32.82 37.25 -43.24
CA ALA D 788 -31.68 37.65 -42.44
C ALA D 788 -30.44 36.83 -42.79
N ILE D 789 -30.61 35.53 -43.06
CA ILE D 789 -29.50 34.71 -43.51
C ILE D 789 -28.92 35.28 -44.80
N LEU D 790 -29.78 35.57 -45.78
CA LEU D 790 -29.32 36.16 -47.03
C LEU D 790 -28.51 37.43 -46.77
N SER D 791 -29.03 38.34 -45.94
CA SER D 791 -28.30 39.55 -45.62
C SER D 791 -26.97 39.24 -44.96
N LYS D 792 -26.90 38.16 -44.18
CA LYS D 792 -25.65 37.81 -43.50
C LYS D 792 -24.68 37.14 -44.46
N MET D 793 -25.18 36.35 -45.41
CA MET D 793 -24.31 35.75 -46.41
C MET D 793 -23.59 36.80 -47.23
N GLN D 794 -24.24 37.94 -47.49
CA GLN D 794 -23.59 39.01 -48.23
C GLN D 794 -22.42 39.59 -47.44
N GLN D 795 -22.61 39.76 -46.13
CA GLN D 795 -21.55 40.32 -45.29
C GLN D 795 -20.39 39.34 -45.11
N ALA D 796 -20.70 38.05 -45.04
CA ALA D 796 -19.70 37.05 -44.69
C ALA D 796 -18.77 36.75 -45.86
N GLU D 797 -17.49 36.55 -45.54
CA GLU D 797 -16.48 36.16 -46.52
C GLU D 797 -15.86 34.79 -46.25
N THR D 798 -15.71 34.41 -44.99
CA THR D 798 -14.93 33.23 -44.64
C THR D 798 -15.75 31.96 -44.85
N LEU D 799 -15.05 30.86 -45.12
CA LEU D 799 -15.71 29.61 -45.45
C LEU D 799 -16.58 29.11 -44.31
N SER D 800 -16.05 29.10 -43.08
CA SER D 800 -16.78 28.53 -41.96
C SER D 800 -18.16 29.15 -41.82
N VAL D 801 -18.24 30.48 -41.85
CA VAL D 801 -19.53 31.16 -41.72
C VAL D 801 -20.43 30.84 -42.89
N MET D 802 -19.91 30.97 -44.12
CA MET D 802 -20.72 30.73 -45.30
C MET D 802 -21.28 29.31 -45.29
N GLN D 803 -20.47 28.33 -44.90
CA GLN D 803 -20.97 26.96 -44.82
C GLN D 803 -22.10 26.86 -43.81
N SER D 804 -21.94 27.49 -42.65
CA SER D 804 -22.99 27.46 -41.63
C SER D 804 -24.30 27.99 -42.18
N LEU D 805 -24.25 29.13 -42.88
CA LEU D 805 -25.46 29.72 -43.44
C LEU D 805 -26.01 28.88 -44.59
N ILE D 806 -25.16 28.56 -45.56
CA ILE D 806 -25.61 27.84 -46.75
C ILE D 806 -26.19 26.48 -46.38
N MET D 807 -25.71 25.89 -45.28
CA MET D 807 -26.20 24.56 -44.89
C MET D 807 -27.67 24.60 -44.53
N VAL D 808 -28.18 25.75 -44.10
CA VAL D 808 -29.61 25.86 -43.81
C VAL D 808 -30.42 25.52 -45.06
N PHE D 809 -30.07 26.13 -46.19
CA PHE D 809 -30.76 25.83 -47.43
C PHE D 809 -30.50 24.41 -47.89
N ALA D 810 -29.30 23.88 -47.63
CA ALA D 810 -29.02 22.49 -47.96
C ALA D 810 -29.96 21.55 -47.21
N HIS D 811 -30.20 21.82 -45.92
CA HIS D 811 -31.11 20.99 -45.16
C HIS D 811 -32.54 21.09 -45.70
N LEU D 812 -32.99 22.31 -46.01
CA LEU D 812 -34.35 22.49 -46.49
C LEU D 812 -34.59 21.81 -47.83
N VAL D 813 -33.54 21.54 -48.61
CA VAL D 813 -33.71 20.88 -49.89
C VAL D 813 -34.31 19.49 -49.72
N HIS D 814 -34.07 18.85 -48.58
CA HIS D 814 -34.55 17.50 -48.36
C HIS D 814 -35.99 17.44 -47.84
N THR D 815 -36.53 18.56 -47.36
CA THR D 815 -37.81 18.54 -46.66
C THR D 815 -38.83 19.49 -47.25
N GLN D 816 -38.37 20.61 -47.83
CA GLN D 816 -39.25 21.62 -48.40
C GLN D 816 -38.65 22.12 -49.72
N LEU D 817 -38.42 21.20 -50.65
CA LEU D 817 -37.70 21.54 -51.88
C LEU D 817 -38.43 22.64 -52.66
N GLU D 818 -39.72 22.45 -52.89
CA GLU D 818 -40.45 23.34 -53.79
C GLU D 818 -40.86 24.63 -53.09
N PRO D 819 -41.28 24.58 -51.81
CA PRO D 819 -41.43 25.84 -51.08
C PRO D 819 -40.16 26.66 -51.04
N LEU D 820 -39.01 25.99 -50.91
CA LEU D 820 -37.72 26.69 -50.91
C LEU D 820 -37.49 27.40 -52.23
N LEU D 821 -37.59 26.67 -53.34
CA LEU D 821 -37.41 27.29 -54.65
C LEU D 821 -38.40 28.42 -54.86
N GLU D 822 -39.67 28.17 -54.57
CA GLU D 822 -40.68 29.22 -54.71
C GLU D 822 -40.35 30.42 -53.83
N PHE D 823 -39.87 30.16 -52.61
CA PHE D 823 -39.53 31.26 -51.71
C PHE D 823 -38.36 32.08 -52.26
N LEU D 824 -37.31 31.40 -52.72
CA LEU D 824 -36.09 32.10 -53.11
C LEU D 824 -36.24 32.83 -54.45
N CYS D 825 -37.14 32.37 -55.32
CA CYS D 825 -37.43 33.12 -56.54
C CYS D 825 -38.32 34.31 -56.29
N SER D 826 -38.90 34.41 -55.10
CA SER D 826 -39.91 35.43 -54.79
C SER D 826 -39.31 36.72 -54.26
N LEU D 827 -37.99 36.86 -54.26
CA LEU D 827 -37.35 38.08 -53.80
C LEU D 827 -35.97 38.18 -54.45
N PRO D 828 -35.40 39.38 -54.53
CA PRO D 828 -34.05 39.52 -55.09
C PRO D 828 -32.95 39.19 -54.10
N GLY D 829 -33.08 39.67 -52.87
CA GLY D 829 -32.07 39.50 -51.86
C GLY D 829 -31.04 40.61 -51.87
N PRO D 830 -29.82 40.31 -51.38
CA PRO D 830 -28.76 41.32 -51.43
C PRO D 830 -28.10 41.40 -52.80
N THR D 831 -28.91 41.35 -53.86
CA THR D 831 -28.41 41.34 -55.21
C THR D 831 -29.44 41.97 -56.13
N GLY D 832 -29.08 42.13 -57.40
CA GLY D 832 -30.02 42.50 -58.41
C GLY D 832 -30.68 41.33 -59.11
N LYS D 833 -30.27 40.11 -58.76
CA LYS D 833 -30.81 38.89 -59.33
C LYS D 833 -31.70 38.19 -58.31
N PRO D 834 -32.58 37.29 -58.76
CA PRO D 834 -33.36 36.51 -57.79
C PRO D 834 -32.46 35.85 -56.76
N ALA D 835 -32.95 35.78 -55.52
CA ALA D 835 -32.15 35.21 -54.44
C ALA D 835 -31.64 33.82 -54.77
N LEU D 836 -32.41 33.05 -55.54
CA LEU D 836 -31.99 31.70 -55.87
C LEU D 836 -30.68 31.71 -56.64
N GLU D 837 -30.45 32.72 -57.47
CA GLU D 837 -29.17 32.82 -58.16
C GLU D 837 -28.05 33.15 -57.18
N PHE D 838 -28.38 33.88 -56.12
CA PHE D 838 -27.37 34.26 -55.14
C PHE D 838 -26.95 33.09 -54.27
N VAL D 839 -27.91 32.29 -53.82
CA VAL D 839 -27.59 31.14 -52.99
C VAL D 839 -26.77 30.14 -53.79
N MET D 840 -27.21 29.81 -55.00
CA MET D 840 -26.52 28.78 -55.78
C MET D 840 -25.15 29.25 -56.24
N ALA D 841 -24.96 30.56 -56.40
CA ALA D 841 -23.63 31.07 -56.75
C ALA D 841 -22.67 30.94 -55.57
N GLU D 842 -23.11 31.34 -54.37
CA GLU D 842 -22.25 31.21 -53.20
C GLU D 842 -22.06 29.74 -52.81
N TRP D 843 -23.10 28.92 -52.99
CA TRP D 843 -23.01 27.51 -52.65
C TRP D 843 -22.08 26.77 -53.61
N THR D 844 -22.31 26.90 -54.92
CA THR D 844 -21.53 26.10 -55.87
C THR D 844 -20.06 26.53 -55.91
N SER D 845 -19.76 27.79 -55.57
CA SER D 845 -18.38 28.24 -55.57
C SER D 845 -17.63 27.83 -54.30
N ARG D 846 -18.32 27.23 -53.33
CA ARG D 846 -17.69 26.80 -52.09
C ARG D 846 -17.92 25.34 -51.74
N GLN D 847 -18.79 24.64 -52.47
CA GLN D 847 -19.09 23.25 -52.15
C GLN D 847 -17.83 22.41 -51.99
N HIS D 848 -16.81 22.69 -52.80
CA HIS D 848 -15.59 21.90 -52.77
C HIS D 848 -14.76 22.13 -51.50
N LEU D 849 -15.13 23.11 -50.67
CA LEU D 849 -14.38 23.42 -49.46
C LEU D 849 -15.11 23.00 -48.18
N PHE D 850 -16.40 22.68 -48.25
CA PHE D 850 -17.14 22.33 -47.04
C PHE D 850 -16.50 21.13 -46.36
N TYR D 851 -16.48 21.16 -45.03
CA TYR D 851 -15.84 20.12 -44.23
C TYR D 851 -16.83 19.57 -43.21
N GLY D 852 -16.76 18.26 -42.99
CA GLY D 852 -17.64 17.59 -42.06
C GLY D 852 -18.29 16.38 -42.72
N GLN D 853 -18.15 15.20 -42.11
CA GLN D 853 -18.76 14.01 -42.71
C GLN D 853 -20.27 14.15 -42.83
N TYR D 854 -20.91 14.67 -41.78
CA TYR D 854 -22.36 14.84 -41.81
C TYR D 854 -22.75 15.96 -42.76
N GLU D 855 -22.12 17.13 -42.62
CA GLU D 855 -22.40 18.23 -43.54
C GLU D 855 -22.07 17.86 -44.98
N GLY D 856 -21.08 16.99 -45.17
CA GLY D 856 -20.76 16.56 -46.52
C GLY D 856 -21.89 15.77 -47.17
N LYS D 857 -22.51 14.86 -46.42
CA LYS D 857 -23.62 14.08 -46.95
C LYS D 857 -24.84 14.96 -47.22
N VAL D 858 -25.24 15.77 -46.22
CA VAL D 858 -26.37 16.67 -46.41
C VAL D 858 -26.10 17.62 -47.56
N SER D 859 -24.85 18.03 -47.75
CA SER D 859 -24.52 18.93 -48.85
C SER D 859 -24.57 18.19 -50.18
N SER D 860 -24.00 16.98 -50.24
CA SER D 860 -23.88 16.26 -51.49
C SER D 860 -25.26 15.92 -52.06
N VAL D 861 -26.09 15.21 -51.30
CA VAL D 861 -27.35 14.73 -51.83
C VAL D 861 -28.29 15.91 -52.12
N ALA D 862 -28.21 16.98 -51.32
CA ALA D 862 -28.98 18.18 -51.64
C ALA D 862 -28.69 18.65 -53.05
N LEU D 863 -27.42 18.55 -53.48
CA LEU D 863 -27.08 18.90 -54.85
C LEU D 863 -27.61 17.85 -55.83
N CYS D 864 -27.56 16.57 -55.46
CA CYS D 864 -28.10 15.54 -56.33
C CYS D 864 -29.60 15.74 -56.55
N LYS D 865 -30.33 16.07 -55.49
CA LYS D 865 -31.77 16.27 -55.62
C LYS D 865 -32.09 17.54 -56.38
N LEU D 866 -31.30 18.60 -56.17
CA LEU D 866 -31.46 19.80 -56.98
C LEU D 866 -31.24 19.49 -58.46
N LEU D 867 -30.34 18.55 -58.78
CA LEU D 867 -30.04 18.24 -60.16
C LEU D 867 -31.11 17.36 -60.79
N GLN D 868 -31.51 16.28 -60.11
CA GLN D 868 -32.53 15.40 -60.68
C GLN D 868 -33.88 16.10 -60.78
N HIS D 869 -34.13 17.10 -59.93
CA HIS D 869 -35.38 17.84 -60.01
C HIS D 869 -35.34 18.89 -61.13
N GLY D 870 -34.22 19.57 -61.29
CA GLY D 870 -34.09 20.55 -62.36
C GLY D 870 -34.24 19.96 -63.75
N ILE D 871 -34.16 18.64 -63.87
CA ILE D 871 -34.29 17.96 -65.15
C ILE D 871 -35.66 17.32 -65.26
N ASN D 872 -35.98 16.42 -64.32
CA ASN D 872 -37.23 15.67 -64.40
C ASN D 872 -38.43 16.60 -64.49
N ALA D 873 -38.40 17.72 -63.77
CA ALA D 873 -39.48 18.70 -63.82
C ALA D 873 -39.17 19.89 -64.73
N ASP D 874 -38.14 19.81 -65.56
CA ASP D 874 -37.75 20.88 -66.47
C ASP D 874 -37.90 22.24 -65.79
N ASP D 875 -37.40 22.32 -64.55
CA ASP D 875 -37.53 23.52 -63.72
C ASP D 875 -36.61 24.60 -64.29
N LYS D 876 -37.21 25.55 -65.02
CA LYS D 876 -36.43 26.63 -65.62
C LYS D 876 -35.85 27.57 -64.57
N ARG D 877 -36.34 27.50 -63.33
CA ARG D 877 -35.78 28.34 -62.27
C ARG D 877 -34.33 27.99 -62.00
N LEU D 878 -33.96 26.72 -62.19
CA LEU D 878 -32.58 26.26 -62.00
C LEU D 878 -31.78 26.30 -63.30
N GLN D 879 -32.35 25.75 -64.37
CA GLN D 879 -31.63 25.65 -65.64
C GLN D 879 -31.09 27.01 -66.09
N ASP D 880 -31.94 28.03 -66.09
CA ASP D 880 -31.58 29.33 -66.66
C ASP D 880 -30.50 30.06 -65.89
N ILE D 881 -29.94 29.50 -64.83
CA ILE D 881 -28.93 30.16 -64.03
C ILE D 881 -27.55 29.77 -64.53
N ARG D 882 -26.62 30.71 -64.48
CA ARG D 882 -25.22 30.48 -64.84
C ARG D 882 -24.33 30.89 -63.68
N VAL D 883 -23.29 30.10 -63.44
CA VAL D 883 -22.32 30.34 -62.37
C VAL D 883 -20.92 30.08 -62.91
N LYS D 884 -19.93 30.50 -62.14
CA LYS D 884 -18.55 30.18 -62.44
C LYS D 884 -18.38 28.67 -62.48
N GLY D 885 -17.51 28.21 -63.37
CA GLY D 885 -17.28 26.78 -63.52
C GLY D 885 -15.92 26.37 -62.99
N GLU D 886 -14.88 26.66 -63.74
CA GLU D 886 -13.52 26.28 -63.37
C GLU D 886 -12.54 27.25 -63.99
N GLU D 887 -11.33 27.27 -63.43
CA GLU D 887 -10.23 28.01 -64.03
C GLU D 887 -9.51 27.11 -65.03
N ILE D 888 -9.15 27.69 -66.18
CA ILE D 888 -8.41 26.98 -67.21
C ILE D 888 -6.95 27.35 -67.04
N TYR D 889 -6.12 26.38 -66.65
CA TYR D 889 -4.71 26.60 -66.42
C TYR D 889 -3.88 25.76 -67.39
N SER D 890 -2.70 26.28 -67.72
CA SER D 890 -1.74 25.54 -68.54
C SER D 890 -0.92 24.60 -67.67
N MET D 891 -0.39 23.56 -68.31
CA MET D 891 0.46 22.58 -67.64
C MET D 891 1.95 22.88 -67.81
N ASP D 892 2.30 23.93 -68.56
CA ASP D 892 3.70 24.25 -68.85
C ASP D 892 4.19 25.53 -68.19
N GLU D 893 3.32 26.33 -67.56
CA GLU D 893 3.74 27.62 -67.05
C GLU D 893 4.48 27.51 -65.72
N GLY D 894 4.16 26.51 -64.90
CA GLY D 894 4.82 26.34 -63.63
C GLY D 894 3.98 26.78 -62.45
N ILE D 895 4.63 27.36 -61.44
CA ILE D 895 3.95 27.78 -60.22
C ILE D 895 3.26 29.12 -60.49
N ARG D 896 1.93 29.13 -60.38
CA ARG D 896 1.14 30.33 -60.67
C ARG D 896 1.07 31.20 -59.41
N THR D 897 1.90 32.24 -59.37
CA THR D 897 1.88 33.18 -58.27
C THR D 897 0.83 34.26 -58.52
N ARG D 898 0.58 35.06 -57.48
CA ARG D 898 -0.40 36.13 -57.60
C ARG D 898 -0.04 37.12 -58.70
N SER D 899 1.25 37.42 -58.86
CA SER D 899 1.66 38.36 -59.90
C SER D 899 1.40 37.79 -61.29
N LYS D 900 1.60 36.48 -61.47
CA LYS D 900 1.35 35.87 -62.76
C LYS D 900 -0.13 35.73 -63.04
N SER D 901 -0.95 35.61 -61.99
CA SER D 901 -2.39 35.51 -62.17
C SER D 901 -3.03 36.89 -62.33
N ALA D 902 -2.36 37.95 -61.87
CA ALA D 902 -2.87 39.30 -62.03
C ALA D 902 -2.60 39.86 -63.42
N LYS D 903 -1.64 39.30 -64.15
CA LYS D 903 -1.35 39.70 -65.52
C LYS D 903 -2.08 38.84 -66.53
N ASN D 904 -2.85 37.85 -66.08
CA ASN D 904 -3.62 37.00 -66.98
C ASN D 904 -4.95 36.62 -66.35
N PRO D 905 -5.74 37.58 -65.86
CA PRO D 905 -7.04 37.29 -65.25
C PRO D 905 -8.12 36.97 -66.29
N TRP D 908 -11.52 31.87 -66.34
CA TRP D 908 -12.63 31.27 -65.60
C TRP D 908 -13.85 31.15 -66.48
N THR D 909 -14.38 29.93 -66.59
CA THR D 909 -15.54 29.64 -67.41
C THR D 909 -16.83 30.06 -66.71
N ASN D 910 -17.88 30.21 -67.52
CA ASN D 910 -19.24 30.50 -67.04
C ASN D 910 -20.17 29.48 -67.67
N ILE D 911 -20.85 28.70 -66.84
CA ILE D 911 -21.56 27.51 -67.32
C ILE D 911 -22.91 27.40 -66.63
N PRO D 912 -23.80 26.58 -67.18
CA PRO D 912 -25.11 26.40 -66.54
C PRO D 912 -24.99 25.79 -65.15
N LEU D 913 -25.90 26.19 -64.27
CA LEU D 913 -25.88 25.71 -62.89
C LEU D 913 -25.89 24.18 -62.82
N LEU D 914 -26.76 23.54 -63.61
CA LEU D 914 -26.89 22.09 -63.51
C LEU D 914 -25.61 21.38 -63.94
N VAL D 915 -24.89 21.95 -64.92
CA VAL D 915 -23.59 21.39 -65.29
C VAL D 915 -22.62 21.50 -64.12
N LYS D 916 -22.55 22.70 -63.53
CA LYS D 916 -21.68 22.91 -62.38
C LYS D 916 -22.01 21.96 -61.24
N ILE D 917 -23.29 21.65 -61.06
CA ILE D 917 -23.68 20.76 -59.96
C ILE D 917 -23.20 19.34 -60.24
N LEU D 918 -23.35 18.86 -61.47
CA LEU D 918 -22.82 17.54 -61.81
C LEU D 918 -21.32 17.48 -61.55
N LYS D 919 -20.61 18.57 -61.83
CA LYS D 919 -19.16 18.59 -61.58
C LYS D 919 -18.86 18.52 -60.09
N LEU D 920 -19.62 19.24 -59.27
CA LEU D 920 -19.41 19.19 -57.83
C LEU D 920 -19.71 17.80 -57.30
N ILE D 921 -20.76 17.15 -57.81
CA ILE D 921 -21.11 15.80 -57.38
C ILE D 921 -19.98 14.84 -57.72
N ILE D 922 -19.46 14.92 -58.94
CA ILE D 922 -18.36 14.06 -59.35
C ILE D 922 -17.15 14.28 -58.45
N ASN D 923 -16.95 15.52 -57.98
CA ASN D 923 -15.86 15.80 -57.08
C ASN D 923 -16.12 15.25 -55.69
N GLU D 924 -17.39 15.27 -55.23
CA GLU D 924 -17.71 14.66 -53.95
C GLU D 924 -17.48 13.15 -53.98
N LEU D 925 -17.68 12.52 -55.14
CA LEU D 925 -17.35 11.10 -55.26
C LEU D 925 -15.84 10.89 -55.27
N SER D 926 -15.10 11.79 -55.92
CA SER D 926 -13.65 11.67 -55.90
C SER D 926 -13.11 11.76 -54.48
N ASN D 927 -13.63 12.70 -53.69
CA ASN D 927 -13.12 12.89 -52.33
C ASN D 927 -13.53 11.74 -51.41
N VAL D 928 -14.69 11.12 -51.65
CA VAL D 928 -15.12 10.01 -50.80
C VAL D 928 -14.36 8.74 -51.18
N MET D 929 -13.98 8.58 -52.45
CA MET D 929 -13.15 7.45 -52.84
C MET D 929 -11.74 7.58 -52.26
N GLU D 930 -11.15 8.77 -52.39
CA GLU D 930 -9.82 8.99 -51.83
C GLU D 930 -9.79 8.78 -50.32
N ALA D 931 -10.90 9.06 -49.64
CA ALA D 931 -10.94 8.89 -48.20
C ALA D 931 -11.14 7.44 -47.79
N ASN D 932 -11.81 6.65 -48.63
CA ASN D 932 -11.99 5.23 -48.35
C ASN D 932 -10.77 4.42 -48.76
N ALA D 933 -10.09 4.83 -49.84
CA ALA D 933 -8.86 4.17 -50.27
C ALA D 933 -7.67 4.48 -49.37
N ALA D 934 -7.87 5.16 -48.25
CA ALA D 934 -6.79 5.48 -47.31
C ALA D 934 -6.81 4.58 -46.08
N ARG D 935 -7.51 3.46 -46.13
CA ARG D 935 -7.64 2.56 -44.98
C ARG D 935 -7.08 1.18 -45.29
N ASP D 997 -31.09 12.60 -38.60
CA ASP D 997 -31.82 12.06 -39.76
C ASP D 997 -31.13 10.84 -40.33
N PRO D 998 -31.81 10.13 -41.24
CA PRO D 998 -31.19 8.95 -41.85
C PRO D 998 -30.03 9.27 -42.78
N LEU D 999 -29.90 10.53 -43.22
CA LEU D 999 -28.76 10.90 -44.06
C LEU D 999 -27.44 10.63 -43.35
N TYR D 1000 -27.42 10.71 -42.02
CA TYR D 1000 -26.21 10.41 -41.26
C TYR D 1000 -25.69 9.01 -41.57
N GLN D 1001 -26.58 8.09 -41.93
CA GLN D 1001 -26.23 6.68 -42.10
C GLN D 1001 -26.12 6.25 -43.56
N ILE D 1002 -26.41 7.13 -44.52
CA ILE D 1002 -26.31 6.75 -45.92
C ILE D 1002 -24.86 6.60 -46.32
N ASP D 1003 -24.53 5.49 -47.00
CA ASP D 1003 -23.21 5.30 -47.57
C ASP D 1003 -23.05 6.26 -48.75
N LEU D 1004 -22.29 7.33 -48.53
CA LEU D 1004 -22.22 8.40 -49.53
C LEU D 1004 -21.68 7.90 -50.86
N GLN D 1005 -20.57 7.14 -50.82
CA GLN D 1005 -20.00 6.63 -52.07
C GLN D 1005 -21.02 5.80 -52.84
N ALA D 1006 -21.81 4.99 -52.13
CA ALA D 1006 -22.81 4.17 -52.81
C ALA D 1006 -23.92 5.03 -53.40
N TYR D 1007 -24.48 5.95 -52.60
CA TYR D 1007 -25.55 6.80 -53.09
C TYR D 1007 -25.08 7.63 -54.29
N LEU D 1008 -23.91 8.27 -54.16
CA LEU D 1008 -23.38 9.06 -55.26
C LEU D 1008 -23.10 8.20 -56.49
N THR D 1009 -22.51 7.02 -56.29
CA THR D 1009 -22.23 6.14 -57.41
C THR D 1009 -23.52 5.75 -58.13
N ASP D 1010 -24.55 5.37 -57.38
CA ASP D 1010 -25.82 5.03 -58.01
C ASP D 1010 -26.40 6.21 -58.77
N PHE D 1011 -26.32 7.40 -58.18
CA PHE D 1011 -26.89 8.59 -58.81
C PHE D 1011 -26.23 8.86 -60.15
N LEU D 1012 -24.89 8.84 -60.19
CA LEU D 1012 -24.19 9.16 -61.42
C LEU D 1012 -24.42 8.11 -62.50
N CYS D 1013 -24.64 6.86 -62.10
CA CYS D 1013 -24.93 5.81 -63.08
C CYS D 1013 -26.30 6.01 -63.71
N GLN D 1014 -27.32 6.29 -62.89
CA GLN D 1014 -28.65 6.54 -63.44
C GLN D 1014 -28.69 7.85 -64.22
N PHE D 1015 -27.85 8.82 -63.84
CA PHE D 1015 -27.84 10.11 -64.53
C PHE D 1015 -27.20 9.99 -65.91
N ALA D 1016 -26.11 9.23 -66.02
CA ALA D 1016 -25.40 9.10 -67.29
C ALA D 1016 -26.20 8.35 -68.33
N GLN D 1017 -27.33 7.75 -67.97
CA GLN D 1017 -28.19 7.06 -68.91
C GLN D 1017 -29.38 7.90 -69.36
N GLN D 1018 -29.62 9.05 -68.72
CA GLN D 1018 -30.66 9.96 -69.17
C GLN D 1018 -30.21 10.69 -70.44
N PRO D 1019 -31.15 11.10 -71.29
CA PRO D 1019 -30.75 11.64 -72.60
C PRO D 1019 -29.99 12.95 -72.51
N CYS D 1020 -30.31 13.81 -71.55
CA CYS D 1020 -29.65 15.10 -71.45
C CYS D 1020 -28.16 14.97 -71.13
N TYR D 1021 -27.72 13.80 -70.66
CA TYR D 1021 -26.32 13.62 -70.35
C TYR D 1021 -25.41 13.82 -71.56
N ILE D 1022 -25.95 13.67 -72.77
CA ILE D 1022 -25.13 13.79 -73.97
C ILE D 1022 -24.38 15.11 -73.99
N MET D 1023 -25.08 16.21 -73.68
CA MET D 1023 -24.45 17.52 -73.68
C MET D 1023 -23.86 17.91 -72.34
N PHE D 1024 -24.26 17.24 -71.25
CA PHE D 1024 -23.57 17.45 -69.98
C PHE D 1024 -22.14 16.94 -70.06
N SER D 1025 -21.94 15.77 -70.66
CA SER D 1025 -20.61 15.15 -70.71
C SER D 1025 -19.60 16.07 -71.37
N GLY D 1026 -19.98 16.72 -72.46
CA GLY D 1026 -19.05 17.61 -73.16
C GLY D 1026 -18.43 18.65 -72.25
N HIS D 1027 -19.11 18.99 -71.16
CA HIS D 1027 -18.61 20.00 -70.24
C HIS D 1027 -17.62 19.45 -69.23
N LEU D 1028 -17.51 18.12 -69.11
CA LEU D 1028 -16.63 17.53 -68.11
C LEU D 1028 -15.19 17.58 -68.57
N ASN D 1029 -14.29 17.86 -67.63
CA ASN D 1029 -12.86 17.89 -67.92
C ASN D 1029 -12.28 16.49 -67.73
N ASP D 1030 -10.98 16.36 -68.03
CA ASP D 1030 -10.35 15.05 -68.02
C ASP D 1030 -10.43 14.40 -66.65
N ASN D 1031 -10.12 15.15 -65.58
CA ASN D 1031 -10.15 14.57 -64.24
C ASN D 1031 -11.55 14.07 -63.89
N GLU D 1032 -12.58 14.86 -64.22
CA GLU D 1032 -13.95 14.43 -63.97
C GLU D 1032 -14.28 13.19 -64.80
N ARG D 1033 -13.91 13.21 -66.09
CA ARG D 1033 -14.09 12.05 -66.94
C ARG D 1033 -13.34 10.84 -66.40
N ARG D 1034 -12.12 11.05 -65.91
CA ARG D 1034 -11.36 9.97 -65.31
C ARG D 1034 -12.11 9.36 -64.13
N VAL D 1035 -12.65 10.20 -63.25
CA VAL D 1035 -13.33 9.69 -62.06
C VAL D 1035 -14.54 8.86 -62.43
N LEU D 1036 -15.30 9.30 -63.44
CA LEU D 1036 -16.49 8.55 -63.85
C LEU D 1036 -16.11 7.20 -64.47
N GLN D 1037 -14.89 7.06 -64.98
CA GLN D 1037 -14.47 5.79 -65.54
C GLN D 1037 -14.16 4.78 -64.45
N THR D 1038 -13.68 5.23 -63.28
CA THR D 1038 -13.54 4.35 -62.14
C THR D 1038 -14.87 3.71 -61.76
N ILE D 1039 -15.97 4.34 -62.14
CA ILE D 1039 -17.31 3.87 -61.79
C ILE D 1039 -17.97 3.16 -62.96
N GLY D 1040 -17.25 2.98 -64.07
CA GLY D 1040 -17.74 2.23 -65.20
C GLY D 1040 -18.42 3.05 -66.27
N ILE D 1041 -18.73 4.32 -66.00
CA ILE D 1041 -19.40 5.16 -66.99
C ILE D 1041 -18.39 5.57 -68.05
N THR E 17 10.02 9.67 -58.37
CA THR E 17 9.26 10.23 -59.49
C THR E 17 7.88 10.72 -59.01
N ARG E 18 7.54 10.44 -57.75
CA ARG E 18 6.25 10.88 -57.23
C ARG E 18 6.09 12.38 -57.37
N SER E 19 7.07 13.15 -56.89
CA SER E 19 7.07 14.58 -57.13
C SER E 19 7.03 14.87 -58.62
N SER E 20 7.74 14.06 -59.41
CA SER E 20 7.83 14.30 -60.84
C SER E 20 6.48 14.11 -61.53
N ARG E 21 5.78 13.03 -61.19
CA ARG E 21 4.46 12.81 -61.78
C ARG E 21 3.37 13.63 -61.11
N ALA E 22 3.71 14.38 -60.06
CA ALA E 22 2.85 15.42 -59.53
C ALA E 22 3.24 16.80 -60.04
N GLY E 23 4.30 16.89 -60.86
CA GLY E 23 4.76 18.16 -61.37
C GLY E 23 5.36 19.07 -60.31
N LEU E 24 6.06 18.49 -59.34
CA LEU E 24 6.57 19.23 -58.21
C LEU E 24 8.07 19.08 -58.06
N GLN E 25 8.72 20.14 -57.60
CA GLN E 25 10.11 20.05 -57.18
C GLN E 25 10.24 19.54 -55.75
N PHE E 26 9.28 19.88 -54.88
CA PHE E 26 9.37 19.51 -53.48
C PHE E 26 9.14 18.02 -53.30
N PRO E 27 9.63 17.46 -52.18
CA PRO E 27 9.65 16.00 -52.03
C PRO E 27 8.36 15.41 -51.50
N VAL E 28 7.57 14.78 -52.38
CA VAL E 28 6.32 14.18 -51.95
C VAL E 28 6.58 13.03 -50.99
N GLY E 29 7.59 12.21 -51.28
CA GLY E 29 7.89 11.09 -50.40
C GLY E 29 8.24 11.53 -48.99
N ARG E 30 9.15 12.49 -48.87
CA ARG E 30 9.57 12.95 -47.55
C ARG E 30 8.39 13.54 -46.78
N VAL E 31 7.60 14.38 -47.45
CA VAL E 31 6.45 14.99 -46.80
C VAL E 31 5.50 13.92 -46.28
N HIS E 32 5.34 12.84 -47.05
CA HIS E 32 4.51 11.73 -46.62
C HIS E 32 5.06 11.09 -45.35
N ARG E 33 6.37 10.86 -45.31
CA ARG E 33 6.98 10.21 -44.15
C ARG E 33 6.87 11.07 -42.90
N LEU E 34 6.98 12.39 -43.05
CA LEU E 34 6.84 13.27 -41.88
C LEU E 34 5.41 13.29 -41.35
N LEU E 35 4.42 13.23 -42.23
CA LEU E 35 3.04 13.20 -41.77
C LEU E 35 2.77 11.93 -40.95
N ARG E 36 3.28 10.80 -41.42
CA ARG E 36 3.12 9.55 -40.68
C ARG E 36 3.90 9.57 -39.37
N LYS E 37 5.12 10.10 -39.37
CA LYS E 37 5.96 10.04 -38.18
C LYS E 37 5.33 10.79 -37.01
N GLY E 38 4.67 11.91 -37.28
CA GLY E 38 4.01 12.63 -36.22
C GLY E 38 2.64 12.06 -35.92
N ASN E 39 2.24 12.16 -34.66
CA ASN E 39 0.94 11.64 -34.25
C ASN E 39 -0.17 12.59 -34.72
N TYR E 40 -0.27 12.76 -36.03
CA TYR E 40 -1.28 13.61 -36.64
C TYR E 40 -2.54 12.82 -36.95
N ALA E 41 -2.39 11.70 -37.66
CA ALA E 41 -3.47 10.75 -37.87
C ALA E 41 -2.86 9.36 -37.90
N GLU E 42 -3.71 8.35 -38.04
CA GLU E 42 -3.27 6.97 -38.21
C GLU E 42 -3.50 6.48 -39.64
N ARG E 43 -3.90 7.37 -40.54
CA ARG E 43 -4.09 7.05 -41.95
C ARG E 43 -3.89 8.33 -42.74
N VAL E 44 -3.16 8.23 -43.84
CA VAL E 44 -2.87 9.40 -44.68
C VAL E 44 -3.00 8.97 -46.14
N GLY E 45 -3.81 9.71 -46.90
CA GLY E 45 -3.99 9.38 -48.29
C GLY E 45 -2.78 9.77 -49.12
N ALA E 46 -2.55 9.02 -50.20
CA ALA E 46 -1.45 9.32 -51.10
C ALA E 46 -1.59 10.71 -51.69
N GLY E 47 -2.80 11.27 -51.71
CA GLY E 47 -3.02 12.61 -52.22
C GLY E 47 -2.69 13.72 -51.26
N ALA E 48 -2.57 13.39 -49.96
CA ALA E 48 -2.27 14.44 -48.98
C ALA E 48 -0.85 14.97 -49.16
N PRO E 49 0.20 14.15 -49.17
CA PRO E 49 1.55 14.71 -49.35
C PRO E 49 1.72 15.46 -50.66
N VAL E 50 1.03 15.02 -51.71
CA VAL E 50 1.11 15.72 -52.99
C VAL E 50 0.53 17.12 -52.85
N TYR E 51 -0.66 17.22 -52.26
CA TYR E 51 -1.30 18.52 -52.07
C TYR E 51 -0.44 19.42 -51.19
N LEU E 52 -0.06 18.93 -50.00
CA LEU E 52 0.73 19.73 -49.08
C LEU E 52 2.06 20.14 -49.70
N ALA E 53 2.70 19.23 -50.44
CA ALA E 53 3.95 19.55 -51.10
C ALA E 53 3.77 20.71 -52.08
N ALA E 54 2.68 20.69 -52.86
CA ALA E 54 2.44 21.76 -53.81
C ALA E 54 2.22 23.09 -53.10
N VAL E 55 1.60 23.06 -51.91
CA VAL E 55 1.38 24.28 -51.16
C VAL E 55 2.70 24.86 -50.69
N LEU E 56 3.52 24.05 -50.03
CA LEU E 56 4.85 24.48 -49.62
C LEU E 56 5.63 25.06 -50.79
N GLU E 57 5.64 24.35 -51.91
CA GLU E 57 6.37 24.82 -53.08
C GLU E 57 5.82 26.15 -53.58
N TYR E 58 4.51 26.34 -53.47
CA TYR E 58 3.91 27.60 -53.90
C TYR E 58 4.30 28.74 -52.97
N LEU E 59 4.30 28.50 -51.66
CA LEU E 59 4.61 29.57 -50.71
C LEU E 59 6.05 30.01 -50.84
N THR E 60 6.98 29.07 -51.03
CA THR E 60 8.38 29.44 -51.19
C THR E 60 8.58 30.21 -52.48
N ALA E 61 7.83 29.88 -53.54
CA ALA E 61 7.95 30.61 -54.79
C ALA E 61 7.41 32.03 -54.66
N GLU E 62 6.42 32.24 -53.80
CA GLU E 62 5.88 33.59 -53.59
C GLU E 62 6.85 34.44 -52.80
N ILE E 63 7.52 33.86 -51.80
CA ILE E 63 8.48 34.61 -51.01
C ILE E 63 9.74 34.89 -51.83
N LEU E 64 10.24 33.87 -52.54
CA LEU E 64 11.45 34.05 -53.33
C LEU E 64 11.22 35.04 -54.47
N GLU E 65 10.05 34.99 -55.12
CA GLU E 65 9.75 35.93 -56.19
C GLU E 65 9.78 37.36 -55.67
N LEU E 66 9.14 37.60 -54.52
CA LEU E 66 9.11 38.95 -53.95
C LEU E 66 10.44 39.33 -53.30
N ALA E 67 11.14 38.36 -52.70
CA ALA E 67 12.44 38.67 -52.12
C ALA E 67 13.48 38.90 -53.21
N GLY E 68 13.41 38.14 -54.29
CA GLY E 68 14.29 38.39 -55.43
C GLY E 68 14.00 39.72 -56.10
N ASN E 69 12.72 40.12 -56.12
CA ASN E 69 12.38 41.45 -56.61
C ASN E 69 13.04 42.53 -55.76
N ALA E 70 12.99 42.38 -54.43
CA ALA E 70 13.60 43.38 -53.56
C ALA E 70 15.11 43.45 -53.79
N ALA E 71 15.75 42.31 -54.06
CA ALA E 71 17.16 42.31 -54.38
C ALA E 71 17.41 42.99 -55.73
N ARG E 72 16.57 42.68 -56.72
CA ARG E 72 16.72 43.27 -58.05
C ARG E 72 16.46 44.78 -58.02
N ASP E 73 15.59 45.24 -57.11
CA ASP E 73 15.29 46.67 -57.02
C ASP E 73 16.45 47.46 -56.42
N ASN E 74 17.36 46.82 -55.70
CA ASN E 74 18.57 47.46 -55.20
C ASN E 74 19.80 47.08 -56.02
N LYS E 75 19.60 46.62 -57.25
CA LYS E 75 20.68 46.20 -58.14
C LYS E 75 21.62 45.22 -57.41
N LYS E 76 21.03 44.14 -56.91
CA LYS E 76 21.77 43.07 -56.26
C LYS E 76 21.37 41.72 -56.84
N THR E 77 22.26 40.74 -56.68
CA THR E 77 22.11 39.42 -57.25
C THR E 77 21.95 38.32 -56.21
N ARG E 78 21.87 38.66 -54.93
CA ARG E 78 21.77 37.69 -53.86
C ARG E 78 20.64 38.08 -52.93
N ILE E 79 19.79 37.12 -52.59
CA ILE E 79 18.75 37.32 -51.58
C ILE E 79 19.40 37.18 -50.21
N ILE E 80 19.28 38.22 -49.39
CA ILE E 80 19.80 38.19 -48.02
C ILE E 80 18.61 38.31 -47.08
N PRO E 81 18.78 38.04 -45.79
CA PRO E 81 17.61 38.04 -44.89
C PRO E 81 16.76 39.30 -44.94
N ARG E 82 17.39 40.46 -45.13
CA ARG E 82 16.62 41.70 -45.19
C ARG E 82 15.65 41.69 -46.38
N HIS E 83 16.00 40.99 -47.46
CA HIS E 83 15.11 40.92 -48.60
C HIS E 83 13.89 40.05 -48.29
N LEU E 84 14.08 38.95 -47.55
CA LEU E 84 12.94 38.19 -47.06
C LEU E 84 12.09 39.06 -46.15
N GLN E 85 12.73 39.79 -45.24
CA GLN E 85 12.01 40.67 -44.31
C GLN E 85 11.18 41.69 -45.07
N LEU E 86 11.75 42.28 -46.14
CA LEU E 86 11.03 43.25 -46.94
C LEU E 86 9.88 42.59 -47.71
N ALA E 87 10.17 41.45 -48.35
CA ALA E 87 9.14 40.80 -49.15
C ALA E 87 7.91 40.46 -48.32
N VAL E 88 8.11 39.92 -47.12
CA VAL E 88 6.98 39.52 -46.30
C VAL E 88 6.24 40.74 -45.75
N ARG E 89 6.97 41.65 -45.11
CA ARG E 89 6.33 42.77 -44.45
C ARG E 89 5.57 43.65 -45.43
N ASN E 90 6.20 43.96 -46.57
CA ASN E 90 5.59 44.82 -47.58
C ASN E 90 4.52 44.11 -48.41
N ASP E 91 4.17 42.88 -48.05
CA ASP E 91 3.07 42.15 -48.69
C ASP E 91 2.02 41.85 -47.63
N GLU E 92 0.79 42.31 -47.87
CA GLU E 92 -0.24 42.24 -46.83
C GLU E 92 -0.52 40.81 -46.42
N GLU E 93 -0.77 39.92 -47.38
CA GLU E 93 -1.19 38.56 -47.05
C GLU E 93 -0.03 37.75 -46.48
N LEU E 94 1.17 37.88 -47.08
CA LEU E 94 2.33 37.17 -46.54
C LEU E 94 2.68 37.64 -45.14
N ASN E 95 2.51 38.94 -44.86
CA ASN E 95 2.75 39.42 -43.51
C ASN E 95 1.78 38.78 -42.53
N LYS E 96 0.51 38.76 -42.90
CA LYS E 96 -0.50 38.15 -42.04
C LYS E 96 -0.21 36.68 -41.83
N LEU E 97 0.18 35.97 -42.89
CA LEU E 97 0.43 34.53 -42.75
C LEU E 97 1.59 34.28 -41.80
N LEU E 98 2.62 35.12 -41.87
CA LEU E 98 3.79 34.89 -41.05
C LEU E 98 3.57 35.25 -39.59
N GLY E 99 2.54 36.02 -39.27
CA GLY E 99 2.19 36.24 -37.88
C GLY E 99 1.61 34.99 -37.24
N ARG E 100 0.88 34.20 -38.01
CA ARG E 100 0.26 32.98 -37.49
C ARG E 100 1.31 32.07 -36.89
N VAL E 101 2.43 31.91 -37.59
CA VAL E 101 3.48 31.03 -37.14
C VAL E 101 4.57 31.83 -36.46
N LYS F 25 19.46 25.30 -28.40
CA LYS F 25 19.06 24.21 -29.29
C LYS F 25 17.80 23.53 -28.78
N LYS F 26 17.27 22.60 -29.57
CA LYS F 26 16.04 21.90 -29.23
C LYS F 26 16.07 20.51 -29.86
N ARG F 27 15.21 19.63 -29.34
CA ARG F 27 15.23 18.23 -29.76
C ARG F 27 14.75 18.11 -31.21
N ARG F 28 14.78 16.88 -31.73
CA ARG F 28 14.61 16.61 -33.16
C ARG F 28 13.22 16.97 -33.66
N LYS F 29 12.31 17.38 -32.79
CA LYS F 29 10.93 17.66 -33.17
C LYS F 29 10.75 19.00 -33.85
N THR F 30 11.80 19.82 -33.97
CA THR F 30 11.71 21.10 -34.66
C THR F 30 12.98 21.34 -35.45
N ARG F 31 12.92 22.31 -36.38
CA ARG F 31 14.00 22.55 -37.32
C ARG F 31 14.53 21.21 -37.84
N LYS F 32 13.62 20.27 -38.08
CA LYS F 32 14.00 18.89 -38.32
C LYS F 32 14.43 18.65 -39.75
N GLU F 33 13.57 18.99 -40.71
CA GLU F 33 13.81 18.67 -42.10
C GLU F 33 14.55 19.82 -42.79
N SER F 34 15.31 19.47 -43.82
CA SER F 34 16.06 20.44 -44.62
C SER F 34 15.48 20.44 -46.03
N TYR F 35 14.86 21.57 -46.38
CA TYR F 35 14.31 21.76 -47.72
C TYR F 35 15.21 22.61 -48.60
N ALA F 36 16.46 22.84 -48.18
CA ALA F 36 17.32 23.81 -48.87
C ALA F 36 17.47 23.46 -50.35
N ILE F 37 17.73 22.19 -50.66
CA ILE F 37 17.95 21.81 -52.06
C ILE F 37 16.71 22.05 -52.88
N TYR F 38 15.52 21.96 -52.26
CA TYR F 38 14.28 22.17 -53.00
C TYR F 38 13.93 23.65 -53.09
N VAL F 39 14.19 24.41 -52.00
CA VAL F 39 14.10 25.86 -52.08
C VAL F 39 14.97 26.37 -53.22
N TYR F 40 16.16 25.78 -53.38
CA TYR F 40 17.08 26.22 -54.42
C TYR F 40 16.52 25.93 -55.81
N LYS F 41 15.92 24.76 -56.00
CA LYS F 41 15.27 24.45 -57.27
C LYS F 41 14.20 25.48 -57.59
N VAL F 42 13.32 25.77 -56.64
CA VAL F 42 12.27 26.76 -56.85
C VAL F 42 12.87 28.13 -57.13
N LEU F 43 13.96 28.47 -56.44
CA LEU F 43 14.60 29.77 -56.67
C LEU F 43 15.07 29.90 -58.11
N LYS F 44 15.67 28.85 -58.65
CA LYS F 44 16.21 28.89 -60.00
C LYS F 44 15.13 28.80 -61.07
N GLN F 45 13.85 28.72 -60.68
CA GLN F 45 12.73 28.85 -61.60
C GLN F 45 12.13 30.25 -61.59
N VAL F 46 11.95 30.85 -60.41
CA VAL F 46 11.38 32.19 -60.33
C VAL F 46 12.42 33.26 -60.65
N HIS F 47 13.69 33.03 -60.28
CA HIS F 47 14.77 33.97 -60.56
C HIS F 47 16.03 33.15 -60.89
N PRO F 48 16.14 32.69 -62.14
CA PRO F 48 17.25 31.78 -62.48
C PRO F 48 18.63 32.36 -62.28
N ASP F 49 18.78 33.69 -62.23
CA ASP F 49 20.08 34.32 -62.11
C ASP F 49 20.33 34.92 -60.73
N THR F 50 19.43 34.70 -59.78
CA THR F 50 19.56 35.24 -58.43
C THR F 50 19.93 34.12 -57.48
N GLY F 51 20.88 34.40 -56.59
CA GLY F 51 21.26 33.47 -55.55
C GLY F 51 20.64 33.83 -54.22
N ILE F 52 20.91 32.99 -53.23
CA ILE F 52 20.38 33.19 -51.88
C ILE F 52 21.49 32.82 -50.89
N SER F 53 21.69 33.66 -49.89
CA SER F 53 22.75 33.47 -48.93
C SER F 53 22.39 32.36 -47.93
N SER F 54 23.41 31.88 -47.22
CA SER F 54 23.20 30.78 -46.29
C SER F 54 22.19 31.15 -45.21
N LYS F 55 22.30 32.35 -44.65
CA LYS F 55 21.37 32.76 -43.59
C LYS F 55 19.97 32.95 -44.15
N ALA F 56 19.86 33.47 -45.37
CA ALA F 56 18.55 33.58 -46.01
C ALA F 56 17.94 32.21 -46.23
N MET F 57 18.73 31.27 -46.77
CA MET F 57 18.26 29.91 -46.96
C MET F 57 17.81 29.30 -45.64
N SER F 58 18.59 29.50 -44.57
CA SER F 58 18.22 28.96 -43.26
C SER F 58 16.87 29.50 -42.80
N ILE F 59 16.59 30.77 -43.09
CA ILE F 59 15.29 31.33 -42.74
C ILE F 59 14.19 30.73 -43.61
N MET F 60 14.46 30.58 -44.90
CA MET F 60 13.49 29.91 -45.77
C MET F 60 13.20 28.49 -45.30
N ASN F 61 14.24 27.77 -44.87
CA ASN F 61 14.04 26.41 -44.37
C ASN F 61 13.23 26.42 -43.09
N SER F 62 13.45 27.40 -42.22
CA SER F 62 12.66 27.50 -41.00
C SER F 62 11.21 27.82 -41.32
N PHE F 63 10.97 28.72 -42.28
CA PHE F 63 9.60 29.06 -42.65
C PHE F 63 8.86 27.85 -43.19
N VAL F 64 9.52 27.04 -44.04
CA VAL F 64 8.86 25.89 -44.63
C VAL F 64 8.53 24.85 -43.56
N ASN F 65 9.45 24.59 -42.63
CA ASN F 65 9.16 23.64 -41.57
C ASN F 65 8.01 24.12 -40.69
N ASP F 66 7.95 25.43 -40.47
CA ASP F 66 6.91 25.98 -39.61
C ASP F 66 5.54 25.84 -40.25
N VAL F 67 5.41 26.22 -41.53
CA VAL F 67 4.12 26.09 -42.21
C VAL F 67 3.70 24.63 -42.31
N PHE F 68 4.67 23.71 -42.36
CA PHE F 68 4.33 22.29 -42.36
C PHE F 68 3.78 21.88 -41.00
N GLU F 69 4.44 22.28 -39.92
CA GLU F 69 3.98 21.93 -38.58
C GLU F 69 2.56 22.40 -38.36
N ARG F 70 2.22 23.57 -38.88
CA ARG F 70 0.92 24.16 -38.60
C ARG F 70 -0.17 23.60 -39.48
N ILE F 71 0.11 23.37 -40.77
CA ILE F 71 -0.89 22.72 -41.60
C ILE F 71 -1.11 21.29 -41.14
N ALA F 72 -0.07 20.64 -40.62
CA ALA F 72 -0.20 19.28 -40.10
C ALA F 72 -0.87 19.24 -38.74
N GLY F 73 -1.03 20.38 -38.08
CA GLY F 73 -1.73 20.44 -36.82
C GLY F 73 -3.21 20.66 -37.03
N GLU F 74 -3.56 21.55 -37.98
CA GLU F 74 -4.95 21.79 -38.30
C GLU F 74 -5.57 20.57 -38.97
N ALA F 75 -4.97 20.12 -40.08
CA ALA F 75 -5.47 18.92 -40.75
C ALA F 75 -5.51 17.72 -39.81
N SER F 76 -4.75 17.76 -38.71
CA SER F 76 -4.79 16.68 -37.75
C SER F 76 -6.07 16.70 -36.92
N ARG F 77 -6.35 17.82 -36.25
CA ARG F 77 -7.57 17.91 -35.45
C ARG F 77 -8.80 17.99 -36.33
N LEU F 78 -8.67 18.52 -37.55
CA LEU F 78 -9.80 18.52 -38.47
C LEU F 78 -10.15 17.12 -38.92
N ALA F 79 -9.23 16.17 -38.76
CA ALA F 79 -9.54 14.76 -38.96
C ALA F 79 -10.41 14.18 -37.85
N HIS F 80 -10.58 14.90 -36.74
CA HIS F 80 -11.51 14.48 -35.70
C HIS F 80 -12.94 14.89 -36.03
N TYR F 81 -13.12 16.11 -36.54
CA TYR F 81 -14.44 16.59 -36.94
C TYR F 81 -14.97 15.92 -38.19
N ASN F 82 -14.15 15.10 -38.86
CA ASN F 82 -14.55 14.42 -40.09
C ASN F 82 -14.08 12.97 -39.99
N LYS F 83 -15.01 12.05 -39.77
CA LYS F 83 -14.68 10.63 -39.58
C LYS F 83 -13.75 10.55 -38.37
N ARG F 84 -12.69 9.76 -38.43
CA ARG F 84 -11.69 9.72 -37.35
C ARG F 84 -10.34 9.38 -37.95
N SER F 85 -9.37 10.26 -37.77
CA SER F 85 -7.99 10.01 -38.19
C SER F 85 -7.91 9.58 -39.64
N THR F 86 -8.08 10.54 -40.56
CA THR F 86 -7.97 10.25 -42.00
C THR F 86 -7.71 11.59 -42.70
N ILE F 87 -6.46 11.84 -43.06
CA ILE F 87 -6.07 13.06 -43.75
C ILE F 87 -5.99 12.78 -45.25
N THR F 88 -6.58 13.66 -46.05
CA THR F 88 -6.59 13.51 -47.49
C THR F 88 -6.38 14.87 -48.13
N SER F 89 -6.41 14.91 -49.46
CA SER F 89 -6.19 16.17 -50.17
C SER F 89 -7.28 17.19 -49.87
N ARG F 90 -8.48 16.72 -49.50
CA ARG F 90 -9.56 17.64 -49.14
C ARG F 90 -9.36 18.24 -47.76
N GLU F 91 -8.79 17.46 -46.83
CA GLU F 91 -8.62 17.97 -45.46
C GLU F 91 -7.39 18.84 -45.31
N ILE F 92 -6.37 18.61 -46.14
CA ILE F 92 -5.26 19.56 -46.21
C ILE F 92 -5.67 20.79 -47.00
N GLN F 93 -6.52 20.63 -48.01
CA GLN F 93 -7.06 21.76 -48.73
C GLN F 93 -7.85 22.69 -47.81
N THR F 94 -8.57 22.12 -46.85
CA THR F 94 -9.36 22.94 -45.93
C THR F 94 -8.47 23.62 -44.88
N ALA F 95 -7.54 22.88 -44.28
CA ALA F 95 -6.60 23.50 -43.36
C ALA F 95 -5.79 24.61 -44.04
N VAL F 96 -5.71 24.58 -45.37
CA VAL F 96 -4.98 25.63 -46.09
C VAL F 96 -5.84 26.88 -46.28
N ARG F 97 -7.12 26.69 -46.62
CA ARG F 97 -8.00 27.85 -46.77
C ARG F 97 -8.24 28.54 -45.44
N LEU F 98 -8.16 27.80 -44.34
CA LEU F 98 -8.38 28.39 -43.03
C LEU F 98 -7.15 29.14 -42.52
N LEU F 99 -5.95 28.61 -42.75
CA LEU F 99 -4.75 29.22 -42.20
C LEU F 99 -4.20 30.30 -43.10
N LEU F 100 -4.41 30.20 -44.42
CA LEU F 100 -3.90 31.20 -45.33
C LEU F 100 -4.96 32.27 -45.62
N PRO F 101 -4.52 33.53 -45.80
CA PRO F 101 -5.49 34.59 -46.07
C PRO F 101 -5.61 34.96 -47.56
N GLY F 102 -6.83 35.12 -48.04
CA GLY F 102 -7.05 35.75 -49.34
C GLY F 102 -6.44 34.98 -50.48
N GLU F 103 -5.79 35.72 -51.39
CA GLU F 103 -5.30 35.12 -52.63
C GLU F 103 -4.27 34.02 -52.37
N LEU F 104 -3.45 34.18 -51.32
CA LEU F 104 -2.53 33.11 -50.95
C LEU F 104 -3.29 31.80 -50.73
N ALA F 105 -4.43 31.86 -50.04
CA ALA F 105 -5.22 30.66 -49.83
C ALA F 105 -5.82 30.15 -51.14
N LYS F 106 -6.30 31.06 -51.98
CA LYS F 106 -6.90 30.66 -53.25
C LYS F 106 -5.85 30.08 -54.20
N HIS F 107 -4.75 30.81 -54.42
CA HIS F 107 -3.70 30.31 -55.30
C HIS F 107 -3.11 29.00 -54.78
N ALA F 108 -2.91 28.90 -53.47
CA ALA F 108 -2.39 27.66 -52.88
C ALA F 108 -3.29 26.49 -53.23
N VAL F 109 -4.60 26.65 -53.00
CA VAL F 109 -5.56 25.60 -53.34
C VAL F 109 -5.51 25.29 -54.84
N SER F 110 -5.32 26.32 -55.65
CA SER F 110 -5.23 26.11 -57.10
C SER F 110 -4.05 25.23 -57.46
N GLU F 111 -2.90 25.46 -56.83
CA GLU F 111 -1.72 24.65 -57.09
C GLU F 111 -1.82 23.27 -56.46
N GLY F 112 -2.46 23.17 -55.30
CA GLY F 112 -2.64 21.87 -54.67
C GLY F 112 -3.48 20.94 -55.53
N THR F 113 -4.59 21.46 -56.07
CA THR F 113 -5.46 20.64 -56.90
C THR F 113 -4.86 20.39 -58.28
N LYS F 114 -4.04 21.31 -58.78
CA LYS F 114 -3.33 21.05 -60.04
C LYS F 114 -2.35 19.89 -59.89
N ALA F 115 -1.76 19.72 -58.71
CA ALA F 115 -0.82 18.63 -58.49
C ALA F 115 -1.52 17.29 -58.40
N VAL F 116 -2.59 17.20 -57.61
CA VAL F 116 -3.33 15.96 -57.49
C VAL F 116 -3.91 15.54 -58.84
N THR F 117 -4.41 16.51 -59.60
CA THR F 117 -4.94 16.22 -60.92
C THR F 117 -3.87 15.56 -61.79
N LYS F 118 -2.68 16.16 -61.84
CA LYS F 118 -1.59 15.59 -62.63
C LYS F 118 -1.06 14.29 -62.00
N TYR F 119 -1.19 14.16 -60.68
CA TYR F 119 -0.68 12.98 -59.98
C TYR F 119 -1.54 11.74 -60.26
N THR F 120 -2.85 11.92 -60.43
CA THR F 120 -3.77 10.81 -60.63
C THR F 120 -4.14 10.62 -62.10
N SER F 121 -3.53 11.35 -63.01
CA SER F 121 -3.83 11.22 -64.43
C SER F 121 -3.11 10.03 -65.06
#